data_7E4Q
#
_entry.id   7E4Q
#
_cell.length_a   104.893
_cell.length_b   157.209
_cell.length_c   181.658
_cell.angle_alpha   90.000
_cell.angle_beta   90.000
_cell.angle_gamma   90.000
#
_symmetry.space_group_name_H-M   'P 21 21 21'
#
loop_
_entity.id
_entity.type
_entity.pdbx_description
1 polymer 'Tubulin alpha-1B chain'
2 polymer 'Tubulin beta-2B chain'
3 polymer Stathmin-4
4 polymer 'Tubulin tyrosine ligase'
5 non-polymer "GUANOSINE-5'-TRIPHOSPHATE"
6 non-polymer 'MAGNESIUM ION'
7 non-polymer 'CALCIUM ION'
8 non-polymer "GUANOSINE-5'-DIPHOSPHATE"
9 non-polymer '2-(N-MORPHOLINO)-ETHANESULFONIC ACID'
10 non-polymer '(1S,2R,3R,5R,6R,16E,18E,20R,21S)-11-chloro-21-hydroxy-12,20-dimethoxy-2,5,9,16-tetramethyl-8,23-dioxo-4,24-dioxa-9,22-diazatetracyclo[19.3.1.1~10,14~.0~3,5~]hexacosa-10(26),11,13,16,18-pentaen-6-yl (2S)-2-{methyl[3-(methyldisulfanyl)propanoyl]amino}propanoate (non-preferred name)'
11 non-polymer 'PHOSPHOMETHYLPHOSPHONIC ACID ADENYLATE ESTER'
12 water water
#
loop_
_entity_poly.entity_id
_entity_poly.type
_entity_poly.pdbx_seq_one_letter_code
_entity_poly.pdbx_strand_id
1 'polypeptide(L)'
;MRECISIHVGQAGVQIGNACWELYCLEHGIQPDGQMPSDKTIGGGDDSFNTFFSETGAGKHVPRAVFVDLEPTVIDEVRT
GTYRQLFHPEQLITGKEDAANNYARGHYTIGKEIIDLVLDRIRKLADQCTGLQGFLVFHSFGGGTGSGFTSLLMERLSVD
YGKKSKLEFSIYPAPQVSTAVVEPYNSILTTHTTLEHSDCAFMVDNEAIYDICRRNLDIERPTYTNLNRLISQIVSSITA
SLRFDGALNVDLTEFQTNLVPYPRIHFPLATYAPVISAEKAYHEQLSVAEITNACFEPANQMVKCDPRHGKYMACCLLYR
GDVVPKDVNAAIATIKTKRSIQFVDWCPTGFKVGINYQPPTVVPGGDLAKVQRAVCMLSNTTAIAEAWARLDHKFDLMYA
KRAFVHWYVGEGMEEGEFSEAREDMAALEKDYEEVGVDSV
;
A,C
2 'polypeptide(L)'
;MREIVHIQAGQCGNQIGAKFWEVISDEHGIDPTGSYHGDSDLQLERINVYYNEATGNKYVPRAILVDLEPGTMDSVRSGP
FGQIFRPDNFVFGQSGAGNNWAKGHYTEGAELVDSVLDVVRKESESCDCLQGFQLTHSLGGGTGSGMGTLLISKIREEYP
DRIMNTFSVMPSPKVSDTVVEPYNATLSVHQLVENTDETYCIDNEALYDICFRTLKLTTPTYGDLNHLVSATMSGVTTCL
RFPGQLNADLRKLAVNMVPFPRLHFFMPGFAPLTSRGSQQYRALTVPELTQQMFDSKNMMAACDPRHGRYLTVAAIFRGR
MSMKEVDEQMLNVQNKNSSYFVEWIPNNVKTAVCDIPPRGLKMSATFIGNSTAIQELFKRISEQFTAMFRRKAFLHWYTG
EGMDEMEFTEAESNMNDLVSEYQQYQDATAD
;
B,D
3 'polypeptide(L)'
;MEVIELNKCTSGQSFEVILKPPSFDGVPEFNASLPRRRDPSLEEIQKKLEAAEERRKYQEAELLKHLAEKREHEREVIQK
AIEENNNFIKMAKEKLAQKMESNKENREAHLAAMLERLQEKDKHAEEVRKNKELKEEA
;
E
4 'polypeptide(L)'
;MYTFVVRDENSSVYAEVSRLLLATGQWKRLRKDNPRFNLMLGERNRLPFGRLGHEPGLVQLVNYYRGADKLCRKASLVKL
IKTSPELSESCTWFPESYVIYPTNLKTPVAPAQNGIRHLINNTRTDEREVFLAAYNRRREGREGNVWIAKSSAGAKGEGI
LISSEASELLDFIDEQGQVHVIQKYLEKPLLLEPGHRKFDIRSWVLVDHLYNIYLYREGVLRTSSEPYNSANFQDKTCHL
TNHCIQKEYSKNYGRYEEGNEMFFEEFNQYLMDALNTTLENSILLQIKHIIRSCLMCIEPAISTKHLHYQSFQLFGFDFM
VDEELKVWLIEVNGAPACAQKLYAELCQGIVDVAISSVFPLADTGQKTSQPTSIFIKLHH
;
F
#
# COMPACT_ATOMS: atom_id res chain seq x y z
N MET A 1 -12.88 -42.28 -59.16
CA MET A 1 -12.07 -41.68 -58.04
C MET A 1 -12.74 -40.44 -57.49
N ARG A 2 -12.93 -40.43 -56.18
CA ARG A 2 -13.55 -39.31 -55.48
C ARG A 2 -12.56 -38.72 -54.47
N GLU A 3 -12.33 -37.41 -54.58
CA GLU A 3 -11.28 -36.75 -53.80
C GLU A 3 -11.69 -36.50 -52.35
N CYS A 4 -10.69 -36.42 -51.48
CA CYS A 4 -10.90 -36.07 -50.07
C CYS A 4 -9.98 -34.91 -49.69
N ILE A 5 -10.56 -33.92 -49.02
CA ILE A 5 -9.80 -32.75 -48.58
C ILE A 5 -9.60 -32.78 -47.06
N SER A 6 -8.35 -32.68 -46.64
CA SER A 6 -8.01 -32.68 -45.21
C SER A 6 -7.87 -31.25 -44.68
N ILE A 7 -8.56 -30.98 -43.57
CA ILE A 7 -8.53 -29.67 -42.93
C ILE A 7 -7.90 -29.78 -41.55
N HIS A 8 -6.75 -29.12 -41.37
CA HIS A 8 -6.03 -29.16 -40.10
C HIS A 8 -6.15 -27.82 -39.37
N VAL A 9 -6.78 -27.86 -38.19
CA VAL A 9 -7.14 -26.65 -37.47
C VAL A 9 -6.45 -26.56 -36.11
N GLY A 10 -5.74 -25.45 -35.88
CA GLY A 10 -5.07 -25.21 -34.62
C GLY A 10 -3.72 -25.91 -34.53
N GLN A 11 -3.04 -25.76 -33.39
CA GLN A 11 -1.72 -26.35 -33.21
C GLN A 11 -1.78 -27.87 -33.35
N ALA A 12 -2.66 -28.50 -32.57
CA ALA A 12 -2.77 -29.96 -32.57
C ALA A 12 -3.08 -30.49 -33.97
N GLY A 13 -4.08 -29.89 -34.63
CA GLY A 13 -4.48 -30.31 -35.96
C GLY A 13 -3.34 -30.22 -36.95
N VAL A 14 -2.65 -29.09 -36.95
CA VAL A 14 -1.55 -28.84 -37.88
C VAL A 14 -0.39 -29.82 -37.66
N GLN A 15 0.08 -29.89 -36.42
CA GLN A 15 1.26 -30.70 -36.11
C GLN A 15 0.99 -32.19 -36.32
N ILE A 16 -0.26 -32.60 -36.12
CA ILE A 16 -0.67 -33.95 -36.42
C ILE A 16 -0.75 -34.11 -37.93
N GLY A 17 -1.27 -33.09 -38.60
CA GLY A 17 -1.32 -33.08 -40.05
C GLY A 17 0.06 -33.26 -40.64
N ASN A 18 1.04 -32.55 -40.09
CA ASN A 18 2.43 -32.70 -40.50
C ASN A 18 2.89 -34.14 -40.41
N ALA A 19 2.50 -34.80 -39.33
CA ALA A 19 2.91 -36.18 -39.10
C ALA A 19 2.25 -37.13 -40.11
N CYS A 20 0.97 -36.92 -40.35
CA CYS A 20 0.21 -37.78 -41.26
C CYS A 20 0.70 -37.66 -42.70
N TRP A 21 0.85 -36.44 -43.18
CA TRP A 21 1.25 -36.23 -44.57
C TRP A 21 2.70 -36.64 -44.79
N GLU A 22 3.52 -36.53 -43.74
CA GLU A 22 4.88 -37.05 -43.81
C GLU A 22 4.81 -38.55 -44.06
N LEU A 23 3.93 -39.21 -43.30
CA LEU A 23 3.78 -40.66 -43.40
C LEU A 23 3.20 -41.06 -44.75
N TYR A 24 2.13 -40.38 -45.17
CA TYR A 24 1.52 -40.63 -46.48
C TYR A 24 2.54 -40.62 -47.61
N CYS A 25 3.40 -39.61 -47.60
CA CYS A 25 4.42 -39.47 -48.62
C CYS A 25 5.37 -40.68 -48.63
N LEU A 26 5.72 -41.18 -47.45
CA LEU A 26 6.59 -42.34 -47.35
C LEU A 26 5.88 -43.60 -47.86
N GLU A 27 4.59 -43.70 -47.59
CA GLU A 27 3.81 -44.88 -47.97
C GLU A 27 3.56 -44.93 -49.47
N HIS A 28 3.36 -43.77 -50.07
CA HIS A 28 3.12 -43.69 -51.51
C HIS A 28 4.40 -43.36 -52.28
N GLY A 29 5.52 -43.32 -51.57
CA GLY A 29 6.81 -43.09 -52.20
C GLY A 29 6.98 -41.71 -52.77
N ILE A 30 6.26 -40.74 -52.22
CA ILE A 30 6.39 -39.35 -52.63
C ILE A 30 7.52 -38.68 -51.84
N GLN A 31 8.32 -37.88 -52.52
CA GLN A 31 9.47 -37.21 -51.91
C GLN A 31 9.07 -35.84 -51.36
N PRO A 32 9.92 -35.25 -50.50
CA PRO A 32 9.68 -33.88 -50.05
C PRO A 32 9.62 -32.92 -51.24
N ASP A 33 10.33 -33.30 -52.30
CA ASP A 33 10.27 -32.63 -53.59
C ASP A 33 8.81 -32.47 -54.03
N GLY A 34 8.01 -33.50 -53.78
CA GLY A 34 6.65 -33.57 -54.26
C GLY A 34 6.57 -34.49 -55.47
N GLN A 35 7.71 -35.07 -55.85
CA GLN A 35 7.80 -35.94 -57.00
C GLN A 35 7.52 -37.39 -56.62
N MET A 36 6.91 -38.12 -57.54
CA MET A 36 6.53 -39.51 -57.33
C MET A 36 6.90 -40.35 -58.57
N PRO A 37 8.15 -40.86 -58.60
CA PRO A 37 8.67 -41.62 -59.76
C PRO A 37 7.74 -42.74 -60.22
N SER A 38 7.13 -43.45 -59.28
CA SER A 38 6.26 -44.58 -59.60
C SER A 38 5.03 -44.15 -60.41
N ASP A 39 4.61 -42.89 -60.26
CA ASP A 39 3.46 -42.38 -60.99
C ASP A 39 3.82 -42.10 -62.44
N LYS A 40 3.50 -43.05 -63.32
CA LYS A 40 3.84 -42.93 -64.73
C LYS A 40 2.86 -42.02 -65.46
N THR A 41 1.65 -41.89 -64.94
CA THR A 41 0.69 -40.93 -65.47
C THR A 41 1.04 -39.53 -64.97
N ILE A 42 1.59 -38.72 -65.85
CA ILE A 42 2.08 -37.39 -65.49
C ILE A 42 1.00 -36.32 -65.64
N GLY A 43 0.91 -35.45 -64.65
CA GLY A 43 0.02 -34.30 -64.72
C GLY A 43 -1.42 -34.60 -64.34
N GLY A 44 -1.74 -35.86 -64.11
CA GLY A 44 -3.08 -36.25 -63.73
C GLY A 44 -3.16 -37.74 -63.47
N GLY A 45 -4.28 -38.19 -62.90
CA GLY A 45 -4.46 -39.59 -62.60
C GLY A 45 -5.81 -39.89 -61.98
N ASP A 46 -6.30 -41.10 -62.25
CA ASP A 46 -7.56 -41.58 -61.69
C ASP A 46 -7.29 -42.60 -60.58
N ASP A 47 -6.06 -42.61 -60.09
CA ASP A 47 -5.61 -43.61 -59.13
C ASP A 47 -6.17 -43.39 -57.72
N SER A 48 -6.02 -44.38 -56.86
CA SER A 48 -6.59 -44.34 -55.51
C SER A 48 -5.86 -43.33 -54.61
N PHE A 49 -4.60 -43.07 -54.90
CA PHE A 49 -3.83 -42.12 -54.10
C PHE A 49 -4.17 -40.68 -54.48
N ASN A 50 -4.79 -40.50 -55.64
CA ASN A 50 -5.22 -39.17 -56.07
C ASN A 50 -6.37 -38.65 -55.23
N THR A 51 -6.91 -39.50 -54.36
CA THR A 51 -7.93 -39.09 -53.42
C THR A 51 -7.37 -38.03 -52.46
N PHE A 52 -6.08 -38.15 -52.17
CA PHE A 52 -5.41 -37.28 -51.20
C PHE A 52 -4.39 -36.34 -51.85
N PHE A 53 -4.02 -36.64 -53.09
CA PHE A 53 -3.03 -35.82 -53.82
C PHE A 53 -3.55 -35.37 -55.18
N SER A 54 -3.28 -34.11 -55.51
CA SER A 54 -3.48 -33.61 -56.86
C SER A 54 -2.13 -33.60 -57.57
N GLU A 55 -2.14 -33.44 -58.89
CA GLU A 55 -0.90 -33.45 -59.66
C GLU A 55 -0.74 -32.18 -60.49
N THR A 56 0.50 -31.71 -60.58
CA THR A 56 0.83 -30.57 -61.44
C THR A 56 1.44 -31.07 -62.73
N GLY A 57 1.42 -30.24 -63.76
CA GLY A 57 1.99 -30.59 -65.06
C GLY A 57 3.45 -30.98 -64.95
N ALA A 58 4.15 -30.39 -63.97
CA ALA A 58 5.56 -30.68 -63.75
C ALA A 58 5.73 -32.01 -63.00
N GLY A 59 4.62 -32.59 -62.57
CA GLY A 59 4.64 -33.89 -61.92
C GLY A 59 4.76 -33.81 -60.41
N LYS A 60 4.45 -32.65 -59.83
CA LYS A 60 4.42 -32.50 -58.38
C LYS A 60 3.10 -33.02 -57.82
N HIS A 61 3.19 -33.84 -56.78
CA HIS A 61 2.00 -34.37 -56.13
C HIS A 61 1.69 -33.56 -54.86
N VAL A 62 0.56 -32.88 -54.89
CA VAL A 62 0.22 -31.88 -53.89
C VAL A 62 -0.94 -32.34 -53.00
N PRO A 63 -0.73 -32.36 -51.66
CA PRO A 63 -1.79 -32.73 -50.73
C PRO A 63 -3.06 -31.90 -50.91
N ARG A 64 -4.20 -32.57 -51.02
CA ARG A 64 -5.48 -31.88 -50.98
C ARG A 64 -5.76 -31.51 -49.53
N ALA A 65 -4.99 -30.55 -49.03
CA ALA A 65 -5.01 -30.20 -47.60
C ALA A 65 -4.96 -28.70 -47.37
N VAL A 66 -5.66 -28.25 -46.33
CA VAL A 66 -5.59 -26.86 -45.89
C VAL A 66 -5.21 -26.82 -44.42
N PHE A 67 -4.26 -25.96 -44.10
CA PHE A 67 -3.83 -25.74 -42.72
C PHE A 67 -4.29 -24.37 -42.25
N VAL A 68 -4.96 -24.33 -41.09
CA VAL A 68 -5.43 -23.07 -40.53
C VAL A 68 -5.08 -22.97 -39.05
N ASP A 69 -4.60 -21.79 -38.66
CA ASP A 69 -4.30 -21.51 -37.27
C ASP A 69 -4.35 -20.00 -37.06
N LEU A 70 -4.93 -19.57 -35.96
CA LEU A 70 -5.11 -18.14 -35.70
C LEU A 70 -3.83 -17.52 -35.16
N GLU A 71 -2.71 -18.21 -35.32
CA GLU A 71 -1.42 -17.75 -34.83
C GLU A 71 -0.33 -18.46 -35.65
N PRO A 72 0.67 -17.70 -36.14
CA PRO A 72 1.48 -18.21 -37.25
C PRO A 72 2.66 -19.14 -36.93
N THR A 73 3.09 -19.23 -35.67
CA THR A 73 4.32 -19.96 -35.34
C THR A 73 4.32 -21.41 -35.85
N VAL A 74 3.24 -22.14 -35.59
CA VAL A 74 3.19 -23.56 -35.91
C VAL A 74 3.19 -23.80 -37.43
N ILE A 75 2.37 -23.05 -38.14
CA ILE A 75 2.27 -23.19 -39.59
C ILE A 75 3.51 -22.59 -40.27
N ASP A 76 4.19 -21.68 -39.58
CA ASP A 76 5.45 -21.12 -40.10
C ASP A 76 6.54 -22.19 -40.11
N GLU A 77 6.43 -23.19 -39.25
CA GLU A 77 7.38 -24.29 -39.23
C GLU A 77 7.14 -25.21 -40.43
N VAL A 78 5.90 -25.27 -40.88
CA VAL A 78 5.55 -26.03 -42.08
C VAL A 78 6.11 -25.30 -43.31
N ARG A 79 5.98 -23.98 -43.31
CA ARG A 79 6.44 -23.15 -44.43
C ARG A 79 7.95 -23.21 -44.63
N THR A 80 8.67 -23.57 -43.56
CA THR A 80 10.12 -23.61 -43.58
C THR A 80 10.67 -25.02 -43.34
N GLY A 81 9.77 -25.97 -43.18
CA GLY A 81 10.15 -27.33 -42.83
C GLY A 81 10.59 -28.17 -44.02
N THR A 82 10.71 -29.47 -43.77
CA THR A 82 11.15 -30.43 -44.79
C THR A 82 10.22 -30.44 -45.99
N TYR A 83 8.92 -30.45 -45.72
CA TYR A 83 7.92 -30.56 -46.78
C TYR A 83 7.36 -29.20 -47.18
N ARG A 84 8.22 -28.20 -47.24
CA ARG A 84 7.81 -26.85 -47.61
C ARG A 84 7.40 -26.79 -49.08
N GLN A 85 8.06 -27.58 -49.91
CA GLN A 85 7.81 -27.60 -51.34
C GLN A 85 6.53 -28.36 -51.66
N LEU A 86 6.08 -29.16 -50.71
CA LEU A 86 4.93 -30.03 -50.91
C LEU A 86 3.64 -29.23 -51.07
N PHE A 87 3.44 -28.25 -50.18
CA PHE A 87 2.25 -27.41 -50.21
C PHE A 87 2.52 -26.10 -50.92
N HIS A 88 1.47 -25.46 -51.43
CA HIS A 88 1.58 -24.10 -51.96
C HIS A 88 0.94 -23.14 -50.96
N PRO A 89 1.47 -21.90 -50.87
CA PRO A 89 1.12 -20.94 -49.83
C PRO A 89 -0.38 -20.80 -49.51
N GLU A 90 -1.25 -20.81 -50.52
CA GLU A 90 -2.67 -20.60 -50.27
C GLU A 90 -3.29 -21.69 -49.40
N GLN A 91 -2.58 -22.80 -49.25
CA GLN A 91 -3.03 -23.91 -48.40
C GLN A 91 -2.79 -23.63 -46.92
N LEU A 92 -1.78 -22.80 -46.65
CA LEU A 92 -1.37 -22.49 -45.28
C LEU A 92 -1.86 -21.11 -44.87
N ILE A 93 -2.89 -21.09 -44.03
CA ILE A 93 -3.54 -19.85 -43.59
C ILE A 93 -3.23 -19.56 -42.13
N THR A 94 -2.77 -18.33 -41.85
CA THR A 94 -2.40 -17.94 -40.48
C THR A 94 -2.94 -16.56 -40.10
N GLY A 95 -3.27 -16.41 -38.82
CA GLY A 95 -3.69 -15.13 -38.27
C GLY A 95 -2.56 -14.48 -37.51
N LYS A 96 -2.89 -13.46 -36.71
CA LYS A 96 -1.88 -12.73 -35.95
C LYS A 96 -1.91 -13.06 -34.46
N GLU A 97 -3.11 -13.15 -33.88
CA GLU A 97 -3.24 -13.50 -32.47
C GLU A 97 -4.26 -14.63 -32.29
N ASP A 98 -3.93 -15.57 -31.40
CA ASP A 98 -4.72 -16.80 -31.27
C ASP A 98 -5.95 -16.61 -30.39
N ALA A 99 -6.66 -17.71 -30.17
CA ALA A 99 -7.91 -17.68 -29.42
C ALA A 99 -7.69 -17.78 -27.91
N ALA A 100 -6.43 -17.78 -27.49
CA ALA A 100 -6.08 -17.80 -26.07
C ALA A 100 -6.82 -18.87 -25.26
N ASN A 101 -6.90 -20.08 -25.83
CA ASN A 101 -7.56 -21.21 -25.17
C ASN A 101 -9.01 -20.93 -24.79
N ASN A 102 -9.65 -20.08 -25.59
CA ASN A 102 -11.01 -19.62 -25.34
C ASN A 102 -11.90 -19.95 -26.54
N TYR A 103 -12.84 -20.88 -26.35
CA TYR A 103 -13.76 -21.27 -27.41
C TYR A 103 -14.45 -20.08 -28.05
N ALA A 104 -15.05 -19.23 -27.21
CA ALA A 104 -15.81 -18.08 -27.67
C ALA A 104 -14.95 -17.12 -28.50
N ARG A 105 -13.65 -17.07 -28.20
CA ARG A 105 -12.74 -16.18 -28.91
C ARG A 105 -12.41 -16.74 -30.28
N GLY A 106 -12.38 -18.06 -30.38
CA GLY A 106 -12.06 -18.72 -31.64
C GLY A 106 -13.29 -18.82 -32.53
N HIS A 107 -14.46 -18.94 -31.92
CA HIS A 107 -15.70 -19.11 -32.65
C HIS A 107 -16.28 -17.78 -33.09
N TYR A 108 -16.48 -16.87 -32.13
CA TYR A 108 -17.17 -15.61 -32.39
C TYR A 108 -16.25 -14.48 -32.80
N THR A 109 -15.28 -14.16 -31.94
CA THR A 109 -14.48 -12.96 -32.12
C THR A 109 -13.52 -13.05 -33.31
N ILE A 110 -12.56 -13.96 -33.23
CA ILE A 110 -11.54 -14.08 -34.28
C ILE A 110 -12.02 -14.94 -35.44
N GLY A 111 -12.90 -15.89 -35.15
CA GLY A 111 -13.44 -16.76 -36.19
C GLY A 111 -14.17 -15.99 -37.27
N LYS A 112 -14.96 -15.01 -36.84
CA LYS A 112 -15.76 -14.19 -37.75
C LYS A 112 -14.90 -13.46 -38.78
N GLU A 113 -13.63 -13.21 -38.42
CA GLU A 113 -12.76 -12.37 -39.23
C GLU A 113 -11.92 -13.15 -40.24
N ILE A 114 -12.03 -14.48 -40.23
CA ILE A 114 -11.20 -15.32 -41.10
C ILE A 114 -11.99 -16.46 -41.75
N ILE A 115 -13.21 -16.71 -41.28
CA ILE A 115 -14.02 -17.82 -41.75
C ILE A 115 -14.25 -17.75 -43.26
N ASP A 116 -14.49 -16.55 -43.78
CA ASP A 116 -14.77 -16.36 -45.20
C ASP A 116 -13.53 -16.65 -46.04
N LEU A 117 -12.36 -16.26 -45.53
CA LEU A 117 -11.10 -16.52 -46.22
C LEU A 117 -10.84 -18.01 -46.36
N VAL A 118 -10.97 -18.75 -45.25
CA VAL A 118 -10.71 -20.18 -45.24
C VAL A 118 -11.63 -20.91 -46.21
N LEU A 119 -12.92 -20.62 -46.13
CA LEU A 119 -13.91 -21.24 -47.01
C LEU A 119 -13.59 -21.00 -48.48
N ASP A 120 -13.01 -19.83 -48.78
CA ASP A 120 -12.62 -19.50 -50.15
C ASP A 120 -11.41 -20.32 -50.57
N ARG A 121 -10.48 -20.54 -49.66
CA ARG A 121 -9.30 -21.34 -49.94
C ARG A 121 -9.68 -22.82 -50.04
N ILE A 122 -10.71 -23.22 -49.30
CA ILE A 122 -11.25 -24.57 -49.39
C ILE A 122 -11.98 -24.73 -50.72
N ARG A 123 -12.70 -23.70 -51.11
CA ARG A 123 -13.45 -23.70 -52.36
C ARG A 123 -12.50 -23.91 -53.55
N LYS A 124 -11.28 -23.40 -53.43
CA LYS A 124 -10.31 -23.49 -54.51
C LYS A 124 -9.75 -24.90 -54.66
N LEU A 125 -9.78 -25.67 -53.58
CA LEU A 125 -9.39 -27.08 -53.65
C LEU A 125 -10.55 -27.89 -54.21
N ALA A 126 -11.76 -27.59 -53.76
CA ALA A 126 -12.96 -28.29 -54.20
C ALA A 126 -13.18 -28.12 -55.70
N ASP A 127 -12.80 -26.96 -56.23
CA ASP A 127 -12.96 -26.68 -57.66
C ASP A 127 -12.00 -27.52 -58.50
N GLN A 128 -11.01 -28.13 -57.85
CA GLN A 128 -10.07 -29.03 -58.53
C GLN A 128 -10.47 -30.49 -58.32
N CYS A 129 -11.66 -30.71 -57.78
CA CYS A 129 -12.17 -32.06 -57.56
C CYS A 129 -13.29 -32.39 -58.54
N THR A 130 -13.18 -33.55 -59.18
CA THR A 130 -14.18 -34.00 -60.12
C THR A 130 -15.39 -34.57 -59.38
N GLY A 131 -15.13 -35.20 -58.23
CA GLY A 131 -16.18 -35.77 -57.43
C GLY A 131 -15.80 -35.76 -55.96
N LEU A 132 -15.71 -34.57 -55.38
CA LEU A 132 -15.41 -34.41 -53.97
C LEU A 132 -16.43 -35.15 -53.13
N GLN A 133 -15.97 -36.05 -52.26
CA GLN A 133 -16.87 -36.85 -51.43
C GLN A 133 -16.98 -36.33 -50.00
N GLY A 134 -15.98 -35.57 -49.54
CA GLY A 134 -16.06 -34.98 -48.21
C GLY A 134 -14.77 -34.49 -47.60
N PHE A 135 -14.79 -34.28 -46.28
CA PHE A 135 -13.70 -33.64 -45.55
C PHE A 135 -13.21 -34.45 -44.34
N LEU A 136 -11.92 -34.37 -44.08
CA LEU A 136 -11.31 -34.92 -42.86
C LEU A 136 -10.76 -33.78 -42.03
N VAL A 137 -11.36 -33.54 -40.86
CA VAL A 137 -11.02 -32.39 -40.03
C VAL A 137 -10.26 -32.76 -38.76
N PHE A 138 -9.03 -32.27 -38.67
CA PHE A 138 -8.14 -32.57 -37.54
C PHE A 138 -8.05 -31.37 -36.60
N HIS A 139 -8.29 -31.59 -35.30
CA HIS A 139 -8.29 -30.49 -34.34
C HIS A 139 -8.30 -30.99 -32.89
N SER A 140 -7.94 -30.11 -31.97
CA SER A 140 -8.03 -30.43 -30.54
C SER A 140 -9.37 -30.00 -29.98
N PHE A 141 -9.79 -30.68 -28.92
CA PHE A 141 -10.97 -30.27 -28.16
C PHE A 141 -10.62 -29.08 -27.28
N GLY A 142 -9.39 -29.03 -26.80
CA GLY A 142 -9.00 -28.13 -25.72
C GLY A 142 -8.65 -26.71 -26.13
N GLY A 143 -8.03 -26.55 -27.29
CA GLY A 143 -7.61 -25.24 -27.75
C GLY A 143 -8.77 -24.32 -28.09
N GLY A 144 -8.49 -23.03 -28.17
CA GLY A 144 -9.49 -22.05 -28.53
C GLY A 144 -9.81 -22.09 -30.02
N THR A 145 -8.77 -22.25 -30.84
CA THR A 145 -8.94 -22.39 -32.27
C THR A 145 -9.52 -23.77 -32.60
N GLY A 146 -8.85 -24.81 -32.14
CA GLY A 146 -9.27 -26.18 -32.38
C GLY A 146 -10.73 -26.43 -32.04
N SER A 147 -11.19 -25.85 -30.94
CA SER A 147 -12.58 -26.02 -30.51
C SER A 147 -13.48 -24.96 -31.16
N GLY A 148 -13.09 -23.70 -31.02
CA GLY A 148 -13.93 -22.58 -31.42
C GLY A 148 -14.08 -22.40 -32.92
N PHE A 149 -12.97 -22.35 -33.62
CA PHE A 149 -13.01 -22.13 -35.06
C PHE A 149 -13.51 -23.35 -35.83
N THR A 150 -13.22 -24.54 -35.30
CA THR A 150 -13.64 -25.77 -35.97
C THR A 150 -15.15 -25.84 -36.03
N SER A 151 -15.82 -25.61 -34.89
CA SER A 151 -17.27 -25.68 -34.84
C SER A 151 -17.91 -24.68 -35.81
N LEU A 152 -17.25 -23.54 -35.99
CA LEU A 152 -17.73 -22.54 -36.94
C LEU A 152 -17.53 -23.04 -38.37
N LEU A 153 -16.38 -23.67 -38.60
CA LEU A 153 -16.07 -24.19 -39.93
C LEU A 153 -17.01 -25.34 -40.28
N MET A 154 -17.29 -26.20 -39.31
CA MET A 154 -18.16 -27.35 -39.52
C MET A 154 -19.59 -26.93 -39.85
N GLU A 155 -20.02 -25.81 -39.27
CA GLU A 155 -21.35 -25.27 -39.54
C GLU A 155 -21.45 -24.78 -40.98
N ARG A 156 -20.41 -24.13 -41.46
CA ARG A 156 -20.43 -23.51 -42.79
C ARG A 156 -20.19 -24.51 -43.91
N LEU A 157 -19.47 -25.59 -43.61
CA LEU A 157 -19.23 -26.62 -44.61
C LEU A 157 -20.53 -27.37 -44.91
N SER A 158 -21.38 -27.50 -43.91
CA SER A 158 -22.68 -28.13 -44.08
C SER A 158 -23.60 -27.27 -44.94
N VAL A 159 -23.27 -25.98 -45.05
CA VAL A 159 -24.01 -25.05 -45.87
C VAL A 159 -23.49 -25.08 -47.31
N ASP A 160 -22.17 -24.95 -47.46
CA ASP A 160 -21.55 -24.88 -48.78
C ASP A 160 -21.36 -26.25 -49.43
N TYR A 161 -21.40 -27.30 -48.62
CA TYR A 161 -21.23 -28.68 -49.10
C TYR A 161 -22.17 -29.64 -48.37
N GLY A 162 -23.48 -29.43 -48.55
CA GLY A 162 -24.48 -30.18 -47.82
C GLY A 162 -24.48 -31.68 -48.07
N LYS A 163 -24.19 -32.08 -49.30
CA LYS A 163 -24.24 -33.49 -49.69
C LYS A 163 -23.00 -34.25 -49.22
N LYS A 164 -21.95 -33.53 -48.84
CA LYS A 164 -20.66 -34.13 -48.58
C LYS A 164 -20.50 -34.58 -47.13
N SER A 165 -19.81 -35.71 -46.95
CA SER A 165 -19.56 -36.26 -45.63
C SER A 165 -18.44 -35.51 -44.94
N LYS A 166 -18.44 -35.54 -43.61
CA LYS A 166 -17.41 -34.87 -42.83
C LYS A 166 -16.99 -35.74 -41.64
N LEU A 167 -15.71 -36.09 -41.62
CA LEU A 167 -15.13 -36.92 -40.56
C LEU A 167 -14.16 -36.11 -39.70
N GLU A 168 -14.16 -36.40 -38.41
CA GLU A 168 -13.29 -35.72 -37.46
C GLU A 168 -12.21 -36.63 -36.91
N PHE A 169 -11.03 -36.05 -36.71
CA PHE A 169 -10.02 -36.66 -35.87
C PHE A 169 -9.74 -35.70 -34.73
N SER A 170 -10.32 -36.00 -33.57
CA SER A 170 -10.34 -35.08 -32.45
C SER A 170 -9.42 -35.50 -31.31
N ILE A 171 -8.64 -34.54 -30.81
CA ILE A 171 -7.76 -34.78 -29.67
C ILE A 171 -8.48 -34.39 -28.37
N TYR A 172 -8.75 -35.40 -27.56
CA TYR A 172 -9.44 -35.25 -26.29
C TYR A 172 -8.43 -34.83 -25.22
N PRO A 173 -8.81 -33.91 -24.32
CA PRO A 173 -7.82 -33.28 -23.44
C PRO A 173 -7.33 -34.17 -22.29
N ALA A 174 -6.02 -34.13 -22.04
CA ALA A 174 -5.40 -34.86 -20.94
C ALA A 174 -4.49 -33.92 -20.15
N PRO A 175 -4.67 -33.83 -18.82
CA PRO A 175 -3.87 -32.92 -17.97
C PRO A 175 -2.35 -33.09 -18.10
N GLN A 176 -1.89 -34.30 -18.38
CA GLN A 176 -0.45 -34.56 -18.44
C GLN A 176 0.26 -33.75 -19.52
N VAL A 177 -0.50 -33.23 -20.48
CA VAL A 177 0.07 -32.42 -21.55
C VAL A 177 -0.82 -31.20 -21.88
N SER A 178 -1.91 -31.03 -21.14
CA SER A 178 -2.82 -29.92 -21.41
C SER A 178 -2.19 -28.59 -21.02
N THR A 179 -2.59 -27.54 -21.72
CA THR A 179 -2.03 -26.21 -21.51
C THR A 179 -3.05 -25.22 -20.96
N ALA A 180 -4.24 -25.71 -20.61
CA ALA A 180 -5.29 -24.83 -20.10
C ALA A 180 -6.24 -25.54 -19.15
N VAL A 181 -6.72 -24.79 -18.16
CA VAL A 181 -7.65 -25.30 -17.15
C VAL A 181 -9.07 -25.41 -17.70
N VAL A 182 -9.38 -24.60 -18.71
CA VAL A 182 -10.74 -24.51 -19.22
C VAL A 182 -11.02 -25.46 -20.41
N GLU A 183 -10.10 -26.40 -20.65
CA GLU A 183 -10.27 -27.29 -21.80
C GLU A 183 -11.56 -28.11 -21.72
N PRO A 184 -12.02 -28.45 -20.50
CA PRO A 184 -13.34 -29.11 -20.43
C PRO A 184 -14.48 -28.22 -20.95
N TYR A 185 -14.42 -26.91 -20.71
CA TYR A 185 -15.42 -25.99 -21.25
C TYR A 185 -15.41 -26.01 -22.77
N ASN A 186 -14.23 -25.81 -23.35
CA ASN A 186 -14.07 -25.77 -24.79
C ASN A 186 -14.51 -27.07 -25.46
N SER A 187 -14.20 -28.19 -24.81
CA SER A 187 -14.51 -29.51 -25.36
C SER A 187 -16.03 -29.68 -25.50
N ILE A 188 -16.76 -29.45 -24.43
CA ILE A 188 -18.21 -29.57 -24.43
C ILE A 188 -18.84 -28.61 -25.44
N LEU A 189 -18.30 -27.39 -25.48
CA LEU A 189 -18.86 -26.36 -26.34
C LEU A 189 -18.70 -26.70 -27.82
N THR A 190 -17.55 -27.24 -28.21
CA THR A 190 -17.31 -27.55 -29.61
C THR A 190 -17.99 -28.86 -30.01
N THR A 191 -18.22 -29.73 -29.04
CA THR A 191 -18.92 -30.98 -29.29
C THR A 191 -20.39 -30.69 -29.56
N HIS A 192 -20.98 -29.86 -28.73
CA HIS A 192 -22.37 -29.46 -28.86
C HIS A 192 -22.68 -28.84 -30.22
N THR A 193 -21.83 -27.91 -30.64
CA THR A 193 -22.06 -27.16 -31.87
C THR A 193 -21.73 -28.00 -33.11
N THR A 194 -20.80 -28.93 -32.97
CA THR A 194 -20.32 -29.71 -34.11
C THR A 194 -21.09 -31.01 -34.33
N LEU A 195 -21.76 -31.49 -33.27
CA LEU A 195 -22.37 -32.83 -33.27
C LEU A 195 -23.18 -33.14 -34.52
N GLU A 196 -24.15 -32.30 -34.85
CA GLU A 196 -25.02 -32.53 -36.00
C GLU A 196 -24.30 -32.40 -37.34
N HIS A 197 -23.11 -31.80 -37.33
CA HIS A 197 -22.40 -31.49 -38.57
C HIS A 197 -21.31 -32.52 -38.88
N SER A 198 -21.06 -33.42 -37.94
CA SER A 198 -20.06 -34.46 -38.12
C SER A 198 -20.74 -35.82 -38.28
N ASP A 199 -20.34 -36.56 -39.31
CA ASP A 199 -20.93 -37.86 -39.60
C ASP A 199 -20.25 -38.97 -38.80
N CYS A 200 -18.95 -38.81 -38.55
CA CYS A 200 -18.18 -39.81 -37.83
C CYS A 200 -16.90 -39.19 -37.26
N ALA A 201 -16.71 -39.32 -35.96
CA ALA A 201 -15.59 -38.67 -35.28
C ALA A 201 -14.75 -39.67 -34.50
N PHE A 202 -13.45 -39.66 -34.75
CA PHE A 202 -12.51 -40.51 -34.01
C PHE A 202 -11.81 -39.71 -32.92
N MET A 203 -12.14 -40.01 -31.66
CA MET A 203 -11.54 -39.35 -30.51
C MET A 203 -10.25 -40.02 -30.10
N VAL A 204 -9.21 -39.22 -29.88
CA VAL A 204 -7.95 -39.72 -29.37
C VAL A 204 -7.62 -39.01 -28.07
N ASP A 205 -7.72 -39.75 -26.96
CA ASP A 205 -7.37 -39.21 -25.65
C ASP A 205 -5.86 -39.15 -25.52
N ASN A 206 -5.34 -37.93 -25.31
CA ASN A 206 -3.91 -37.73 -25.14
C ASN A 206 -3.38 -38.56 -23.98
N GLU A 207 -4.24 -38.86 -23.00
CA GLU A 207 -3.84 -39.68 -21.87
C GLU A 207 -3.42 -41.07 -22.34
N ALA A 208 -4.21 -41.65 -23.24
CA ALA A 208 -3.99 -43.03 -23.69
C ALA A 208 -2.68 -43.17 -24.46
N ILE A 209 -2.47 -42.33 -25.46
CA ILE A 209 -1.27 -42.41 -26.27
C ILE A 209 -0.03 -41.97 -25.49
N TYR A 210 -0.24 -41.16 -24.45
CA TYR A 210 0.87 -40.76 -23.59
C TYR A 210 1.42 -41.97 -22.86
N ASP A 211 0.52 -42.79 -22.33
CA ASP A 211 0.91 -43.98 -21.59
C ASP A 211 1.43 -45.07 -22.52
N ILE A 212 0.85 -45.17 -23.71
CA ILE A 212 1.33 -46.12 -24.69
C ILE A 212 2.78 -45.80 -25.03
N CYS A 213 3.11 -44.51 -25.08
CA CYS A 213 4.48 -44.09 -25.36
C CYS A 213 5.41 -44.41 -24.19
N ARG A 214 4.91 -44.30 -22.96
CA ARG A 214 5.70 -44.65 -21.78
C ARG A 214 5.89 -46.16 -21.67
N ARG A 215 4.78 -46.88 -21.79
CA ARG A 215 4.74 -48.32 -21.55
C ARG A 215 5.45 -49.13 -22.65
N ASN A 216 5.10 -48.86 -23.91
CA ASN A 216 5.51 -49.70 -25.02
C ASN A 216 6.66 -49.16 -25.87
N LEU A 217 6.93 -47.86 -25.74
CA LEU A 217 8.05 -47.25 -26.46
C LEU A 217 9.18 -46.84 -25.50
N ASP A 218 8.95 -47.05 -24.21
CA ASP A 218 9.94 -46.77 -23.18
C ASP A 218 10.41 -45.31 -23.24
N ILE A 219 9.48 -44.41 -23.53
CA ILE A 219 9.74 -42.97 -23.55
C ILE A 219 9.33 -42.38 -22.19
N GLU A 220 10.30 -41.85 -21.45
CA GLU A 220 10.06 -41.38 -20.09
C GLU A 220 9.04 -40.24 -20.03
N ARG A 221 9.22 -39.24 -20.88
CA ARG A 221 8.33 -38.08 -20.92
C ARG A 221 8.01 -37.72 -22.37
N PRO A 222 7.00 -38.40 -22.97
CA PRO A 222 6.61 -38.21 -24.36
C PRO A 222 6.38 -36.75 -24.77
N THR A 223 6.90 -36.37 -25.93
CA THR A 223 6.65 -35.06 -26.51
C THR A 223 5.50 -35.16 -27.51
N TYR A 224 5.05 -34.03 -28.02
CA TYR A 224 4.02 -34.02 -29.06
C TYR A 224 4.51 -34.78 -30.28
N THR A 225 5.82 -34.71 -30.53
CA THR A 225 6.43 -35.42 -31.65
C THR A 225 6.25 -36.92 -31.50
N ASN A 226 6.48 -37.42 -30.28
CA ASN A 226 6.27 -38.84 -29.99
C ASN A 226 4.79 -39.19 -30.16
N LEU A 227 3.92 -38.35 -29.63
CA LEU A 227 2.48 -38.61 -29.69
C LEU A 227 1.97 -38.58 -31.12
N ASN A 228 2.41 -37.59 -31.89
CA ASN A 228 1.89 -37.41 -33.24
C ASN A 228 2.36 -38.50 -34.20
N ARG A 229 3.60 -38.96 -34.02
CA ARG A 229 4.12 -40.05 -34.83
C ARG A 229 3.27 -41.30 -34.66
N LEU A 230 2.82 -41.55 -33.44
CA LEU A 230 1.96 -42.70 -33.17
C LEU A 230 0.55 -42.45 -33.69
N ILE A 231 0.01 -41.27 -33.42
CA ILE A 231 -1.33 -40.92 -33.91
C ILE A 231 -1.42 -41.09 -35.42
N SER A 232 -0.41 -40.59 -36.13
CA SER A 232 -0.39 -40.64 -37.59
C SER A 232 -0.50 -42.07 -38.12
N GLN A 233 0.13 -43.01 -37.41
CA GLN A 233 0.02 -44.42 -37.77
C GLN A 233 -1.44 -44.87 -37.70
N ILE A 234 -2.13 -44.42 -36.66
CA ILE A 234 -3.54 -44.77 -36.49
C ILE A 234 -4.38 -44.16 -37.60
N VAL A 235 -4.11 -42.89 -37.88
CA VAL A 235 -4.84 -42.18 -38.93
C VAL A 235 -4.58 -42.83 -40.28
N SER A 236 -3.34 -43.20 -40.53
CA SER A 236 -2.97 -43.83 -41.78
C SER A 236 -3.71 -45.16 -41.95
N SER A 237 -3.78 -45.93 -40.87
CA SER A 237 -4.52 -47.19 -40.88
C SER A 237 -5.98 -46.97 -41.24
N ILE A 238 -6.54 -45.89 -40.74
CA ILE A 238 -7.96 -45.58 -40.95
C ILE A 238 -8.21 -45.08 -42.37
N THR A 239 -7.25 -44.33 -42.91
CA THR A 239 -7.42 -43.71 -44.23
C THR A 239 -6.77 -44.50 -45.36
N ALA A 240 -6.13 -45.62 -45.01
CA ALA A 240 -5.44 -46.45 -46.00
C ALA A 240 -6.39 -46.93 -47.08
N SER A 241 -7.63 -47.20 -46.69
CA SER A 241 -8.63 -47.72 -47.63
C SER A 241 -9.04 -46.66 -48.65
N LEU A 242 -8.87 -45.39 -48.30
CA LEU A 242 -9.21 -44.30 -49.19
C LEU A 242 -8.07 -44.01 -50.18
N ARG A 243 -6.88 -44.49 -49.83
CA ARG A 243 -5.66 -44.17 -50.58
C ARG A 243 -5.11 -45.37 -51.36
N PHE A 244 -5.64 -46.56 -51.08
CA PHE A 244 -5.17 -47.79 -51.71
C PHE A 244 -6.31 -48.59 -52.32
N ASP A 245 -5.96 -49.52 -53.19
CA ASP A 245 -6.94 -50.43 -53.79
C ASP A 245 -7.53 -51.33 -52.71
N GLY A 246 -8.86 -51.37 -52.65
CA GLY A 246 -9.55 -52.21 -51.70
C GLY A 246 -11.04 -52.22 -51.96
N ALA A 247 -11.81 -52.82 -51.05
CA ALA A 247 -13.27 -52.91 -51.18
C ALA A 247 -13.98 -52.62 -49.86
N LEU A 248 -13.20 -52.28 -48.83
CA LEU A 248 -13.76 -51.91 -47.54
C LEU A 248 -13.42 -50.46 -47.20
N ASN A 249 -14.44 -49.69 -46.84
CA ASN A 249 -14.29 -48.28 -46.54
C ASN A 249 -13.55 -47.54 -47.65
N VAL A 250 -14.05 -47.65 -48.86
CA VAL A 250 -13.41 -47.04 -50.03
C VAL A 250 -13.87 -45.59 -50.22
N ASP A 251 -14.93 -45.19 -49.53
CA ASP A 251 -15.34 -43.79 -49.50
C ASP A 251 -15.79 -43.39 -48.09
N LEU A 252 -15.82 -42.09 -47.84
CA LEU A 252 -16.18 -41.56 -46.52
C LEU A 252 -17.58 -41.99 -46.08
N THR A 253 -18.47 -42.20 -47.06
CA THR A 253 -19.84 -42.59 -46.77
C THR A 253 -19.89 -43.96 -46.11
N GLU A 254 -18.94 -44.82 -46.48
CA GLU A 254 -18.92 -46.19 -45.98
C GLU A 254 -18.52 -46.27 -44.50
N PHE A 255 -17.83 -45.23 -44.03
CA PHE A 255 -17.48 -45.14 -42.62
C PHE A 255 -18.72 -44.98 -41.75
N GLN A 256 -19.61 -44.09 -42.16
CA GLN A 256 -20.88 -43.88 -41.48
C GLN A 256 -21.75 -45.13 -41.57
N THR A 257 -21.82 -45.70 -42.78
CA THR A 257 -22.62 -46.89 -43.02
C THR A 257 -22.18 -48.06 -42.14
N ASN A 258 -20.87 -48.27 -42.05
CA ASN A 258 -20.33 -49.43 -41.36
C ASN A 258 -20.23 -49.25 -39.84
N LEU A 259 -19.95 -48.03 -39.39
CA LEU A 259 -19.61 -47.80 -37.98
C LEU A 259 -20.64 -46.98 -37.20
N VAL A 260 -21.59 -46.37 -37.90
CA VAL A 260 -22.52 -45.44 -37.25
C VAL A 260 -23.98 -45.70 -37.63
N PRO A 261 -24.63 -46.62 -36.92
CA PRO A 261 -26.07 -46.82 -37.07
C PRO A 261 -26.87 -45.59 -36.62
N TYR A 262 -26.63 -45.12 -35.40
CA TYR A 262 -27.28 -43.93 -34.88
C TYR A 262 -26.39 -42.70 -35.10
N PRO A 263 -26.95 -41.62 -35.67
CA PRO A 263 -26.15 -40.44 -36.03
C PRO A 263 -25.39 -39.77 -34.87
N ARG A 264 -26.05 -39.55 -33.74
CA ARG A 264 -25.42 -38.87 -32.60
C ARG A 264 -24.30 -39.73 -32.02
N ILE A 265 -24.52 -41.04 -32.00
CA ILE A 265 -23.52 -41.98 -31.51
C ILE A 265 -22.51 -42.29 -32.62
N HIS A 266 -21.74 -41.29 -33.04
CA HIS A 266 -20.80 -41.45 -34.14
C HIS A 266 -19.34 -41.33 -33.70
N PHE A 267 -19.02 -41.92 -32.55
CA PHE A 267 -17.67 -41.87 -31.99
C PHE A 267 -17.07 -43.27 -31.83
N PRO A 268 -16.57 -43.86 -32.92
CA PRO A 268 -15.97 -45.19 -32.84
C PRO A 268 -14.70 -45.21 -31.99
N LEU A 269 -14.54 -46.26 -31.18
CA LEU A 269 -13.31 -46.45 -30.43
C LEU A 269 -12.26 -47.12 -31.31
N ALA A 270 -11.08 -46.51 -31.39
CA ALA A 270 -9.99 -47.07 -32.17
C ALA A 270 -9.03 -47.83 -31.25
N THR A 271 -8.57 -48.98 -31.72
CA THR A 271 -7.59 -49.79 -30.99
C THR A 271 -6.54 -50.27 -31.98
N TYR A 272 -5.27 -50.18 -31.61
CA TYR A 272 -4.16 -50.44 -32.53
C TYR A 272 -3.09 -51.31 -31.91
N ALA A 273 -2.55 -52.22 -32.72
CA ALA A 273 -1.47 -53.09 -32.27
C ALA A 273 -0.71 -53.66 -33.46
N PRO A 274 0.58 -53.99 -33.27
CA PRO A 274 1.39 -53.81 -32.08
C PRO A 274 2.19 -52.51 -32.08
N VAL A 275 2.50 -52.00 -30.89
CA VAL A 275 3.35 -50.82 -30.76
C VAL A 275 4.68 -51.24 -30.13
N ILE A 276 5.72 -51.30 -30.95
CA ILE A 276 7.02 -51.81 -30.53
C ILE A 276 8.12 -50.76 -30.65
N SER A 277 8.95 -50.67 -29.62
CA SER A 277 10.04 -49.71 -29.59
C SER A 277 11.14 -50.09 -30.60
N ALA A 278 11.65 -49.08 -31.30
CA ALA A 278 12.73 -49.28 -32.27
C ALA A 278 14.06 -49.54 -31.56
N GLU A 279 14.07 -49.34 -30.25
CA GLU A 279 15.29 -49.53 -29.45
C GLU A 279 15.39 -50.95 -28.89
N LYS A 280 14.32 -51.72 -29.02
CA LYS A 280 14.35 -53.12 -28.59
C LYS A 280 15.20 -53.94 -29.56
N ALA A 281 16.37 -54.38 -29.08
CA ALA A 281 17.30 -55.15 -29.90
C ALA A 281 16.65 -56.44 -30.40
N TYR A 282 16.22 -57.27 -29.46
CA TYR A 282 15.53 -58.52 -29.79
C TYR A 282 14.03 -58.36 -29.63
N HIS A 283 13.29 -58.70 -30.69
CA HIS A 283 11.84 -58.67 -30.65
C HIS A 283 11.23 -59.83 -31.43
N GLU A 284 10.37 -60.59 -30.75
CA GLU A 284 9.64 -61.68 -31.36
C GLU A 284 8.40 -61.13 -32.09
N GLN A 285 8.38 -61.27 -33.40
CA GLN A 285 7.25 -60.78 -34.19
C GLN A 285 5.96 -61.46 -33.77
N LEU A 286 4.91 -60.65 -33.61
CA LEU A 286 3.64 -61.12 -33.11
C LEU A 286 2.73 -61.63 -34.22
N SER A 287 2.01 -62.71 -33.93
CA SER A 287 1.16 -63.38 -34.91
C SER A 287 -0.12 -62.59 -35.16
N VAL A 288 -0.96 -63.12 -36.05
CA VAL A 288 -2.26 -62.51 -36.32
C VAL A 288 -3.14 -62.58 -35.08
N ALA A 289 -3.08 -63.72 -34.39
CA ALA A 289 -3.90 -63.93 -33.20
C ALA A 289 -3.48 -62.99 -32.07
N GLU A 290 -2.17 -62.86 -31.89
CA GLU A 290 -1.63 -62.05 -30.80
C GLU A 290 -1.95 -60.55 -30.95
N ILE A 291 -1.95 -60.05 -32.19
CA ILE A 291 -2.26 -58.63 -32.42
C ILE A 291 -3.77 -58.40 -32.42
N THR A 292 -4.53 -59.38 -32.90
CA THR A 292 -5.98 -59.26 -32.94
C THR A 292 -6.55 -59.29 -31.53
N ASN A 293 -5.93 -60.09 -30.66
CA ASN A 293 -6.37 -60.20 -29.28
C ASN A 293 -6.03 -58.93 -28.50
N ALA A 294 -4.98 -58.25 -28.94
CA ALA A 294 -4.55 -57.00 -28.30
C ALA A 294 -5.56 -55.87 -28.55
N CYS A 295 -6.42 -56.05 -29.55
CA CYS A 295 -7.43 -55.05 -29.88
C CYS A 295 -8.57 -55.00 -28.86
N PHE A 296 -8.53 -55.93 -27.90
CA PHE A 296 -9.53 -55.99 -26.86
C PHE A 296 -8.91 -55.77 -25.47
N GLU A 297 -7.66 -55.30 -25.48
CA GLU A 297 -7.00 -54.88 -24.25
C GLU A 297 -7.08 -53.36 -24.13
N PRO A 298 -7.68 -52.85 -23.03
CA PRO A 298 -7.82 -51.40 -22.86
C PRO A 298 -6.52 -50.60 -23.02
N ALA A 299 -5.40 -51.23 -22.70
CA ALA A 299 -4.11 -50.56 -22.70
C ALA A 299 -3.64 -50.17 -24.10
N ASN A 300 -4.37 -50.60 -25.13
CA ASN A 300 -4.01 -50.32 -26.51
C ASN A 300 -5.04 -49.41 -27.20
N GLN A 301 -6.09 -49.04 -26.48
CA GLN A 301 -7.15 -48.21 -27.04
C GLN A 301 -6.74 -46.74 -27.11
N MET A 302 -7.29 -46.01 -28.08
CA MET A 302 -7.04 -44.58 -28.21
C MET A 302 -7.76 -43.82 -27.10
N VAL A 303 -8.71 -44.48 -26.45
CA VAL A 303 -9.41 -43.91 -25.31
C VAL A 303 -9.58 -45.00 -24.26
N LYS A 304 -9.05 -44.76 -23.06
CA LYS A 304 -9.11 -45.74 -22.00
C LYS A 304 -10.54 -45.92 -21.47
N CYS A 305 -11.08 -47.10 -21.67
CA CYS A 305 -12.41 -47.45 -21.19
C CYS A 305 -12.54 -48.97 -21.18
N ASP A 306 -13.71 -49.48 -20.81
CA ASP A 306 -13.91 -50.91 -20.67
C ASP A 306 -15.10 -51.39 -21.51
N PRO A 307 -14.84 -51.82 -22.75
CA PRO A 307 -15.90 -52.31 -23.64
C PRO A 307 -16.66 -53.51 -23.09
N ARG A 308 -16.09 -54.23 -22.12
CA ARG A 308 -16.76 -55.37 -21.52
C ARG A 308 -18.09 -54.95 -20.89
N HIS A 309 -18.13 -53.72 -20.38
CA HIS A 309 -19.31 -53.21 -19.71
C HIS A 309 -20.02 -52.19 -20.58
N GLY A 310 -20.13 -52.53 -21.86
CA GLY A 310 -20.90 -51.77 -22.82
C GLY A 310 -21.31 -52.71 -23.94
N LYS A 311 -21.97 -52.19 -24.97
CA LYS A 311 -22.37 -53.02 -26.09
C LYS A 311 -21.83 -52.46 -27.40
N TYR A 312 -21.62 -53.36 -28.36
CA TYR A 312 -21.11 -52.99 -29.67
C TYR A 312 -22.25 -52.74 -30.65
N MET A 313 -22.04 -51.79 -31.54
CA MET A 313 -22.97 -51.49 -32.63
C MET A 313 -22.35 -51.88 -33.96
N ALA A 314 -21.03 -51.88 -34.01
CA ALA A 314 -20.29 -52.27 -35.20
C ALA A 314 -18.81 -52.45 -34.88
N CYS A 315 -18.13 -53.27 -35.66
CA CYS A 315 -16.70 -53.48 -35.50
CA CYS A 315 -16.70 -53.51 -35.51
C CYS A 315 -16.04 -53.67 -36.87
N CYS A 316 -14.85 -53.09 -37.02
CA CYS A 316 -14.10 -53.19 -38.26
CA CYS A 316 -14.10 -53.19 -38.26
C CYS A 316 -12.62 -53.41 -37.98
N LEU A 317 -12.06 -54.43 -38.63
CA LEU A 317 -10.65 -54.76 -38.48
C LEU A 317 -9.88 -54.37 -39.73
N LEU A 318 -8.83 -53.59 -39.54
CA LEU A 318 -8.01 -53.10 -40.65
C LEU A 318 -6.57 -53.56 -40.50
N TYR A 319 -6.22 -54.62 -41.21
CA TYR A 319 -4.89 -55.21 -41.13
C TYR A 319 -3.92 -54.65 -42.17
N ARG A 320 -2.65 -54.52 -41.79
CA ARG A 320 -1.59 -54.12 -42.70
C ARG A 320 -0.41 -55.05 -42.55
N GLY A 321 -0.03 -55.72 -43.65
CA GLY A 321 1.10 -56.63 -43.65
C GLY A 321 0.71 -58.05 -43.97
N ASP A 322 1.54 -58.99 -43.53
CA ASP A 322 1.36 -60.41 -43.84
C ASP A 322 0.16 -60.98 -43.08
N VAL A 323 -1.01 -60.87 -43.69
CA VAL A 323 -2.24 -61.36 -43.09
C VAL A 323 -3.14 -61.98 -44.17
N VAL A 324 -3.65 -63.17 -43.87
CA VAL A 324 -4.63 -63.83 -44.74
C VAL A 324 -5.90 -64.11 -43.96
N PRO A 325 -7.06 -64.08 -44.64
CA PRO A 325 -8.37 -64.26 -43.98
C PRO A 325 -8.44 -65.46 -43.03
N LYS A 326 -7.82 -66.58 -43.41
CA LYS A 326 -7.91 -67.80 -42.60
C LYS A 326 -7.38 -67.59 -41.18
N ASP A 327 -6.23 -66.92 -41.07
CA ASP A 327 -5.62 -66.68 -39.77
C ASP A 327 -6.45 -65.69 -38.95
N VAL A 328 -7.13 -64.78 -39.63
CA VAL A 328 -7.97 -63.79 -38.97
C VAL A 328 -9.18 -64.49 -38.33
N ASN A 329 -9.89 -65.27 -39.11
CA ASN A 329 -11.07 -65.98 -38.61
C ASN A 329 -10.72 -66.94 -37.47
N ALA A 330 -9.52 -67.52 -37.56
CA ALA A 330 -9.05 -68.40 -36.50
C ALA A 330 -8.83 -67.63 -35.21
N ALA A 331 -8.32 -66.41 -35.34
CA ALA A 331 -8.10 -65.54 -34.18
C ALA A 331 -9.43 -65.05 -33.62
N ILE A 332 -10.37 -64.75 -34.51
CA ILE A 332 -11.70 -64.28 -34.10
C ILE A 332 -12.44 -65.35 -33.32
N ALA A 333 -12.38 -66.59 -33.82
CA ALA A 333 -13.05 -67.71 -33.20
C ALA A 333 -12.58 -67.91 -31.77
N THR A 334 -11.26 -67.93 -31.60
CA THR A 334 -10.64 -68.13 -30.28
C THR A 334 -10.98 -66.99 -29.32
N ILE A 335 -10.95 -65.76 -29.83
CA ILE A 335 -11.16 -64.58 -29.00
C ILE A 335 -12.60 -64.48 -28.51
N LYS A 336 -13.55 -64.93 -29.34
CA LYS A 336 -14.96 -64.83 -28.99
C LYS A 336 -15.30 -65.69 -27.78
N THR A 337 -14.63 -66.83 -27.65
CA THR A 337 -14.87 -67.76 -26.56
C THR A 337 -14.26 -67.26 -25.25
N LYS A 338 -13.17 -66.50 -25.35
CA LYS A 338 -12.42 -66.08 -24.17
C LYS A 338 -12.85 -64.72 -23.62
N ARG A 339 -13.29 -63.83 -24.50
CA ARG A 339 -13.57 -62.45 -24.12
C ARG A 339 -15.06 -62.11 -24.06
N SER A 340 -15.36 -60.99 -23.41
CA SER A 340 -16.72 -60.49 -23.31
C SER A 340 -17.02 -59.52 -24.46
N ILE A 341 -17.75 -60.00 -25.45
CA ILE A 341 -18.09 -59.20 -26.63
C ILE A 341 -19.57 -59.32 -26.95
N GLN A 342 -20.36 -58.39 -26.42
CA GLN A 342 -21.81 -58.40 -26.62
C GLN A 342 -22.26 -57.24 -27.50
N PHE A 343 -22.92 -57.58 -28.61
CA PHE A 343 -23.50 -56.58 -29.50
C PHE A 343 -24.92 -56.25 -29.05
N VAL A 344 -25.46 -55.15 -29.58
CA VAL A 344 -26.86 -54.82 -29.35
C VAL A 344 -27.72 -55.81 -30.11
N ASP A 345 -28.93 -56.06 -29.62
CA ASP A 345 -29.82 -57.07 -30.20
C ASP A 345 -30.14 -56.79 -31.66
N TRP A 346 -30.08 -55.52 -32.05
CA TRP A 346 -30.47 -55.11 -33.40
C TRP A 346 -29.25 -54.93 -34.32
N CYS A 347 -28.15 -55.61 -33.97
CA CYS A 347 -26.94 -55.59 -34.80
C CYS A 347 -26.35 -56.99 -34.92
N PRO A 348 -25.80 -57.32 -36.10
CA PRO A 348 -25.15 -58.63 -36.22
C PRO A 348 -23.84 -58.69 -35.44
N THR A 349 -23.64 -59.77 -34.71
CA THR A 349 -22.37 -60.01 -34.04
C THR A 349 -21.33 -60.44 -35.08
N GLY A 350 -20.64 -59.46 -35.67
CA GLY A 350 -19.69 -59.75 -36.73
C GLY A 350 -18.63 -58.67 -36.90
N PHE A 351 -17.71 -58.92 -37.82
CA PHE A 351 -16.57 -58.03 -38.06
C PHE A 351 -16.36 -57.79 -39.55
N LYS A 352 -16.27 -56.53 -39.95
CA LYS A 352 -15.89 -56.17 -41.31
C LYS A 352 -14.37 -56.08 -41.40
N VAL A 353 -13.75 -57.02 -42.11
CA VAL A 353 -12.29 -57.12 -42.16
C VAL A 353 -11.73 -56.49 -43.44
N GLY A 354 -10.58 -55.84 -43.30
CA GLY A 354 -9.87 -55.27 -44.44
C GLY A 354 -8.39 -55.51 -44.29
N ILE A 355 -7.77 -56.07 -45.33
CA ILE A 355 -6.34 -56.38 -45.31
C ILE A 355 -5.62 -55.64 -46.44
N ASN A 356 -4.45 -55.11 -46.11
CA ASN A 356 -3.54 -54.54 -47.09
C ASN A 356 -2.18 -55.19 -46.90
N TYR A 357 -1.65 -55.79 -47.95
CA TYR A 357 -0.45 -56.60 -47.85
C TYR A 357 0.79 -55.77 -47.50
N GLN A 358 0.76 -54.48 -47.79
CA GLN A 358 1.90 -53.62 -47.45
C GLN A 358 1.97 -53.39 -45.94
N PRO A 359 3.08 -53.80 -45.29
CA PRO A 359 3.17 -53.60 -43.85
C PRO A 359 3.20 -52.13 -43.45
N PRO A 360 2.98 -51.82 -42.17
CA PRO A 360 3.01 -50.43 -41.70
C PRO A 360 4.35 -49.76 -42.00
N THR A 361 4.32 -48.62 -42.67
CA THR A 361 5.53 -47.84 -42.90
C THR A 361 5.85 -47.03 -41.66
N VAL A 362 7.13 -47.00 -41.28
CA VAL A 362 7.56 -46.25 -40.12
C VAL A 362 8.56 -45.17 -40.53
N VAL A 363 8.43 -44.00 -39.91
CA VAL A 363 9.32 -42.89 -40.20
C VAL A 363 10.73 -43.26 -39.77
N PRO A 364 11.72 -43.09 -40.69
CA PRO A 364 13.11 -43.37 -40.32
C PRO A 364 13.57 -42.58 -39.10
N GLY A 365 14.22 -43.26 -38.16
CA GLY A 365 14.69 -42.62 -36.95
C GLY A 365 13.57 -42.37 -35.96
N GLY A 366 12.41 -42.96 -36.21
CA GLY A 366 11.26 -42.81 -35.34
C GLY A 366 11.35 -43.73 -34.14
N ASP A 367 10.32 -43.68 -33.30
CA ASP A 367 10.29 -44.48 -32.07
C ASP A 367 9.73 -45.87 -32.35
N LEU A 368 8.96 -45.99 -33.42
CA LEU A 368 8.27 -47.24 -33.75
C LEU A 368 9.15 -48.19 -34.55
N ALA A 369 9.08 -49.48 -34.21
CA ALA A 369 9.82 -50.50 -34.93
C ALA A 369 9.00 -51.02 -36.11
N LYS A 370 9.70 -51.52 -37.13
CA LYS A 370 9.05 -52.13 -38.28
C LYS A 370 8.45 -53.47 -37.87
N VAL A 371 7.21 -53.72 -38.29
CA VAL A 371 6.54 -54.99 -38.00
C VAL A 371 6.00 -55.60 -39.29
N GLN A 372 5.89 -56.93 -39.31
CA GLN A 372 5.45 -57.63 -40.50
CA GLN A 372 5.45 -57.65 -40.49
C GLN A 372 3.93 -57.61 -40.64
N ARG A 373 3.24 -57.37 -39.53
CA ARG A 373 1.79 -57.26 -39.55
C ARG A 373 1.28 -56.42 -38.38
N ALA A 374 0.25 -55.62 -38.65
CA ALA A 374 -0.39 -54.79 -37.64
C ALA A 374 -1.87 -54.66 -37.95
N VAL A 375 -2.63 -54.20 -36.96
CA VAL A 375 -4.07 -54.08 -37.10
C VAL A 375 -4.59 -52.84 -36.37
N CYS A 376 -5.65 -52.25 -36.92
CA CYS A 376 -6.36 -51.16 -36.26
C CYS A 376 -7.85 -51.50 -36.21
N MET A 377 -8.36 -51.73 -35.00
CA MET A 377 -9.78 -52.05 -34.85
C MET A 377 -10.59 -50.78 -34.63
N LEU A 378 -11.69 -50.65 -35.38
CA LEU A 378 -12.64 -49.57 -35.19
C LEU A 378 -13.96 -50.13 -34.68
N SER A 379 -14.24 -49.90 -33.42
CA SER A 379 -15.43 -50.45 -32.77
C SER A 379 -16.30 -49.35 -32.17
N ASN A 380 -17.56 -49.29 -32.61
CA ASN A 380 -18.50 -48.37 -32.01
C ASN A 380 -19.14 -48.96 -30.77
N THR A 381 -18.48 -48.76 -29.63
CA THR A 381 -18.93 -49.30 -28.36
C THR A 381 -19.43 -48.18 -27.46
N THR A 382 -20.48 -48.47 -26.70
CA THR A 382 -21.07 -47.50 -25.79
C THR A 382 -20.12 -47.14 -24.66
N ALA A 383 -19.08 -47.96 -24.48
CA ALA A 383 -18.14 -47.77 -23.39
C ALA A 383 -17.36 -46.47 -23.51
N ILE A 384 -17.29 -45.92 -24.72
CA ILE A 384 -16.55 -44.68 -24.94
C ILE A 384 -17.23 -43.52 -24.23
N ALA A 385 -18.48 -43.71 -23.84
CA ALA A 385 -19.23 -42.67 -23.13
C ALA A 385 -18.59 -42.34 -21.78
N GLU A 386 -17.72 -43.23 -21.30
CA GLU A 386 -16.96 -42.97 -20.08
C GLU A 386 -16.15 -41.69 -20.21
N ALA A 387 -15.69 -41.42 -21.44
CA ALA A 387 -14.91 -40.22 -21.71
C ALA A 387 -15.79 -38.97 -21.66
N TRP A 388 -17.03 -39.09 -22.12
CA TRP A 388 -17.98 -37.99 -22.02
C TRP A 388 -18.32 -37.71 -20.56
N ALA A 389 -18.44 -38.77 -19.77
CA ALA A 389 -18.81 -38.65 -18.38
C ALA A 389 -17.73 -37.93 -17.58
N ARG A 390 -16.47 -38.34 -17.80
CA ARG A 390 -15.33 -37.69 -17.16
C ARG A 390 -15.33 -36.20 -17.46
N LEU A 391 -15.45 -35.89 -18.75
CA LEU A 391 -15.41 -34.52 -19.23
C LEU A 391 -16.55 -33.69 -18.67
N ASP A 392 -17.75 -34.26 -18.69
CA ASP A 392 -18.93 -33.56 -18.21
C ASP A 392 -18.87 -33.32 -16.70
N HIS A 393 -18.19 -34.19 -15.98
CA HIS A 393 -18.02 -34.02 -14.54
C HIS A 393 -17.13 -32.82 -14.23
N LYS A 394 -16.01 -32.73 -14.94
CA LYS A 394 -15.10 -31.60 -14.77
C LYS A 394 -15.81 -30.29 -15.12
N PHE A 395 -16.64 -30.35 -16.15
CA PHE A 395 -17.41 -29.19 -16.59
C PHE A 395 -18.37 -28.74 -15.48
N ASP A 396 -19.05 -29.71 -14.88
CA ASP A 396 -20.04 -29.41 -13.84
C ASP A 396 -19.39 -28.78 -12.62
N LEU A 397 -18.21 -29.26 -12.26
CA LEU A 397 -17.49 -28.76 -11.09
C LEU A 397 -17.18 -27.26 -11.22
N MET A 398 -16.63 -26.88 -12.37
CA MET A 398 -16.23 -25.49 -12.59
C MET A 398 -17.42 -24.58 -12.83
N TYR A 399 -18.38 -25.05 -13.63
CA TYR A 399 -19.50 -24.22 -14.02
C TYR A 399 -20.47 -23.98 -12.88
N ALA A 400 -20.48 -24.87 -11.89
CA ALA A 400 -21.30 -24.70 -10.69
C ALA A 400 -20.94 -23.39 -9.99
N LYS A 401 -19.67 -23.00 -10.12
CA LYS A 401 -19.15 -21.79 -9.49
C LYS A 401 -18.95 -20.68 -10.52
N ARG A 402 -19.31 -20.96 -11.77
CA ARG A 402 -19.15 -20.02 -12.88
C ARG A 402 -17.70 -19.60 -13.05
N ALA A 403 -16.77 -20.46 -12.65
CA ALA A 403 -15.35 -20.16 -12.78
C ALA A 403 -14.94 -20.00 -14.24
N PHE A 404 -14.19 -18.93 -14.51
CA PHE A 404 -13.66 -18.64 -15.85
C PHE A 404 -14.73 -18.28 -16.89
N VAL A 405 -16.00 -18.31 -16.51
CA VAL A 405 -17.08 -18.04 -17.46
C VAL A 405 -16.99 -16.64 -18.05
N HIS A 406 -16.53 -15.69 -17.24
CA HIS A 406 -16.47 -14.29 -17.67
C HIS A 406 -15.59 -14.10 -18.90
N TRP A 407 -14.62 -14.99 -19.08
CA TRP A 407 -13.73 -14.91 -20.23
C TRP A 407 -14.48 -15.15 -21.54
N TYR A 408 -15.52 -15.99 -21.46
CA TYR A 408 -16.30 -16.34 -22.64
C TYR A 408 -17.35 -15.27 -22.90
N VAL A 409 -18.07 -14.89 -21.85
CA VAL A 409 -19.08 -13.84 -21.94
C VAL A 409 -18.48 -12.55 -22.49
N GLY A 410 -17.24 -12.28 -22.13
CA GLY A 410 -16.55 -11.08 -22.57
C GLY A 410 -16.22 -11.09 -24.06
N GLU A 411 -16.31 -12.26 -24.67
CA GLU A 411 -16.05 -12.41 -26.10
C GLU A 411 -17.35 -12.38 -26.91
N GLY A 412 -18.48 -12.22 -26.23
CA GLY A 412 -19.76 -12.08 -26.89
C GLY A 412 -20.67 -13.28 -26.74
N MET A 413 -20.16 -14.35 -26.14
CA MET A 413 -20.96 -15.54 -25.91
C MET A 413 -21.94 -15.29 -24.78
N GLU A 414 -23.10 -15.94 -24.85
CA GLU A 414 -24.08 -15.84 -23.77
C GLU A 414 -23.89 -16.99 -22.81
N GLU A 415 -24.10 -16.73 -21.52
CA GLU A 415 -23.93 -17.75 -20.50
C GLU A 415 -24.84 -18.94 -20.76
N GLY A 416 -25.93 -18.70 -21.47
CA GLY A 416 -26.90 -19.75 -21.76
C GLY A 416 -26.33 -20.87 -22.62
N GLU A 417 -25.40 -20.52 -23.50
CA GLU A 417 -24.79 -21.50 -24.39
C GLU A 417 -24.05 -22.58 -23.59
N PHE A 418 -23.55 -22.22 -22.41
CA PHE A 418 -22.90 -23.20 -21.53
C PHE A 418 -23.88 -24.30 -21.14
N SER A 419 -25.00 -23.91 -20.55
CA SER A 419 -26.00 -24.85 -20.07
C SER A 419 -26.67 -25.56 -21.24
N GLU A 420 -26.78 -24.88 -22.37
CA GLU A 420 -27.35 -25.46 -23.57
C GLU A 420 -26.47 -26.60 -24.05
N ALA A 421 -25.16 -26.35 -24.08
CA ALA A 421 -24.22 -27.36 -24.55
C ALA A 421 -24.12 -28.50 -23.55
N ARG A 422 -24.26 -28.19 -22.27
CA ARG A 422 -24.19 -29.22 -21.24
C ARG A 422 -25.42 -30.12 -21.29
N GLU A 423 -26.57 -29.54 -21.64
CA GLU A 423 -27.81 -30.30 -21.77
C GLU A 423 -27.70 -31.33 -22.89
N ASP A 424 -27.10 -30.90 -24.00
CA ASP A 424 -26.93 -31.76 -25.16
C ASP A 424 -26.07 -32.96 -24.79
N MET A 425 -25.04 -32.71 -23.97
CA MET A 425 -24.14 -33.78 -23.52
C MET A 425 -24.84 -34.70 -22.54
N ALA A 426 -25.77 -34.16 -21.77
CA ALA A 426 -26.53 -34.95 -20.82
C ALA A 426 -27.43 -35.92 -21.56
N ALA A 427 -28.02 -35.44 -22.66
CA ALA A 427 -28.85 -36.29 -23.51
C ALA A 427 -28.00 -37.35 -24.19
N LEU A 428 -26.80 -36.95 -24.63
CA LEU A 428 -25.90 -37.87 -25.31
C LEU A 428 -25.52 -39.02 -24.39
N GLU A 429 -25.17 -38.71 -23.15
CA GLU A 429 -24.87 -39.75 -22.17
C GLU A 429 -26.08 -40.66 -21.99
N LYS A 430 -27.27 -40.08 -22.11
CA LYS A 430 -28.51 -40.82 -21.93
C LYS A 430 -28.74 -41.76 -23.11
N ASP A 431 -28.42 -41.30 -24.31
CA ASP A 431 -28.52 -42.12 -25.51
C ASP A 431 -27.62 -43.34 -25.38
N TYR A 432 -26.36 -43.10 -25.00
CA TYR A 432 -25.39 -44.16 -24.83
C TYR A 432 -25.86 -45.21 -23.83
N GLU A 433 -26.50 -44.75 -22.75
CA GLU A 433 -26.90 -45.65 -21.68
C GLU A 433 -28.09 -46.51 -22.08
N GLU A 434 -28.98 -45.95 -22.89
CA GLU A 434 -30.14 -46.69 -23.38
C GLU A 434 -29.72 -47.81 -24.33
N VAL A 435 -28.81 -47.49 -25.25
CA VAL A 435 -28.35 -48.44 -26.25
C VAL A 435 -27.53 -49.58 -25.63
N GLY A 436 -26.78 -49.26 -24.58
CA GLY A 436 -25.79 -50.19 -24.04
C GLY A 436 -26.17 -50.91 -22.75
N VAL A 437 -27.30 -50.56 -22.17
CA VAL A 437 -27.74 -51.17 -20.92
C VAL A 437 -29.22 -51.51 -20.96
N MET B 1 5.88 -12.68 -32.76
CA MET B 1 6.19 -11.22 -32.63
C MET B 1 5.09 -10.50 -31.86
N ARG B 2 4.73 -11.04 -30.69
CA ARG B 2 3.72 -10.42 -29.83
C ARG B 2 4.40 -9.54 -28.79
N GLU B 3 4.30 -8.23 -28.98
CA GLU B 3 5.07 -7.27 -28.17
C GLU B 3 4.40 -6.91 -26.83
N ILE B 4 5.25 -6.66 -25.83
CA ILE B 4 4.83 -6.13 -24.54
C ILE B 4 5.49 -4.77 -24.31
N VAL B 5 4.69 -3.79 -23.90
CA VAL B 5 5.21 -2.46 -23.56
C VAL B 5 5.38 -2.36 -22.05
N HIS B 6 6.62 -2.10 -21.63
CA HIS B 6 6.93 -1.99 -20.21
C HIS B 6 6.93 -0.54 -19.74
N ILE B 7 6.35 -0.31 -18.56
CA ILE B 7 6.33 1.01 -17.94
C ILE B 7 6.80 0.89 -16.49
N GLN B 8 7.66 1.81 -16.06
CA GLN B 8 8.10 1.87 -14.67
C GLN B 8 7.91 3.28 -14.12
N ALA B 9 7.19 3.38 -13.01
CA ALA B 9 6.75 4.65 -12.46
C ALA B 9 7.19 4.85 -11.02
N GLY B 10 7.88 5.96 -10.76
CA GLY B 10 8.29 6.33 -9.41
C GLY B 10 9.66 5.78 -9.05
N GLN B 11 10.08 6.06 -7.81
CA GLN B 11 11.37 5.59 -7.31
C GLN B 11 11.43 4.07 -7.35
N CYS B 12 10.52 3.44 -6.61
CA CYS B 12 10.48 1.99 -6.52
C CYS B 12 10.33 1.37 -7.91
N GLY B 13 9.37 1.86 -8.68
CA GLY B 13 9.11 1.35 -10.01
C GLY B 13 10.35 1.33 -10.89
N ASN B 14 11.09 2.43 -10.90
CA ASN B 14 12.27 2.54 -11.75
C ASN B 14 13.47 1.76 -11.20
N GLN B 15 13.53 1.63 -9.87
CA GLN B 15 14.61 0.88 -9.24
C GLN B 15 14.54 -0.60 -9.60
N ILE B 16 13.37 -1.20 -9.42
CA ILE B 16 13.19 -2.60 -9.76
CA ILE B 16 13.15 -2.60 -9.76
C ILE B 16 13.13 -2.76 -11.27
N GLY B 17 12.53 -1.79 -11.94
CA GLY B 17 12.42 -1.81 -13.39
C GLY B 17 13.79 -1.88 -14.01
N ALA B 18 14.73 -1.10 -13.48
CA ALA B 18 16.10 -1.11 -13.97
C ALA B 18 16.74 -2.47 -13.73
N LYS B 19 16.59 -3.00 -12.51
CA LYS B 19 17.15 -4.30 -12.19
C LYS B 19 16.55 -5.40 -13.05
N PHE B 20 15.26 -5.28 -13.35
CA PHE B 20 14.58 -6.24 -14.21
C PHE B 20 15.25 -6.30 -15.58
N TRP B 21 15.50 -5.14 -16.17
CA TRP B 21 16.10 -5.08 -17.50
C TRP B 21 17.56 -5.52 -17.48
N GLU B 22 18.25 -5.28 -16.37
CA GLU B 22 19.62 -5.77 -16.22
C GLU B 22 19.64 -7.30 -16.28
N VAL B 23 18.77 -7.92 -15.50
CA VAL B 23 18.75 -9.38 -15.38
C VAL B 23 18.42 -10.06 -16.70
N ILE B 24 17.32 -9.65 -17.35
CA ILE B 24 16.87 -10.37 -18.53
C ILE B 24 17.73 -10.02 -19.75
N SER B 25 18.32 -8.82 -19.77
CA SER B 25 19.23 -8.46 -20.84
C SER B 25 20.43 -9.40 -20.82
N ASP B 26 20.82 -9.79 -19.61
CA ASP B 26 21.92 -10.73 -19.44
C ASP B 26 21.49 -12.13 -19.87
N GLU B 27 20.23 -12.47 -19.62
CA GLU B 27 19.70 -13.78 -19.99
C GLU B 27 19.54 -13.91 -21.50
N HIS B 28 19.29 -12.78 -22.16
CA HIS B 28 19.15 -12.75 -23.62
C HIS B 28 20.44 -12.34 -24.31
N GLY B 29 21.53 -12.27 -23.54
CA GLY B 29 22.83 -12.01 -24.09
C GLY B 29 23.02 -10.60 -24.62
N ILE B 30 22.13 -9.69 -24.25
CA ILE B 30 22.24 -8.30 -24.67
C ILE B 30 23.10 -7.52 -23.68
N ASP B 31 24.07 -6.77 -24.21
CA ASP B 31 25.00 -6.02 -23.37
C ASP B 31 24.49 -4.59 -23.16
N PRO B 32 25.16 -3.82 -22.27
CA PRO B 32 24.71 -2.45 -21.97
C PRO B 32 24.63 -1.51 -23.18
N THR B 33 25.18 -1.92 -24.32
CA THR B 33 25.17 -1.10 -25.52
C THR B 33 24.03 -1.50 -26.47
N GLY B 34 23.41 -2.64 -26.18
CA GLY B 34 22.31 -3.13 -26.98
C GLY B 34 22.72 -4.16 -28.03
N SER B 35 23.97 -4.60 -27.96
CA SER B 35 24.50 -5.59 -28.90
C SER B 35 24.41 -7.01 -28.34
N TYR B 36 23.99 -7.93 -29.18
CA TYR B 36 23.85 -9.34 -28.78
C TYR B 36 25.19 -10.07 -28.85
N HIS B 37 25.49 -10.80 -27.79
CA HIS B 37 26.72 -11.61 -27.72
C HIS B 37 26.46 -12.91 -26.97
N GLY B 38 25.38 -13.59 -27.35
CA GLY B 38 25.00 -14.85 -26.75
C GLY B 38 25.50 -16.04 -27.55
N ASP B 39 25.23 -17.25 -27.06
CA ASP B 39 25.70 -18.48 -27.70
C ASP B 39 24.56 -19.47 -27.91
N SER B 40 23.33 -18.96 -27.96
CA SER B 40 22.16 -19.80 -28.20
C SER B 40 21.09 -19.04 -29.00
N ASP B 41 20.42 -19.76 -29.89
CA ASP B 41 19.36 -19.16 -30.69
C ASP B 41 18.09 -19.00 -29.87
N LEU B 42 17.98 -19.75 -28.77
CA LEU B 42 16.82 -19.64 -27.88
C LEU B 42 16.73 -18.25 -27.26
N GLN B 43 17.86 -17.56 -27.20
CA GLN B 43 17.93 -16.23 -26.60
C GLN B 43 17.24 -15.17 -27.46
N LEU B 44 17.20 -15.40 -28.76
CA LEU B 44 16.68 -14.40 -29.70
C LEU B 44 15.36 -14.80 -30.34
N GLU B 45 14.88 -16.00 -30.04
CA GLU B 45 13.68 -16.50 -30.71
C GLU B 45 12.45 -15.67 -30.37
N ARG B 46 12.40 -15.16 -29.14
CA ARG B 46 11.29 -14.31 -28.71
C ARG B 46 11.80 -13.01 -28.10
N ILE B 47 12.92 -12.51 -28.63
CA ILE B 47 13.51 -11.28 -28.15
C ILE B 47 12.59 -10.10 -28.44
N ASN B 48 11.80 -10.21 -29.50
CA ASN B 48 10.93 -9.13 -29.93
C ASN B 48 9.82 -8.81 -28.92
N VAL B 49 9.59 -9.74 -27.99
CA VAL B 49 8.55 -9.57 -26.98
C VAL B 49 8.84 -8.36 -26.09
N TYR B 50 10.11 -8.17 -25.74
CA TYR B 50 10.52 -7.11 -24.83
C TYR B 50 11.45 -6.09 -25.48
N TYR B 51 11.99 -6.41 -26.65
CA TYR B 51 12.97 -5.54 -27.31
C TYR B 51 12.57 -5.14 -28.72
N ASN B 52 12.95 -3.93 -29.11
CA ASN B 52 12.85 -3.46 -30.49
C ASN B 52 14.20 -3.54 -31.17
N GLU B 53 14.19 -3.88 -32.46
CA GLU B 53 15.43 -3.95 -33.24
C GLU B 53 15.71 -2.64 -33.96
N ALA B 54 16.97 -2.21 -33.93
CA ALA B 54 17.42 -1.04 -34.68
C ALA B 54 18.51 -1.47 -35.65
N THR B 55 19.00 -0.51 -36.45
CA THR B 55 20.05 -0.80 -37.43
C THR B 55 21.35 -1.11 -36.69
N GLY B 56 22.16 -1.98 -37.28
CA GLY B 56 23.35 -2.50 -36.62
C GLY B 56 22.96 -3.64 -35.70
N ASN B 57 21.75 -4.15 -35.88
CA ASN B 57 21.20 -5.20 -35.03
C ASN B 57 21.33 -4.85 -33.54
N LYS B 58 20.91 -3.63 -33.22
CA LYS B 58 20.84 -3.17 -31.83
C LYS B 58 19.48 -3.51 -31.24
N TYR B 59 19.48 -4.02 -30.01
CA TYR B 59 18.24 -4.37 -29.32
C TYR B 59 17.90 -3.33 -28.25
N VAL B 60 16.75 -2.68 -28.41
CA VAL B 60 16.31 -1.59 -27.54
C VAL B 60 15.10 -2.01 -26.72
N PRO B 61 15.21 -1.95 -25.37
CA PRO B 61 14.05 -2.29 -24.53
C PRO B 61 12.82 -1.47 -24.86
N ARG B 62 11.66 -2.12 -24.96
CA ARG B 62 10.40 -1.43 -25.16
C ARG B 62 9.91 -0.93 -23.81
N ALA B 63 10.68 -0.01 -23.23
CA ALA B 63 10.48 0.45 -21.87
C ALA B 63 10.29 1.96 -21.78
N ILE B 64 9.33 2.37 -20.95
CA ILE B 64 9.04 3.77 -20.72
C ILE B 64 9.26 4.10 -19.25
N LEU B 65 10.12 5.07 -18.99
CA LEU B 65 10.50 5.43 -17.63
C LEU B 65 9.79 6.70 -17.20
N VAL B 66 9.00 6.60 -16.13
CA VAL B 66 8.13 7.68 -15.68
C VAL B 66 8.38 8.04 -14.22
N ASP B 67 8.45 9.35 -13.95
CA ASP B 67 8.56 9.83 -12.58
C ASP B 67 8.21 11.32 -12.53
N LEU B 68 7.88 11.82 -11.35
CA LEU B 68 7.53 13.23 -11.20
C LEU B 68 8.74 14.04 -10.71
N GLU B 69 9.84 13.34 -10.45
CA GLU B 69 11.11 14.00 -10.14
C GLU B 69 12.22 13.26 -10.88
N PRO B 70 13.32 13.96 -11.22
CA PRO B 70 14.38 13.37 -12.04
C PRO B 70 15.40 12.55 -11.26
N GLY B 71 15.25 12.48 -9.94
CA GLY B 71 16.22 11.83 -9.08
C GLY B 71 16.64 10.43 -9.51
N THR B 72 15.69 9.49 -9.44
CA THR B 72 15.99 8.08 -9.73
C THR B 72 16.33 7.85 -11.19
N MET B 73 15.65 8.56 -12.09
CA MET B 73 15.85 8.36 -13.52
C MET B 73 17.24 8.82 -13.97
N ASP B 74 17.81 9.79 -13.25
CA ASP B 74 19.18 10.21 -13.52
C ASP B 74 20.16 9.13 -13.07
N SER B 75 19.77 8.41 -12.01
CA SER B 75 20.59 7.31 -11.51
C SER B 75 20.55 6.13 -12.47
N VAL B 76 19.40 5.94 -13.11
CA VAL B 76 19.25 4.87 -14.09
C VAL B 76 20.09 5.16 -15.33
N ARG B 77 20.04 6.40 -15.79
CA ARG B 77 20.78 6.79 -16.99
C ARG B 77 22.28 6.67 -16.76
N SER B 78 22.69 6.82 -15.50
CA SER B 78 24.09 6.70 -15.12
C SER B 78 24.41 5.31 -14.57
N GLY B 79 23.44 4.41 -14.64
CA GLY B 79 23.63 3.04 -14.20
C GLY B 79 24.34 2.23 -15.27
N PRO B 80 24.55 0.93 -15.00
CA PRO B 80 25.26 0.06 -15.95
C PRO B 80 24.53 -0.04 -17.29
N PHE B 81 23.24 -0.35 -17.22
CA PHE B 81 22.40 -0.51 -18.40
C PHE B 81 21.62 0.77 -18.69
N GLY B 82 22.21 1.92 -18.37
CA GLY B 82 21.56 3.20 -18.59
C GLY B 82 21.44 3.54 -20.06
N GLN B 83 22.51 3.28 -20.81
CA GLN B 83 22.56 3.63 -22.23
C GLN B 83 21.53 2.87 -23.07
N ILE B 84 21.18 1.67 -22.63
CA ILE B 84 20.34 0.79 -23.43
C ILE B 84 18.96 1.39 -23.69
N PHE B 85 18.46 2.14 -22.72
CA PHE B 85 17.10 2.70 -22.80
C PHE B 85 17.01 3.78 -23.88
N ARG B 86 15.85 3.82 -24.55
CA ARG B 86 15.59 4.84 -25.54
C ARG B 86 15.52 6.20 -24.84
N PRO B 87 16.45 7.13 -25.15
CA PRO B 87 16.51 8.41 -24.43
C PRO B 87 15.18 9.18 -24.40
N ASP B 88 14.44 9.13 -25.50
CA ASP B 88 13.19 9.87 -25.61
C ASP B 88 12.09 9.27 -24.74
N ASN B 89 12.30 8.05 -24.25
CA ASN B 89 11.32 7.37 -23.42
C ASN B 89 11.46 7.73 -21.93
N PHE B 90 12.42 8.60 -21.63
CA PHE B 90 12.56 9.15 -20.28
C PHE B 90 11.61 10.33 -20.12
N VAL B 91 10.49 10.10 -19.44
CA VAL B 91 9.45 11.10 -19.26
C VAL B 91 9.34 11.49 -17.79
N PHE B 92 9.76 12.71 -17.46
CA PHE B 92 9.79 13.14 -16.08
C PHE B 92 9.40 14.59 -15.85
N GLY B 93 8.83 14.86 -14.68
CA GLY B 93 8.55 16.21 -14.22
C GLY B 93 9.62 16.67 -13.25
N GLN B 94 9.32 17.69 -12.44
CA GLN B 94 10.30 18.27 -11.52
C GLN B 94 9.73 18.47 -10.11
N SER B 95 8.42 18.42 -9.99
CA SER B 95 7.75 18.82 -8.75
C SER B 95 7.73 17.73 -7.69
N GLY B 96 7.75 16.47 -8.11
CA GLY B 96 7.62 15.37 -7.18
C GLY B 96 6.18 15.20 -6.71
N ALA B 97 5.92 14.11 -5.99
CA ALA B 97 4.56 13.77 -5.58
C ALA B 97 4.41 13.72 -4.05
N GLY B 98 5.54 13.82 -3.34
CA GLY B 98 5.53 13.85 -1.89
C GLY B 98 4.76 12.72 -1.22
N ASN B 99 4.93 11.50 -1.72
CA ASN B 99 4.25 10.34 -1.15
C ASN B 99 2.73 10.53 -1.06
N ASN B 100 2.21 11.34 -1.98
CA ASN B 100 0.80 11.71 -1.97
C ASN B 100 0.07 11.18 -3.19
N TRP B 101 -0.81 10.21 -2.98
CA TRP B 101 -1.57 9.59 -4.07
C TRP B 101 -2.32 10.64 -4.88
N ALA B 102 -2.93 11.58 -4.16
CA ALA B 102 -3.72 12.64 -4.79
C ALA B 102 -2.87 13.48 -5.74
N LYS B 103 -1.63 13.74 -5.35
CA LYS B 103 -0.74 14.53 -6.20
C LYS B 103 -0.44 13.79 -7.49
N GLY B 104 -0.25 12.48 -7.40
CA GLY B 104 0.09 11.67 -8.56
C GLY B 104 -1.10 11.39 -9.47
N HIS B 105 -2.29 11.30 -8.89
CA HIS B 105 -3.48 10.87 -9.62
C HIS B 105 -4.33 12.02 -10.15
N TYR B 106 -4.32 13.15 -9.46
CA TYR B 106 -5.26 14.24 -9.73
C TYR B 106 -4.64 15.58 -10.15
N THR B 107 -3.45 15.89 -9.64
CA THR B 107 -2.86 17.21 -9.87
C THR B 107 -1.52 17.12 -10.59
N GLU B 108 -0.45 16.83 -9.85
CA GLU B 108 0.89 16.83 -10.42
C GLU B 108 1.02 15.84 -11.59
N GLY B 109 0.48 14.64 -11.42
CA GLY B 109 0.61 13.61 -12.43
C GLY B 109 -0.31 13.81 -13.62
N ALA B 110 -1.45 14.46 -13.38
CA ALA B 110 -2.38 14.77 -14.46
C ALA B 110 -1.70 15.65 -15.50
N GLU B 111 -0.75 16.46 -15.04
CA GLU B 111 -0.05 17.39 -15.90
C GLU B 111 0.95 16.68 -16.82
N LEU B 112 1.42 15.51 -16.39
CA LEU B 112 2.49 14.79 -17.08
C LEU B 112 2.00 13.58 -17.85
N VAL B 113 0.80 13.10 -17.53
CA VAL B 113 0.33 11.81 -18.03
C VAL B 113 0.19 11.78 -19.56
N ASP B 114 -0.25 12.89 -20.16
CA ASP B 114 -0.41 12.96 -21.61
C ASP B 114 0.92 12.75 -22.32
N SER B 115 1.99 13.32 -21.76
CA SER B 115 3.32 13.17 -22.32
C SER B 115 3.73 11.70 -22.34
N VAL B 116 3.37 10.98 -21.28
CA VAL B 116 3.68 9.55 -21.17
C VAL B 116 2.89 8.76 -22.21
N LEU B 117 1.61 9.09 -22.37
CA LEU B 117 0.75 8.40 -23.31
C LEU B 117 1.18 8.62 -24.75
N ASP B 118 1.91 9.70 -25.00
CA ASP B 118 2.45 9.95 -26.33
C ASP B 118 3.56 8.94 -26.64
N VAL B 119 4.41 8.68 -25.66
CA VAL B 119 5.49 7.72 -25.81
C VAL B 119 4.95 6.29 -25.92
N VAL B 120 3.92 5.99 -25.13
CA VAL B 120 3.26 4.69 -25.19
C VAL B 120 2.72 4.44 -26.59
N ARG B 121 2.08 5.47 -27.15
CA ARG B 121 1.47 5.37 -28.47
C ARG B 121 2.53 5.13 -29.55
N LYS B 122 3.65 5.86 -29.46
CA LYS B 122 4.71 5.71 -30.45
C LYS B 122 5.29 4.30 -30.41
N GLU B 123 5.34 3.71 -29.22
CA GLU B 123 5.81 2.34 -29.06
C GLU B 123 4.77 1.36 -29.61
N SER B 124 3.50 1.56 -29.23
CA SER B 124 2.42 0.66 -29.62
C SER B 124 2.22 0.61 -31.13
N GLU B 125 2.36 1.75 -31.79
CA GLU B 125 2.17 1.82 -33.24
C GLU B 125 3.20 0.97 -33.97
N SER B 126 4.39 0.86 -33.39
CA SER B 126 5.47 0.08 -33.98
C SER B 126 5.29 -1.42 -33.81
N CYS B 127 4.29 -1.82 -33.02
CA CYS B 127 4.11 -3.24 -32.68
C CYS B 127 3.38 -4.01 -33.77
N ASP B 128 3.92 -5.18 -34.10
CA ASP B 128 3.28 -6.08 -35.04
C ASP B 128 1.95 -6.57 -34.46
N CYS B 129 1.98 -6.94 -33.18
CA CYS B 129 0.78 -7.41 -32.49
C CYS B 129 0.95 -7.24 -30.98
N LEU B 130 0.58 -6.06 -30.48
CA LEU B 130 0.73 -5.73 -29.07
C LEU B 130 -0.09 -6.64 -28.16
N GLN B 131 0.58 -7.31 -27.21
CA GLN B 131 -0.10 -8.13 -26.21
C GLN B 131 -0.80 -7.26 -25.21
N GLY B 132 -0.06 -6.29 -24.70
CA GLY B 132 -0.52 -5.44 -23.64
C GLY B 132 0.64 -4.81 -22.90
N PHE B 133 0.41 -4.46 -21.64
CA PHE B 133 1.35 -3.63 -20.89
C PHE B 133 1.70 -4.26 -19.55
N GLN B 134 2.94 -4.09 -19.12
CA GLN B 134 3.33 -4.43 -17.76
C GLN B 134 3.87 -3.19 -17.06
N LEU B 135 3.37 -2.95 -15.85
CA LEU B 135 3.77 -1.80 -15.05
C LEU B 135 4.47 -2.24 -13.77
N THR B 136 5.57 -1.56 -13.47
CA THR B 136 6.28 -1.75 -12.21
CA THR B 136 6.29 -1.75 -12.22
C THR B 136 6.14 -0.49 -11.37
N HIS B 137 5.69 -0.65 -10.13
CA HIS B 137 5.47 0.48 -9.25
C HIS B 137 5.21 0.04 -7.81
N SER B 138 5.33 0.98 -6.89
CA SER B 138 4.93 0.76 -5.50
C SER B 138 3.55 1.37 -5.31
N LEU B 139 2.84 0.90 -4.29
CA LEU B 139 1.51 1.41 -3.97
C LEU B 139 1.52 2.31 -2.74
N GLY B 140 2.69 2.49 -2.14
CA GLY B 140 2.81 3.24 -0.90
C GLY B 140 3.22 4.69 -1.10
N GLY B 141 3.80 4.98 -2.27
CA GLY B 141 4.26 6.32 -2.58
C GLY B 141 3.17 7.19 -3.18
N GLY B 142 3.56 8.10 -4.07
CA GLY B 142 2.64 9.01 -4.70
C GLY B 142 2.63 8.90 -6.21
N THR B 143 3.81 8.85 -6.81
CA THR B 143 3.93 8.78 -8.25
C THR B 143 3.54 7.41 -8.78
N GLY B 144 4.30 6.39 -8.40
CA GLY B 144 4.03 5.03 -8.86
C GLY B 144 2.65 4.56 -8.47
N SER B 145 2.16 5.05 -7.33
CA SER B 145 0.85 4.64 -6.84
CA SER B 145 0.84 4.64 -6.83
C SER B 145 -0.27 5.48 -7.47
N GLY B 146 -0.20 6.78 -7.27
CA GLY B 146 -1.21 7.69 -7.78
C GLY B 146 -1.20 7.86 -9.28
N MET B 147 -0.05 8.24 -9.83
CA MET B 147 0.05 8.46 -11.27
C MET B 147 0.08 7.13 -12.01
N GLY B 148 0.64 6.10 -11.38
CA GLY B 148 0.70 4.79 -12.00
C GLY B 148 -0.68 4.26 -12.32
N THR B 149 -1.60 4.38 -11.36
CA THR B 149 -2.96 3.90 -11.56
C THR B 149 -3.72 4.85 -12.49
N LEU B 150 -3.28 6.11 -12.55
CA LEU B 150 -3.86 7.05 -13.50
C LEU B 150 -3.50 6.61 -14.92
N LEU B 151 -2.24 6.26 -15.13
CA LEU B 151 -1.78 5.76 -16.41
C LEU B 151 -2.54 4.52 -16.84
N ILE B 152 -2.72 3.59 -15.90
CA ILE B 152 -3.43 2.34 -16.16
C ILE B 152 -4.84 2.62 -16.67
N SER B 153 -5.53 3.57 -16.03
CA SER B 153 -6.89 3.90 -16.40
CA SER B 153 -6.90 3.90 -16.41
C SER B 153 -6.95 4.51 -17.80
N LYS B 154 -5.95 5.33 -18.13
CA LYS B 154 -5.90 5.99 -19.43
C LYS B 154 -5.51 4.99 -20.52
N ILE B 155 -4.56 4.11 -20.21
CA ILE B 155 -4.13 3.09 -21.15
C ILE B 155 -5.27 2.15 -21.49
N ARG B 156 -6.12 1.87 -20.49
CA ARG B 156 -7.25 0.98 -20.71
C ARG B 156 -8.30 1.66 -21.61
N GLU B 157 -8.32 2.98 -21.60
CA GLU B 157 -9.25 3.72 -22.44
C GLU B 157 -8.83 3.67 -23.90
N GLU B 158 -7.53 3.76 -24.15
CA GLU B 158 -7.00 3.73 -25.52
C GLU B 158 -6.76 2.30 -26.02
N TYR B 159 -6.55 1.37 -25.10
CA TYR B 159 -6.28 -0.02 -25.45
C TYR B 159 -7.10 -0.98 -24.60
N PRO B 160 -8.44 -0.91 -24.72
CA PRO B 160 -9.36 -1.67 -23.87
C PRO B 160 -9.34 -3.17 -24.11
N ASP B 161 -8.80 -3.60 -25.25
CA ASP B 161 -8.76 -5.00 -25.63
C ASP B 161 -7.37 -5.61 -25.44
N ARG B 162 -6.48 -4.86 -24.80
CA ARG B 162 -5.13 -5.36 -24.49
C ARG B 162 -5.04 -5.70 -23.00
N ILE B 163 -4.11 -6.60 -22.66
CA ILE B 163 -3.95 -7.05 -21.27
C ILE B 163 -3.15 -6.05 -20.45
N MET B 164 -3.64 -5.76 -19.24
CA MET B 164 -2.93 -4.90 -18.30
C MET B 164 -2.36 -5.73 -17.15
N ASN B 165 -1.04 -5.71 -17.03
CA ASN B 165 -0.31 -6.47 -16.01
C ASN B 165 0.51 -5.53 -15.12
N THR B 166 0.62 -5.86 -13.84
CA THR B 166 1.40 -5.03 -12.93
C THR B 166 2.25 -5.83 -11.95
N PHE B 167 3.43 -5.29 -11.65
CA PHE B 167 4.22 -5.72 -10.51
C PHE B 167 4.10 -4.66 -9.43
N SER B 168 3.21 -4.89 -8.47
CA SER B 168 2.86 -3.89 -7.47
C SER B 168 3.51 -4.17 -6.12
N VAL B 169 4.43 -3.31 -5.71
CA VAL B 169 5.10 -3.45 -4.42
C VAL B 169 4.24 -2.91 -3.28
N MET B 170 3.91 -3.77 -2.32
CA MET B 170 3.01 -3.41 -1.23
C MET B 170 3.79 -2.85 -0.05
N PRO B 171 3.28 -1.77 0.58
CA PRO B 171 4.00 -1.13 1.68
C PRO B 171 3.95 -1.94 2.98
N SER B 172 4.94 -1.70 3.84
CA SER B 172 5.01 -2.37 5.14
C SER B 172 5.74 -1.50 6.16
N PRO B 173 5.21 -1.42 7.40
CA PRO B 173 5.91 -0.64 8.44
C PRO B 173 7.34 -1.12 8.72
N LYS B 174 7.66 -2.34 8.31
CA LYS B 174 9.02 -2.86 8.49
C LYS B 174 10.00 -2.17 7.55
N VAL B 175 9.47 -1.52 6.50
CA VAL B 175 10.30 -0.82 5.53
C VAL B 175 9.61 0.50 5.13
N SER B 176 8.81 1.03 6.05
CA SER B 176 7.98 2.19 5.77
C SER B 176 8.76 3.49 5.59
N ASP B 177 8.42 4.23 4.55
CA ASP B 177 8.94 5.57 4.33
C ASP B 177 8.04 6.63 4.98
N THR B 178 6.74 6.35 5.01
CA THR B 178 5.75 7.33 5.47
C THR B 178 4.58 6.65 6.16
N VAL B 179 3.85 7.42 6.97
CA VAL B 179 2.70 6.89 7.69
C VAL B 179 1.43 6.86 6.85
N VAL B 180 1.45 7.55 5.70
CA VAL B 180 0.27 7.61 4.84
C VAL B 180 0.29 6.53 3.76
N GLU B 181 1.22 5.59 3.85
CA GLU B 181 1.32 4.51 2.88
C GLU B 181 0.06 3.64 2.82
N PRO B 182 -0.57 3.38 3.96
CA PRO B 182 -1.83 2.61 3.92
C PRO B 182 -2.93 3.32 3.15
N TYR B 183 -2.94 4.65 3.17
CA TYR B 183 -3.89 5.43 2.38
C TYR B 183 -3.62 5.26 0.90
N ASN B 184 -2.38 5.51 0.49
CA ASN B 184 -1.99 5.40 -0.91
C ASN B 184 -2.22 4.00 -1.45
N ALA B 185 -2.00 3.00 -0.60
CA ALA B 185 -2.12 1.62 -1.01
C ALA B 185 -3.57 1.23 -1.20
N THR B 186 -4.43 1.65 -0.25
CA THR B 186 -5.85 1.34 -0.31
C THR B 186 -6.48 1.99 -1.55
N LEU B 187 -6.07 3.22 -1.84
CA LEU B 187 -6.59 3.94 -3.00
C LEU B 187 -6.11 3.30 -4.30
N SER B 188 -4.90 2.75 -4.29
CA SER B 188 -4.36 2.11 -5.47
C SER B 188 -5.01 0.76 -5.74
N VAL B 189 -5.14 -0.06 -4.70
CA VAL B 189 -5.76 -1.38 -4.84
C VAL B 189 -7.13 -1.21 -5.47
N HIS B 190 -7.85 -0.17 -5.05
CA HIS B 190 -9.17 0.15 -5.59
C HIS B 190 -9.11 0.26 -7.12
N GLN B 191 -8.01 0.81 -7.62
CA GLN B 191 -7.83 0.97 -9.05
C GLN B 191 -7.44 -0.35 -9.72
N LEU B 192 -6.57 -1.10 -9.05
CA LEU B 192 -6.02 -2.34 -9.62
C LEU B 192 -7.10 -3.41 -9.79
N VAL B 193 -8.01 -3.51 -8.82
CA VAL B 193 -9.09 -4.49 -8.88
CA VAL B 193 -9.08 -4.51 -8.90
C VAL B 193 -9.97 -4.27 -10.10
N GLU B 194 -10.09 -3.01 -10.52
CA GLU B 194 -10.96 -2.66 -11.64
C GLU B 194 -10.24 -2.71 -13.01
N ASN B 195 -8.97 -2.33 -13.04
CA ASN B 195 -8.31 -2.02 -14.31
C ASN B 195 -7.05 -2.83 -14.64
N THR B 196 -6.79 -3.91 -13.91
CA THR B 196 -5.70 -4.82 -14.27
C THR B 196 -6.25 -6.23 -14.42
N ASP B 197 -5.58 -7.01 -15.26
CA ASP B 197 -5.92 -8.42 -15.46
C ASP B 197 -5.05 -9.32 -14.60
N GLU B 198 -3.83 -8.87 -14.31
CA GLU B 198 -2.86 -9.66 -13.57
C GLU B 198 -1.98 -8.76 -12.70
N THR B 199 -2.00 -8.97 -11.39
CA THR B 199 -1.16 -8.20 -10.47
C THR B 199 -0.31 -9.13 -9.61
N TYR B 200 1.00 -9.04 -9.76
CA TYR B 200 1.92 -9.73 -8.88
C TYR B 200 2.11 -8.92 -7.60
N CYS B 201 1.61 -9.46 -6.49
CA CYS B 201 1.71 -8.78 -5.19
C CYS B 201 3.07 -9.02 -4.54
N ILE B 202 3.91 -8.00 -4.59
CA ILE B 202 5.25 -8.07 -4.03
C ILE B 202 5.29 -7.32 -2.71
N ASP B 203 5.18 -8.07 -1.61
CA ASP B 203 5.06 -7.49 -0.28
C ASP B 203 6.44 -7.19 0.32
N ASN B 204 6.67 -5.92 0.65
CA ASN B 204 7.92 -5.52 1.29
C ASN B 204 8.09 -6.13 2.66
N GLU B 205 6.98 -6.52 3.28
CA GLU B 205 7.03 -7.25 4.54
C GLU B 205 7.71 -8.59 4.30
N ALA B 206 7.32 -9.27 3.23
CA ALA B 206 7.89 -10.57 2.90
C ALA B 206 9.35 -10.46 2.52
N LEU B 207 9.67 -9.52 1.63
CA LEU B 207 11.04 -9.36 1.16
C LEU B 207 11.99 -9.06 2.31
N TYR B 208 11.51 -8.34 3.31
CA TYR B 208 12.32 -8.02 4.48
C TYR B 208 12.56 -9.26 5.31
N ASP B 209 11.49 -9.98 5.63
CA ASP B 209 11.58 -11.18 6.44
C ASP B 209 12.45 -12.24 5.79
N ILE B 210 12.39 -12.35 4.47
CA ILE B 210 13.23 -13.29 3.74
C ILE B 210 14.69 -12.89 3.89
N CYS B 211 14.95 -11.60 3.72
CA CYS B 211 16.31 -11.08 3.82
C CYS B 211 16.89 -11.26 5.22
N PHE B 212 16.03 -11.19 6.24
CA PHE B 212 16.49 -11.21 7.62
C PHE B 212 16.60 -12.63 8.16
N ARG B 213 15.50 -13.38 8.06
CA ARG B 213 15.42 -14.72 8.63
C ARG B 213 16.20 -15.75 7.81
N THR B 214 15.99 -15.76 6.51
CA THR B 214 16.57 -16.79 5.65
C THR B 214 17.98 -16.41 5.20
N LEU B 215 18.12 -15.27 4.53
CA LEU B 215 19.41 -14.87 3.97
C LEU B 215 20.35 -14.32 5.04
N LYS B 216 19.85 -14.25 6.28
CA LYS B 216 20.65 -13.81 7.43
C LYS B 216 21.30 -12.45 7.20
N LEU B 217 20.56 -11.54 6.56
CA LEU B 217 21.01 -10.16 6.39
C LEU B 217 20.43 -9.31 7.52
N THR B 218 21.29 -8.88 8.43
CA THR B 218 20.87 -8.18 9.64
C THR B 218 20.27 -6.80 9.34
N THR B 219 20.82 -6.12 8.34
CA THR B 219 20.39 -4.78 7.96
C THR B 219 20.05 -4.71 6.46
N PRO B 220 18.86 -5.21 6.09
CA PRO B 220 18.45 -5.29 4.68
C PRO B 220 18.33 -3.93 3.99
N THR B 221 19.01 -3.77 2.87
CA THR B 221 18.88 -2.58 2.03
C THR B 221 17.83 -2.82 0.96
N TYR B 222 17.51 -1.80 0.18
CA TYR B 222 16.60 -1.96 -0.95
C TYR B 222 17.23 -2.83 -2.04
N GLY B 223 18.56 -2.82 -2.09
CA GLY B 223 19.29 -3.67 -3.03
C GLY B 223 19.09 -5.14 -2.72
N ASP B 224 19.06 -5.46 -1.43
CA ASP B 224 18.81 -6.82 -1.00
C ASP B 224 17.36 -7.20 -1.30
N LEU B 225 16.48 -6.21 -1.21
CA LEU B 225 15.07 -6.44 -1.49
C LEU B 225 14.83 -6.64 -2.99
N ASN B 226 15.56 -5.89 -3.80
CA ASN B 226 15.37 -5.91 -5.25
C ASN B 226 16.08 -7.06 -5.94
N HIS B 227 17.02 -7.69 -5.23
CA HIS B 227 17.63 -8.91 -5.73
C HIS B 227 16.57 -10.00 -5.74
N LEU B 228 15.69 -9.95 -4.75
CA LEU B 228 14.59 -10.91 -4.66
C LEU B 228 13.51 -10.61 -5.69
N VAL B 229 13.25 -9.31 -5.92
CA VAL B 229 12.23 -8.92 -6.88
C VAL B 229 12.65 -9.23 -8.30
N SER B 230 13.87 -8.83 -8.66
CA SER B 230 14.38 -9.06 -10.01
C SER B 230 14.42 -10.56 -10.32
N ALA B 231 14.78 -11.37 -9.33
CA ALA B 231 14.83 -12.81 -9.50
C ALA B 231 13.42 -13.38 -9.71
N THR B 232 12.44 -12.80 -9.03
CA THR B 232 11.06 -13.24 -9.17
C THR B 232 10.50 -12.78 -10.51
N MET B 233 10.79 -11.54 -10.87
CA MET B 233 10.27 -10.97 -12.12
C MET B 233 10.81 -11.73 -13.32
N SER B 234 12.07 -12.10 -13.28
CA SER B 234 12.69 -12.88 -14.35
C SER B 234 11.97 -14.21 -14.50
N GLY B 235 11.66 -14.83 -13.36
CA GLY B 235 11.01 -16.13 -13.34
C GLY B 235 9.61 -16.13 -13.89
N VAL B 236 8.80 -15.15 -13.49
CA VAL B 236 7.41 -15.11 -13.90
C VAL B 236 7.26 -14.70 -15.37
N THR B 237 8.31 -14.14 -15.95
CA THR B 237 8.28 -13.70 -17.35
C THR B 237 9.06 -14.65 -18.25
N THR B 238 9.53 -15.76 -17.69
CA THR B 238 10.28 -16.76 -18.46
C THR B 238 9.44 -17.31 -19.60
N CYS B 239 8.21 -17.72 -19.29
CA CYS B 239 7.32 -18.30 -20.28
CA CYS B 239 7.32 -18.30 -20.28
C CYS B 239 6.99 -17.31 -21.39
N LEU B 240 7.18 -16.02 -21.11
CA LEU B 240 6.91 -14.99 -22.10
C LEU B 240 8.12 -14.71 -22.98
N ARG B 241 9.31 -14.99 -22.44
CA ARG B 241 10.56 -14.57 -23.08
C ARG B 241 11.26 -15.69 -23.83
N PHE B 242 10.85 -16.93 -23.58
CA PHE B 242 11.43 -18.09 -24.24
C PHE B 242 10.35 -18.97 -24.85
N PRO B 243 10.72 -19.82 -25.83
CA PRO B 243 9.74 -20.75 -26.43
C PRO B 243 9.08 -21.65 -25.40
N GLY B 244 7.78 -21.86 -25.51
CA GLY B 244 7.06 -22.66 -24.54
C GLY B 244 5.60 -22.87 -24.89
N GLN B 245 5.02 -23.90 -24.28
CA GLN B 245 3.64 -24.28 -24.53
C GLN B 245 2.67 -23.59 -23.58
N LEU B 246 3.10 -23.43 -22.33
CA LEU B 246 2.23 -22.97 -21.25
C LEU B 246 2.42 -21.49 -20.94
N ASN B 247 1.31 -20.77 -20.87
CA ASN B 247 1.30 -19.36 -20.49
C ASN B 247 2.33 -18.55 -21.28
N ALA B 248 2.38 -18.81 -22.59
CA ALA B 248 3.40 -18.21 -23.44
C ALA B 248 3.14 -16.73 -23.71
N ASP B 249 1.90 -16.29 -23.51
CA ASP B 249 1.55 -14.88 -23.66
C ASP B 249 0.71 -14.43 -22.47
N LEU B 250 0.47 -13.13 -22.38
CA LEU B 250 -0.19 -12.54 -21.22
C LEU B 250 -1.66 -12.96 -21.08
N ARG B 251 -2.35 -13.15 -22.20
N ARG B 251 -2.34 -13.15 -22.21
CA ARG B 251 -3.77 -13.46 -22.16
CA ARG B 251 -3.77 -13.47 -22.18
C ARG B 251 -4.01 -14.91 -21.75
C ARG B 251 -4.00 -14.91 -21.75
N LYS B 252 -3.23 -15.83 -22.32
CA LYS B 252 -3.35 -17.25 -21.99
C LYS B 252 -3.02 -17.46 -20.51
N LEU B 253 -2.11 -16.66 -19.98
CA LEU B 253 -1.80 -16.70 -18.56
C LEU B 253 -3.01 -16.26 -17.76
N ALA B 254 -3.62 -15.16 -18.19
CA ALA B 254 -4.79 -14.61 -17.49
C ALA B 254 -5.93 -15.62 -17.47
N VAL B 255 -6.14 -16.30 -18.61
CA VAL B 255 -7.23 -17.27 -18.74
C VAL B 255 -6.98 -18.47 -17.82
N ASN B 256 -5.71 -18.82 -17.62
CA ASN B 256 -5.37 -19.94 -16.77
C ASN B 256 -5.39 -19.58 -15.29
N MET B 257 -5.07 -18.34 -14.97
CA MET B 257 -4.85 -17.95 -13.57
C MET B 257 -6.03 -17.25 -12.91
N VAL B 258 -6.92 -16.66 -13.72
CA VAL B 258 -7.96 -15.77 -13.21
C VAL B 258 -9.38 -16.33 -13.41
N PRO B 259 -9.88 -17.11 -12.43
CA PRO B 259 -11.23 -17.69 -12.56
C PRO B 259 -12.33 -16.66 -12.43
N PHE B 260 -12.05 -15.58 -11.70
CA PHE B 260 -12.99 -14.48 -11.55
C PHE B 260 -12.23 -13.16 -11.72
N PRO B 261 -12.85 -12.19 -12.40
CA PRO B 261 -12.13 -11.00 -12.86
C PRO B 261 -11.44 -10.19 -11.76
N ARG B 262 -12.09 -10.05 -10.60
CA ARG B 262 -11.53 -9.25 -9.52
C ARG B 262 -10.42 -9.96 -8.76
N LEU B 263 -10.45 -11.29 -8.78
CA LEU B 263 -9.47 -12.08 -8.05
C LEU B 263 -8.27 -12.42 -8.94
N HIS B 264 -7.44 -11.42 -9.19
CA HIS B 264 -6.28 -11.57 -10.08
C HIS B 264 -4.99 -11.10 -9.43
N PHE B 265 -4.96 -11.19 -8.11
CA PHE B 265 -3.79 -10.79 -7.33
C PHE B 265 -2.97 -12.02 -6.94
N PHE B 266 -1.81 -12.14 -7.57
CA PHE B 266 -1.01 -13.36 -7.47
C PHE B 266 0.05 -13.27 -6.37
N MET B 267 0.32 -14.42 -5.78
CA MET B 267 1.33 -14.56 -4.74
C MET B 267 2.57 -15.25 -5.33
N PRO B 268 3.63 -14.48 -5.63
CA PRO B 268 4.80 -15.10 -6.28
C PRO B 268 5.73 -15.81 -5.30
N GLY B 269 6.47 -16.79 -5.80
CA GLY B 269 7.45 -17.52 -5.01
C GLY B 269 8.67 -17.88 -5.84
N PHE B 270 9.80 -18.06 -5.19
CA PHE B 270 11.05 -18.34 -5.88
C PHE B 270 11.94 -19.28 -5.09
N ALA B 271 12.67 -20.13 -5.80
CA ALA B 271 13.62 -21.05 -5.18
C ALA B 271 14.75 -21.37 -6.15
N PRO B 272 15.99 -21.48 -5.65
CA PRO B 272 16.42 -21.29 -4.25
C PRO B 272 16.56 -19.82 -3.90
N LEU B 273 16.28 -19.47 -2.64
CA LEU B 273 16.50 -18.12 -2.16
C LEU B 273 17.99 -17.87 -1.96
N THR B 274 18.48 -16.82 -2.63
CA THR B 274 19.89 -16.47 -2.59
C THR B 274 20.06 -14.99 -2.27
N SER B 275 21.21 -14.62 -1.73
CA SER B 275 21.60 -13.23 -1.56
C SER B 275 22.63 -12.89 -2.62
N ARG B 276 22.85 -11.60 -2.87
CA ARG B 276 23.81 -11.17 -3.87
C ARG B 276 25.24 -11.55 -3.50
N GLY B 277 25.95 -12.14 -4.46
CA GLY B 277 27.34 -12.53 -4.23
C GLY B 277 27.47 -13.81 -3.42
N SER B 278 26.35 -14.40 -3.03
CA SER B 278 26.37 -15.65 -2.29
C SER B 278 27.07 -16.72 -3.12
N GLN B 279 26.65 -16.84 -4.37
CA GLN B 279 27.29 -17.73 -5.33
C GLN B 279 27.38 -19.16 -4.80
N GLN B 280 26.23 -19.78 -4.56
CA GLN B 280 26.20 -21.12 -3.98
C GLN B 280 26.60 -22.15 -5.03
N TYR B 281 27.17 -23.27 -4.57
CA TYR B 281 27.88 -24.18 -5.44
C TYR B 281 27.13 -25.49 -5.70
N ARG B 282 26.28 -25.89 -4.76
CA ARG B 282 25.48 -27.10 -4.93
C ARG B 282 24.11 -26.81 -5.51
N ALA B 283 23.86 -27.35 -6.70
CA ALA B 283 22.54 -27.23 -7.32
C ALA B 283 21.52 -27.96 -6.46
N LEU B 284 20.27 -27.49 -6.51
CA LEU B 284 19.18 -28.17 -5.81
C LEU B 284 18.65 -29.33 -6.65
N THR B 285 18.19 -30.37 -5.97
CA THR B 285 17.53 -31.48 -6.64
C THR B 285 16.09 -31.07 -6.93
N VAL B 286 15.49 -31.67 -7.95
CA VAL B 286 14.13 -31.31 -8.35
C VAL B 286 13.17 -31.42 -7.15
N PRO B 287 13.32 -32.45 -6.30
CA PRO B 287 12.50 -32.47 -5.10
C PRO B 287 12.73 -31.27 -4.19
N GLU B 288 13.97 -30.81 -4.08
CA GLU B 288 14.27 -29.67 -3.22
C GLU B 288 13.62 -28.39 -3.74
N LEU B 289 13.69 -28.18 -5.06
CA LEU B 289 13.05 -27.04 -5.70
C LEU B 289 11.56 -27.01 -5.40
N THR B 290 10.93 -28.18 -5.53
CA THR B 290 9.48 -28.27 -5.42
C THR B 290 8.99 -28.01 -3.99
N GLN B 291 9.74 -28.48 -2.99
CA GLN B 291 9.34 -28.28 -1.61
C GLN B 291 9.53 -26.82 -1.19
N GLN B 292 10.56 -26.18 -1.72
CA GLN B 292 10.90 -24.81 -1.35
C GLN B 292 10.03 -23.78 -2.07
N MET B 293 9.72 -24.04 -3.34
CA MET B 293 8.91 -23.11 -4.12
C MET B 293 7.52 -22.96 -3.53
N PHE B 294 7.02 -24.03 -2.90
CA PHE B 294 5.71 -24.02 -2.26
C PHE B 294 5.78 -23.61 -0.78
N ASP B 295 6.99 -23.46 -0.26
CA ASP B 295 7.17 -23.12 1.14
C ASP B 295 6.77 -21.67 1.38
N SER B 296 6.10 -21.44 2.50
CA SER B 296 5.67 -20.09 2.88
C SER B 296 6.83 -19.12 2.96
N LYS B 297 8.00 -19.63 3.36
CA LYS B 297 9.19 -18.80 3.52
C LYS B 297 9.74 -18.29 2.19
N ASN B 298 9.24 -18.83 1.09
CA ASN B 298 9.70 -18.44 -0.25
C ASN B 298 8.69 -17.57 -0.98
N MET B 299 7.55 -17.29 -0.34
CA MET B 299 6.52 -16.45 -0.92
C MET B 299 6.90 -14.96 -0.80
N MET B 300 6.71 -14.22 -1.88
CA MET B 300 7.04 -12.80 -1.91
C MET B 300 5.89 -11.93 -1.39
N ALA B 301 4.82 -12.59 -0.94
CA ALA B 301 3.71 -11.91 -0.28
C ALA B 301 3.48 -12.52 1.10
N ALA B 302 3.47 -11.67 2.13
CA ALA B 302 3.43 -12.15 3.50
C ALA B 302 2.08 -12.76 3.85
N CYS B 303 1.79 -13.90 3.23
CA CYS B 303 0.56 -14.64 3.48
C CYS B 303 0.88 -16.12 3.67
N ASP B 304 0.18 -16.75 4.61
CA ASP B 304 0.32 -18.18 4.85
C ASP B 304 -0.61 -18.92 3.89
N PRO B 305 -0.06 -19.67 2.93
CA PRO B 305 -0.93 -20.38 2.00
C PRO B 305 -1.79 -21.45 2.68
N ARG B 306 -1.36 -21.93 3.84
CA ARG B 306 -2.12 -22.92 4.58
C ARG B 306 -3.34 -22.31 5.27
N HIS B 307 -3.45 -20.98 5.21
CA HIS B 307 -4.60 -20.28 5.78
C HIS B 307 -5.69 -20.05 4.73
N GLY B 308 -5.43 -20.48 3.49
CA GLY B 308 -6.38 -20.35 2.41
C GLY B 308 -6.34 -21.52 1.47
N ARG B 309 -6.90 -21.34 0.28
CA ARG B 309 -6.88 -22.38 -0.75
C ARG B 309 -6.40 -21.81 -2.08
N TYR B 310 -5.71 -22.65 -2.85
CA TYR B 310 -5.22 -22.28 -4.17
C TYR B 310 -6.31 -22.43 -5.23
N LEU B 311 -6.62 -21.34 -5.92
CA LEU B 311 -7.54 -21.38 -7.04
C LEU B 311 -6.82 -21.89 -8.28
N THR B 312 -5.63 -21.36 -8.50
CA THR B 312 -4.80 -21.70 -9.65
C THR B 312 -3.33 -21.55 -9.28
N VAL B 313 -2.47 -22.29 -9.98
CA VAL B 313 -1.02 -22.24 -9.74
C VAL B 313 -0.27 -22.38 -11.05
N ALA B 314 0.82 -21.62 -11.17
CA ALA B 314 1.74 -21.74 -12.30
C ALA B 314 3.16 -21.91 -11.80
N ALA B 315 3.77 -23.05 -12.14
CA ALA B 315 5.13 -23.35 -11.73
C ALA B 315 6.05 -23.38 -12.94
N ILE B 316 7.21 -22.73 -12.80
CA ILE B 316 8.18 -22.64 -13.90
C ILE B 316 9.55 -23.10 -13.43
N PHE B 317 10.00 -24.23 -13.96
CA PHE B 317 11.31 -24.78 -13.63
C PHE B 317 12.34 -24.41 -14.70
N ARG B 318 13.49 -23.90 -14.27
CA ARG B 318 14.54 -23.46 -15.18
C ARG B 318 15.83 -24.25 -14.99
N GLY B 319 16.40 -24.70 -16.11
CA GLY B 319 17.65 -25.43 -16.10
C GLY B 319 17.50 -26.85 -16.64
N ARG B 320 18.64 -27.48 -16.93
CA ARG B 320 18.64 -28.86 -17.41
C ARG B 320 18.31 -29.83 -16.28
N MET B 321 17.16 -30.47 -16.40
CA MET B 321 16.69 -31.42 -15.39
C MET B 321 15.74 -32.44 -16.01
N SER B 322 15.34 -33.43 -15.21
CA SER B 322 14.45 -34.48 -15.68
C SER B 322 13.00 -34.03 -15.67
N MET B 323 12.43 -33.84 -16.85
CA MET B 323 11.03 -33.44 -16.96
C MET B 323 10.13 -34.51 -16.34
N LYS B 324 10.60 -35.75 -16.34
CA LYS B 324 9.91 -36.85 -15.68
C LYS B 324 9.86 -36.62 -14.17
N GLU B 325 10.98 -36.22 -13.60
CA GLU B 325 11.08 -36.03 -12.16
C GLU B 325 10.29 -34.79 -11.73
N VAL B 326 10.27 -33.78 -12.57
CA VAL B 326 9.51 -32.56 -12.31
C VAL B 326 8.02 -32.90 -12.21
N ASP B 327 7.51 -33.61 -13.22
CA ASP B 327 6.11 -34.00 -13.25
C ASP B 327 5.75 -34.81 -12.02
N GLU B 328 6.61 -35.77 -11.68
CA GLU B 328 6.38 -36.61 -10.52
C GLU B 328 6.30 -35.79 -9.24
N GLN B 329 7.26 -34.88 -9.06
CA GLN B 329 7.32 -34.06 -7.86
C GLN B 329 6.15 -33.07 -7.79
N MET B 330 5.76 -32.52 -8.94
CA MET B 330 4.63 -31.61 -8.97
C MET B 330 3.34 -32.36 -8.65
N LEU B 331 3.19 -33.55 -9.20
CA LEU B 331 2.04 -34.40 -8.90
C LEU B 331 2.06 -34.80 -7.42
N ASN B 332 3.27 -34.95 -6.88
CA ASN B 332 3.43 -35.34 -5.49
C ASN B 332 2.94 -34.26 -4.52
N VAL B 333 3.21 -33.00 -4.85
CA VAL B 333 2.74 -31.88 -4.02
C VAL B 333 1.22 -31.84 -3.94
N GLN B 334 0.57 -31.87 -5.10
CA GLN B 334 -0.87 -31.79 -5.18
C GLN B 334 -1.53 -32.96 -4.46
N ASN B 335 -1.03 -34.17 -4.69
CA ASN B 335 -1.62 -35.37 -4.12
C ASN B 335 -1.37 -35.50 -2.60
N LYS B 336 -0.31 -34.86 -2.12
CA LYS B 336 0.03 -34.90 -0.69
C LYS B 336 -0.67 -33.80 0.10
N ASN B 337 -1.11 -32.75 -0.61
CA ASN B 337 -1.79 -31.62 0.02
C ASN B 337 -3.00 -31.18 -0.77
N SER B 338 -3.76 -32.16 -1.26
CA SER B 338 -4.89 -31.90 -2.14
CA SER B 338 -4.89 -31.90 -2.14
C SER B 338 -5.94 -31.00 -1.50
N SER B 339 -5.95 -30.93 -0.17
CA SER B 339 -6.95 -30.15 0.55
C SER B 339 -6.77 -28.65 0.32
N TYR B 340 -5.56 -28.24 -0.06
CA TYR B 340 -5.24 -26.83 -0.22
C TYR B 340 -5.48 -26.33 -1.64
N PHE B 341 -5.92 -27.22 -2.52
CA PHE B 341 -6.29 -26.86 -3.89
C PHE B 341 -7.79 -27.09 -4.09
N VAL B 342 -8.48 -26.05 -4.54
CA VAL B 342 -9.94 -26.14 -4.69
C VAL B 342 -10.30 -27.29 -5.62
N GLU B 343 -11.27 -28.11 -5.18
CA GLU B 343 -11.66 -29.29 -5.93
C GLU B 343 -12.55 -28.95 -7.12
N TRP B 344 -13.11 -27.74 -7.12
CA TRP B 344 -14.04 -27.33 -8.16
C TRP B 344 -13.34 -26.64 -9.34
N ILE B 345 -12.02 -26.65 -9.32
CA ILE B 345 -11.22 -26.32 -10.51
C ILE B 345 -10.22 -27.45 -10.73
N PRO B 346 -10.62 -28.48 -11.49
CA PRO B 346 -9.76 -29.64 -11.73
C PRO B 346 -8.44 -29.29 -12.41
N ASN B 347 -7.35 -29.90 -11.95
CA ASN B 347 -6.05 -29.76 -12.60
C ASN B 347 -5.63 -28.30 -12.69
N ASN B 348 -5.78 -27.59 -11.58
CA ASN B 348 -5.55 -26.15 -11.55
C ASN B 348 -4.08 -25.78 -11.43
N VAL B 349 -3.20 -26.77 -11.38
CA VAL B 349 -1.75 -26.55 -11.33
C VAL B 349 -1.10 -26.87 -12.67
N LYS B 350 -0.50 -25.87 -13.29
CA LYS B 350 0.18 -26.03 -14.57
C LYS B 350 1.67 -25.77 -14.43
N THR B 351 2.47 -26.59 -15.12
CA THR B 351 3.92 -26.57 -14.98
C THR B 351 4.61 -26.36 -16.33
N ALA B 352 5.68 -25.57 -16.29
CA ALA B 352 6.48 -25.31 -17.48
C ALA B 352 7.96 -25.55 -17.17
N VAL B 353 8.73 -25.88 -18.19
CA VAL B 353 10.16 -26.11 -18.05
C VAL B 353 10.92 -25.36 -19.13
N CYS B 354 11.95 -24.63 -18.71
CA CYS B 354 12.82 -23.90 -19.63
C CYS B 354 14.26 -24.37 -19.44
N ASP B 355 14.93 -24.69 -20.55
CA ASP B 355 16.28 -25.24 -20.50
C ASP B 355 17.30 -24.23 -20.00
N ILE B 356 17.05 -22.95 -20.26
CA ILE B 356 17.99 -21.90 -19.88
C ILE B 356 17.77 -21.45 -18.43
N PRO B 357 18.80 -21.60 -17.58
CA PRO B 357 18.68 -21.17 -16.19
C PRO B 357 19.01 -19.69 -15.99
N PRO B 358 18.65 -19.11 -14.83
CA PRO B 358 19.07 -17.76 -14.51
C PRO B 358 20.54 -17.71 -14.09
N ARG B 359 21.20 -16.58 -14.34
CA ARG B 359 22.62 -16.46 -14.06
C ARG B 359 22.94 -16.76 -12.60
N GLY B 360 23.97 -17.58 -12.39
CA GLY B 360 24.43 -17.91 -11.06
C GLY B 360 23.81 -19.18 -10.49
N LEU B 361 22.94 -19.81 -11.27
CA LEU B 361 22.24 -21.02 -10.84
C LEU B 361 22.17 -22.07 -11.95
N LYS B 362 22.29 -23.33 -11.57
CA LYS B 362 22.09 -24.44 -12.50
C LYS B 362 20.62 -24.82 -12.53
N MET B 363 19.96 -24.66 -11.38
CA MET B 363 18.57 -25.05 -11.19
C MET B 363 17.80 -23.97 -10.43
N SER B 364 16.58 -23.71 -10.85
CA SER B 364 15.70 -22.76 -10.15
C SER B 364 14.24 -23.00 -10.49
N ALA B 365 13.36 -22.55 -9.61
CA ALA B 365 11.93 -22.71 -9.81
C ALA B 365 11.17 -21.47 -9.35
N THR B 366 10.23 -21.02 -10.18
CA THR B 366 9.40 -19.87 -9.85
C THR B 366 7.95 -20.28 -9.68
N PHE B 367 7.32 -19.73 -8.65
CA PHE B 367 5.96 -20.06 -8.27
C PHE B 367 5.04 -18.86 -8.47
N ILE B 368 3.85 -19.10 -9.01
CA ILE B 368 2.83 -18.07 -9.13
C ILE B 368 1.49 -18.65 -8.68
N GLY B 369 1.01 -18.20 -7.53
CA GLY B 369 -0.21 -18.75 -6.93
C GLY B 369 -1.32 -17.73 -6.76
N ASN B 370 -2.49 -18.07 -7.27
CA ASN B 370 -3.71 -17.32 -6.97
C ASN B 370 -4.41 -17.95 -5.78
N SER B 371 -3.99 -17.56 -4.58
CA SER B 371 -4.52 -18.12 -3.35
C SER B 371 -5.49 -17.16 -2.66
N THR B 372 -6.49 -17.72 -1.98
CA THR B 372 -7.43 -16.92 -1.22
C THR B 372 -6.76 -16.36 0.03
N ALA B 373 -5.60 -16.89 0.36
CA ALA B 373 -4.84 -16.43 1.52
C ALA B 373 -4.26 -15.03 1.30
N ILE B 374 -4.32 -14.54 0.06
CA ILE B 374 -3.82 -13.20 -0.25
C ILE B 374 -4.66 -12.15 0.47
N GLN B 375 -5.85 -12.54 0.91
CA GLN B 375 -6.73 -11.65 1.65
C GLN B 375 -6.04 -11.13 2.91
N GLU B 376 -5.12 -11.92 3.44
CA GLU B 376 -4.36 -11.53 4.63
C GLU B 376 -3.59 -10.25 4.37
N LEU B 377 -3.11 -10.10 3.15
CA LEU B 377 -2.39 -8.91 2.74
C LEU B 377 -3.32 -7.70 2.78
N PHE B 378 -4.48 -7.84 2.16
CA PHE B 378 -5.42 -6.73 2.05
C PHE B 378 -6.05 -6.41 3.41
N LYS B 379 -6.20 -7.42 4.25
CA LYS B 379 -6.66 -7.23 5.62
C LYS B 379 -5.70 -6.34 6.38
N ARG B 380 -4.42 -6.69 6.32
CA ARG B 380 -3.36 -5.95 6.97
C ARG B 380 -3.40 -4.46 6.59
N ILE B 381 -3.42 -4.19 5.28
CA ILE B 381 -3.49 -2.82 4.79
C ILE B 381 -4.77 -2.13 5.26
N SER B 382 -5.85 -2.91 5.36
CA SER B 382 -7.15 -2.35 5.76
C SER B 382 -7.15 -1.96 7.24
N GLU B 383 -6.45 -2.74 8.05
CA GLU B 383 -6.34 -2.44 9.49
C GLU B 383 -5.54 -1.16 9.71
N GLN B 384 -4.43 -1.04 8.99
CA GLN B 384 -3.58 0.14 9.08
C GLN B 384 -4.32 1.37 8.59
N PHE B 385 -5.17 1.17 7.58
CA PHE B 385 -5.95 2.25 6.99
C PHE B 385 -6.99 2.76 7.98
N THR B 386 -7.78 1.85 8.53
CA THR B 386 -8.86 2.21 9.44
C THR B 386 -8.34 2.86 10.72
N ALA B 387 -7.17 2.43 11.17
CA ALA B 387 -6.59 2.95 12.40
C ALA B 387 -6.41 4.46 12.32
N MET B 388 -6.05 4.95 11.14
CA MET B 388 -5.88 6.38 10.93
C MET B 388 -7.17 7.05 10.50
N PHE B 389 -7.90 6.40 9.61
CA PHE B 389 -9.08 7.01 8.98
C PHE B 389 -10.22 7.23 9.97
N ARG B 390 -10.29 6.41 11.01
CA ARG B 390 -11.32 6.57 12.04
C ARG B 390 -11.19 7.92 12.76
N ARG B 391 -9.99 8.51 12.70
CA ARG B 391 -9.73 9.83 13.27
C ARG B 391 -9.41 10.85 12.18
N LYS B 392 -9.58 10.44 10.92
CA LYS B 392 -9.35 11.31 9.77
C LYS B 392 -7.94 11.89 9.81
N ALA B 393 -7.01 11.11 10.33
CA ALA B 393 -5.64 11.57 10.51
C ALA B 393 -4.92 11.70 9.16
N PHE B 394 -4.14 12.77 9.02
CA PHE B 394 -3.32 13.00 7.84
C PHE B 394 -4.12 13.19 6.54
N LEU B 395 -5.43 13.36 6.64
CA LEU B 395 -6.26 13.53 5.45
C LEU B 395 -6.08 14.90 4.81
N HIS B 396 -5.64 15.88 5.59
CA HIS B 396 -5.52 17.24 5.08
C HIS B 396 -4.55 17.28 3.90
N TRP B 397 -3.56 16.38 3.89
CA TRP B 397 -2.65 16.28 2.75
C TRP B 397 -3.41 15.95 1.46
N TYR B 398 -4.55 15.26 1.60
CA TYR B 398 -5.31 14.77 0.46
C TYR B 398 -6.45 15.72 0.09
N THR B 399 -7.15 16.22 1.10
CA THR B 399 -8.23 17.19 0.86
C THR B 399 -7.66 18.47 0.25
N GLY B 400 -6.41 18.77 0.56
CA GLY B 400 -5.74 19.92 0.00
C GLY B 400 -5.51 19.80 -1.50
N GLU B 401 -5.62 18.58 -2.03
CA GLU B 401 -5.43 18.34 -3.45
C GLU B 401 -6.77 18.13 -4.16
N GLY B 402 -7.87 18.32 -3.43
CA GLY B 402 -9.20 18.28 -4.01
C GLY B 402 -10.01 17.05 -3.64
N MET B 403 -9.38 16.11 -2.94
CA MET B 403 -10.07 14.86 -2.61
C MET B 403 -11.09 15.02 -1.50
N ASP B 404 -12.13 14.22 -1.56
CA ASP B 404 -13.17 14.18 -0.55
C ASP B 404 -13.04 12.91 0.29
N GLU B 405 -13.49 12.97 1.54
CA GLU B 405 -13.42 11.82 2.43
C GLU B 405 -14.21 10.64 1.88
N MET B 406 -15.22 10.93 1.05
CA MET B 406 -16.03 9.89 0.45
C MET B 406 -15.18 8.93 -0.39
N GLU B 407 -14.24 9.49 -1.14
CA GLU B 407 -13.41 8.69 -2.03
C GLU B 407 -12.58 7.67 -1.26
N PHE B 408 -12.19 8.04 -0.04
CA PHE B 408 -11.49 7.13 0.86
C PHE B 408 -12.43 6.03 1.34
N THR B 409 -13.65 6.42 1.68
CA THR B 409 -14.66 5.48 2.15
C THR B 409 -14.98 4.44 1.09
N GLU B 410 -15.12 4.89 -0.16
CA GLU B 410 -15.41 3.99 -1.27
C GLU B 410 -14.26 3.03 -1.52
N ALA B 411 -13.04 3.55 -1.45
CA ALA B 411 -11.84 2.74 -1.66
C ALA B 411 -11.73 1.66 -0.60
N GLU B 412 -11.95 2.04 0.66
CA GLU B 412 -11.91 1.10 1.78
C GLU B 412 -12.96 0.00 1.61
N SER B 413 -14.17 0.39 1.22
CA SER B 413 -15.27 -0.56 1.09
CA SER B 413 -15.27 -0.55 1.09
C SER B 413 -15.00 -1.58 -0.01
N ASN B 414 -14.42 -1.14 -1.12
CA ASN B 414 -14.16 -2.04 -2.23
C ASN B 414 -13.07 -3.05 -1.87
N MET B 415 -12.08 -2.62 -1.08
CA MET B 415 -11.02 -3.53 -0.65
C MET B 415 -11.58 -4.54 0.33
N ASN B 416 -12.45 -4.08 1.23
CA ASN B 416 -13.12 -4.98 2.18
C ASN B 416 -14.05 -5.94 1.46
N ASP B 417 -14.53 -5.54 0.28
CA ASP B 417 -15.34 -6.43 -0.55
C ASP B 417 -14.44 -7.48 -1.19
N LEU B 418 -13.26 -7.06 -1.64
CA LEU B 418 -12.30 -7.99 -2.22
C LEU B 418 -11.95 -9.07 -1.22
N VAL B 419 -11.71 -8.68 0.03
CA VAL B 419 -11.35 -9.61 1.09
C VAL B 419 -12.46 -10.63 1.33
N SER B 420 -13.70 -10.17 1.28
CA SER B 420 -14.84 -11.04 1.54
C SER B 420 -15.07 -11.97 0.35
N GLU B 421 -14.72 -11.53 -0.84
N GLU B 421 -14.72 -11.52 -0.84
CA GLU B 421 -14.88 -12.35 -2.04
CA GLU B 421 -14.87 -12.35 -2.04
C GLU B 421 -13.87 -13.50 -2.03
C GLU B 421 -13.87 -13.50 -2.03
N TYR B 422 -12.69 -13.25 -1.47
CA TYR B 422 -11.69 -14.31 -1.34
C TYR B 422 -12.13 -15.32 -0.29
N GLN B 423 -12.75 -14.82 0.77
CA GLN B 423 -13.23 -15.67 1.86
C GLN B 423 -14.40 -16.52 1.40
N GLN B 424 -15.13 -16.02 0.41
CA GLN B 424 -16.27 -16.73 -0.15
C GLN B 424 -15.84 -18.02 -0.83
N TYR B 425 -14.75 -17.97 -1.60
CA TYR B 425 -14.28 -19.14 -2.35
C TYR B 425 -13.34 -20.01 -1.52
N GLN B 426 -12.87 -19.48 -0.39
CA GLN B 426 -12.02 -20.24 0.52
C GLN B 426 -12.86 -21.25 1.30
N ASP B 427 -14.15 -20.97 1.42
CA ASP B 427 -15.09 -21.84 2.13
C ASP B 427 -15.96 -22.64 1.17
N ALA B 428 -15.96 -22.25 -0.11
CA ALA B 428 -16.79 -22.91 -1.11
C ALA B 428 -16.40 -24.37 -1.31
N THR B 429 -17.40 -25.22 -1.52
CA THR B 429 -17.18 -26.66 -1.72
C THR B 429 -17.91 -27.14 -2.98
N ALA B 430 -17.52 -28.32 -3.46
CA ALA B 430 -18.12 -28.92 -4.64
C ALA B 430 -19.16 -29.97 -4.23
N MET C 1 16.54 24.47 -8.51
CA MET C 1 15.27 23.74 -8.18
C MET C 1 15.18 23.49 -6.68
N ARG C 2 13.95 23.51 -6.17
CA ARG C 2 13.68 23.31 -4.74
C ARG C 2 14.38 24.37 -3.89
N GLU C 3 14.44 25.59 -4.39
CA GLU C 3 15.03 26.69 -3.64
C GLU C 3 14.22 26.99 -2.39
N CYS C 4 14.89 27.54 -1.38
CA CYS C 4 14.26 27.91 -0.12
CA CYS C 4 14.26 27.91 -0.13
C CYS C 4 14.73 29.28 0.32
N ILE C 5 13.79 30.22 0.41
CA ILE C 5 14.08 31.58 0.82
C ILE C 5 13.91 31.74 2.32
N SER C 6 14.92 32.28 2.99
CA SER C 6 14.86 32.53 4.42
C SER C 6 14.53 33.98 4.70
N ILE C 7 13.63 34.22 5.64
CA ILE C 7 13.26 35.56 6.04
C ILE C 7 13.49 35.73 7.53
N HIS C 8 14.34 36.69 7.87
CA HIS C 8 14.72 36.95 9.25
C HIS C 8 14.14 38.27 9.73
N VAL C 9 13.26 38.20 10.72
CA VAL C 9 12.47 39.34 11.16
C VAL C 9 12.80 39.74 12.60
N GLY C 10 13.09 41.02 12.81
CA GLY C 10 13.38 41.52 14.14
C GLY C 10 14.77 41.13 14.61
N GLN C 11 15.12 41.58 15.82
CA GLN C 11 16.44 41.34 16.37
C GLN C 11 16.74 39.85 16.45
N ALA C 12 15.89 39.10 17.14
CA ALA C 12 16.11 37.68 17.34
C ALA C 12 16.26 36.95 16.00
N GLY C 13 15.33 37.22 15.10
CA GLY C 13 15.36 36.61 13.78
C GLY C 13 16.66 36.91 13.05
N VAL C 14 17.06 38.17 13.06
CA VAL C 14 18.26 38.60 12.36
C VAL C 14 19.52 37.99 12.98
N GLN C 15 19.66 38.11 14.29
CA GLN C 15 20.87 37.64 14.96
C GLN C 15 21.00 36.13 14.90
N ILE C 16 19.87 35.43 14.89
CA ILE C 16 19.88 33.99 14.69
C ILE C 16 20.24 33.69 13.24
N GLY C 17 19.80 34.57 12.33
CA GLY C 17 20.17 34.47 10.93
C GLY C 17 21.67 34.59 10.73
N ASN C 18 22.30 35.49 11.48
CA ASN C 18 23.76 35.65 11.42
C ASN C 18 24.46 34.35 11.79
N ALA C 19 24.00 33.73 12.86
CA ALA C 19 24.59 32.48 13.33
C ALA C 19 24.40 31.37 12.29
N CYS C 20 23.17 31.22 11.82
CA CYS C 20 22.83 30.17 10.88
C CYS C 20 23.64 30.26 9.59
N TRP C 21 23.67 31.45 8.99
CA TRP C 21 24.34 31.61 7.70
C TRP C 21 25.85 31.50 7.85
N GLU C 22 26.39 31.98 8.97
CA GLU C 22 27.81 31.80 9.23
C GLU C 22 28.10 30.31 9.25
N LEU C 23 27.23 29.56 9.92
CA LEU C 23 27.40 28.12 10.06
C LEU C 23 27.24 27.41 8.70
N TYR C 24 26.26 27.82 7.91
CA TYR C 24 26.05 27.25 6.59
C TYR C 24 27.31 27.42 5.73
N CYS C 25 27.87 28.62 5.76
CA CYS C 25 29.05 28.92 4.97
C CYS C 25 30.21 28.00 5.34
N LEU C 26 30.44 27.81 6.64
CA LEU C 26 31.51 26.94 7.08
C LEU C 26 31.24 25.49 6.71
N GLU C 27 29.97 25.11 6.65
CA GLU C 27 29.61 23.73 6.32
C GLU C 27 29.83 23.43 4.85
N HIS C 28 29.63 24.44 4.01
CA HIS C 28 29.74 24.26 2.56
C HIS C 28 31.09 24.74 2.01
N GLY C 29 31.89 25.38 2.87
CA GLY C 29 33.19 25.87 2.45
C GLY C 29 33.08 27.17 1.68
N ILE C 30 32.15 28.02 2.10
CA ILE C 30 31.96 29.33 1.48
C ILE C 30 32.64 30.41 2.32
N GLN C 31 33.45 31.23 1.66
CA GLN C 31 34.20 32.29 2.33
C GLN C 31 33.31 33.50 2.62
N PRO C 32 33.76 34.39 3.51
CA PRO C 32 32.97 35.59 3.84
C PRO C 32 32.69 36.50 2.64
N ASP C 33 33.50 36.39 1.59
CA ASP C 33 33.29 37.18 0.38
C ASP C 33 32.40 36.44 -0.61
N GLY C 34 31.86 35.30 -0.18
CA GLY C 34 30.91 34.54 -0.97
C GLY C 34 31.55 33.52 -1.89
N GLN C 35 32.88 33.53 -1.98
CA GLN C 35 33.58 32.61 -2.87
C GLN C 35 33.57 31.19 -2.31
N MET C 36 33.52 30.22 -3.21
CA MET C 36 33.46 28.80 -2.86
C MET C 36 34.35 28.00 -3.82
N PRO C 37 35.65 27.87 -3.50
CA PRO C 37 36.63 27.21 -4.38
C PRO C 37 36.21 25.83 -4.87
N SER C 38 35.49 25.08 -4.05
CA SER C 38 35.11 23.72 -4.39
C SER C 38 34.04 23.68 -5.48
N ASP C 39 33.34 24.80 -5.66
CA ASP C 39 32.27 24.88 -6.65
C ASP C 39 32.85 25.21 -8.03
N LYS C 40 32.85 24.23 -8.92
CA LYS C 40 33.48 24.38 -10.23
C LYS C 40 32.53 24.91 -11.30
N THR C 41 31.23 24.94 -10.97
CA THR C 41 30.23 25.51 -11.87
C THR C 41 29.98 26.97 -11.52
N ILE C 42 30.57 27.87 -12.31
CA ILE C 42 30.51 29.29 -12.03
C ILE C 42 29.20 29.89 -12.56
N GLY C 43 28.65 30.85 -11.81
CA GLY C 43 27.48 31.59 -12.25
C GLY C 43 26.16 30.91 -11.95
N GLY C 44 26.20 29.61 -11.66
CA GLY C 44 24.99 28.87 -11.36
C GLY C 44 25.25 27.39 -11.11
N GLY C 45 24.16 26.64 -10.97
CA GLY C 45 24.25 25.21 -10.74
C GLY C 45 22.98 24.68 -10.09
N ASP C 46 22.89 23.35 -9.97
CA ASP C 46 21.72 22.72 -9.35
C ASP C 46 22.14 21.72 -8.29
N ASP C 47 23.26 22.00 -7.62
CA ASP C 47 23.71 21.21 -6.49
C ASP C 47 22.79 21.44 -5.31
N SER C 48 23.03 20.70 -4.23
CA SER C 48 22.11 20.73 -3.10
C SER C 48 22.21 22.03 -2.31
N PHE C 49 23.41 22.59 -2.19
CA PHE C 49 23.58 23.83 -1.44
C PHE C 49 22.94 25.00 -2.18
N ASN C 50 22.61 24.80 -3.45
CA ASN C 50 21.99 25.86 -4.24
C ASN C 50 20.54 26.10 -3.86
N THR C 51 19.99 25.26 -3.00
CA THR C 51 18.66 25.48 -2.46
C THR C 51 18.66 26.68 -1.53
N PHE C 52 19.83 26.96 -0.94
CA PHE C 52 19.99 28.04 0.03
C PHE C 52 20.88 29.17 -0.50
N PHE C 53 21.68 28.87 -1.52
CA PHE C 53 22.60 29.86 -2.09
C PHE C 53 22.40 30.03 -3.60
N SER C 54 22.24 31.27 -4.03
CA SER C 54 22.26 31.60 -5.45
C SER C 54 23.70 31.89 -5.85
N GLU C 55 23.94 32.09 -7.15
CA GLU C 55 25.29 32.31 -7.64
C GLU C 55 25.37 33.43 -8.67
N THR C 56 26.31 34.36 -8.46
CA THR C 56 26.60 35.41 -9.43
C THR C 56 27.67 34.90 -10.40
N GLY C 57 27.80 35.58 -11.54
CA GLY C 57 28.78 35.22 -12.54
C GLY C 57 30.21 35.33 -12.03
N ALA C 58 30.40 36.18 -11.03
CA ALA C 58 31.72 36.41 -10.45
C ALA C 58 32.12 35.32 -9.46
N GLY C 59 31.25 34.32 -9.30
CA GLY C 59 31.53 33.19 -8.42
C GLY C 59 31.03 33.39 -7.01
N LYS C 60 30.33 34.49 -6.78
CA LYS C 60 29.78 34.82 -5.47
C LYS C 60 28.57 33.95 -5.14
N HIS C 61 28.58 33.31 -3.97
CA HIS C 61 27.45 32.53 -3.50
C HIS C 61 26.63 33.32 -2.49
N VAL C 62 25.44 33.73 -2.91
CA VAL C 62 24.62 34.65 -2.13
C VAL C 62 23.49 33.92 -1.41
N PRO C 63 23.35 34.12 -0.09
CA PRO C 63 22.20 33.58 0.63
C PRO C 63 20.86 33.98 0.03
N ARG C 64 19.99 33.00 -0.19
CA ARG C 64 18.62 33.30 -0.57
C ARG C 64 17.88 33.74 0.68
N ALA C 65 18.16 34.96 1.13
CA ALA C 65 17.63 35.43 2.40
C ALA C 65 17.29 36.90 2.37
N VAL C 66 16.32 37.28 3.21
CA VAL C 66 16.01 38.67 3.45
C VAL C 66 16.10 38.92 4.95
N PHE C 67 16.69 40.04 5.31
CA PHE C 67 16.73 40.48 6.70
C PHE C 67 15.88 41.73 6.84
N VAL C 68 14.98 41.74 7.80
CA VAL C 68 14.06 42.87 8.02
CA VAL C 68 14.12 42.90 8.02
C VAL C 68 13.97 43.22 9.51
N ASP C 69 14.07 44.50 9.82
CA ASP C 69 13.88 44.99 11.18
C ASP C 69 13.40 46.44 11.06
N LEU C 70 12.51 46.85 11.97
CA LEU C 70 11.92 48.18 11.87
C LEU C 70 12.84 49.27 12.44
N GLU C 71 13.99 48.86 12.97
CA GLU C 71 15.06 49.78 13.34
C GLU C 71 16.37 49.25 12.78
N PRO C 72 17.38 50.12 12.60
CA PRO C 72 18.56 49.77 11.81
C PRO C 72 19.75 49.18 12.56
N THR C 73 19.83 49.36 13.88
CA THR C 73 21.08 49.08 14.58
C THR C 73 21.52 47.61 14.52
N VAL C 74 20.57 46.69 14.56
CA VAL C 74 20.91 45.27 14.53
C VAL C 74 21.37 44.81 13.14
N ILE C 75 20.71 45.32 12.10
CA ILE C 75 21.07 44.95 10.74
C ILE C 75 22.31 45.74 10.26
N ASP C 76 22.52 46.93 10.82
CA ASP C 76 23.71 47.71 10.50
C ASP C 76 24.98 46.92 10.83
N GLU C 77 24.91 46.10 11.88
CA GLU C 77 26.06 45.30 12.29
C GLU C 77 26.32 44.18 11.29
N VAL C 78 25.29 43.77 10.57
CA VAL C 78 25.45 42.83 9.47
C VAL C 78 26.07 43.55 8.27
N ARG C 79 25.64 44.79 8.05
CA ARG C 79 26.11 45.58 6.92
C ARG C 79 27.59 45.93 7.00
N THR C 80 28.11 46.05 8.23
CA THR C 80 29.51 46.43 8.45
C THR C 80 30.33 45.26 9.00
N GLY C 81 29.68 44.13 9.22
CA GLY C 81 30.30 43.00 9.90
C GLY C 81 31.16 42.11 9.02
N THR C 82 31.48 40.94 9.56
CA THR C 82 32.40 40.00 8.91
C THR C 82 31.87 39.48 7.57
N TYR C 83 30.54 39.36 7.47
CA TYR C 83 29.91 38.77 6.28
C TYR C 83 29.12 39.81 5.50
N ARG C 84 29.58 41.06 5.55
CA ARG C 84 28.91 42.14 4.84
C ARG C 84 28.91 41.91 3.33
N GLN C 85 29.99 41.31 2.83
CA GLN C 85 30.12 41.03 1.41
C GLN C 85 29.18 39.92 0.96
N LEU C 86 28.76 39.09 1.91
CA LEU C 86 27.94 37.93 1.57
C LEU C 86 26.58 38.31 1.01
N PHE C 87 26.03 39.43 1.45
CA PHE C 87 24.68 39.84 1.08
C PHE C 87 24.66 41.06 0.17
N HIS C 88 23.69 41.10 -0.73
CA HIS C 88 23.41 42.29 -1.52
C HIS C 88 22.65 43.27 -0.63
N PRO C 89 23.00 44.57 -0.69
CA PRO C 89 22.40 45.56 0.21
C PRO C 89 20.86 45.54 0.23
N GLU C 90 20.25 45.21 -0.89
CA GLU C 90 18.80 45.18 -0.98
C GLU C 90 18.17 44.01 -0.22
N GLN C 91 19.01 43.05 0.21
CA GLN C 91 18.54 41.95 1.05
C GLN C 91 18.41 42.39 2.50
N LEU C 92 19.10 43.48 2.85
CA LEU C 92 19.12 43.99 4.20
C LEU C 92 18.25 45.25 4.31
N ILE C 93 17.04 45.06 4.82
CA ILE C 93 16.02 46.10 4.87
C ILE C 93 15.82 46.62 6.29
N THR C 94 15.73 47.93 6.45
CA THR C 94 15.59 48.54 7.77
C THR C 94 14.65 49.75 7.77
N GLY C 95 14.07 50.01 8.94
CA GLY C 95 13.30 51.22 9.17
C GLY C 95 14.08 52.15 10.07
N LYS C 96 13.36 53.05 10.76
CA LYS C 96 13.99 54.00 11.67
C LYS C 96 13.42 53.86 13.08
N GLU C 97 12.12 53.61 13.16
CA GLU C 97 11.43 53.48 14.43
C GLU C 97 10.93 52.05 14.59
N ASP C 98 11.28 51.39 15.68
CA ASP C 98 10.88 50.00 15.88
C ASP C 98 9.46 49.93 16.46
N ALA C 99 9.04 48.71 16.80
CA ALA C 99 7.67 48.48 17.22
C ALA C 99 7.48 48.66 18.72
N ALA C 100 8.57 48.96 19.42
CA ALA C 100 8.53 49.20 20.87
C ALA C 100 7.86 48.06 21.62
N ASN C 101 8.21 46.82 21.28
CA ASN C 101 7.65 45.65 21.93
C ASN C 101 6.13 45.64 21.91
N ASN C 102 5.57 46.17 20.82
CA ASN C 102 4.12 46.25 20.63
C ASN C 102 3.71 45.60 19.33
N TYR C 103 2.90 44.54 19.43
CA TYR C 103 2.41 43.82 18.26
C TYR C 103 1.64 44.74 17.31
N ALA C 104 0.88 45.67 17.88
CA ALA C 104 0.07 46.60 17.09
C ALA C 104 0.94 47.45 16.17
N ARG C 105 2.04 47.97 16.71
CA ARG C 105 2.94 48.81 15.92
C ARG C 105 3.63 47.99 14.84
N GLY C 106 3.92 46.72 15.15
CA GLY C 106 4.60 45.85 14.21
C GLY C 106 3.71 45.41 13.06
N HIS C 107 2.45 45.14 13.37
CA HIS C 107 1.50 44.67 12.36
C HIS C 107 0.85 45.85 11.62
N TYR C 108 0.60 46.95 12.33
CA TYR C 108 -0.14 48.08 11.76
C TYR C 108 0.72 49.34 11.63
N THR C 109 0.77 50.15 12.69
CA THR C 109 1.30 51.51 12.65
C THR C 109 2.62 51.64 11.88
N ILE C 110 3.64 50.93 12.33
CA ILE C 110 4.97 51.04 11.74
C ILE C 110 5.17 50.04 10.61
N GLY C 111 4.61 48.84 10.77
CA GLY C 111 4.82 47.77 9.82
C GLY C 111 4.24 48.02 8.45
N LYS C 112 3.11 48.71 8.39
CA LYS C 112 2.42 48.94 7.13
C LYS C 112 3.25 49.83 6.21
N GLU C 113 4.19 50.59 6.79
CA GLU C 113 4.99 51.54 6.04
C GLU C 113 6.12 50.89 5.26
N ILE C 114 6.42 49.63 5.57
CA ILE C 114 7.57 48.96 4.97
C ILE C 114 7.22 47.61 4.34
N ILE C 115 6.01 47.11 4.60
CA ILE C 115 5.61 45.78 4.13
C ILE C 115 5.72 45.61 2.62
N ASP C 116 5.31 46.63 1.86
CA ASP C 116 5.33 46.55 0.40
C ASP C 116 6.76 46.46 -0.11
N LEU C 117 7.66 47.24 0.49
CA LEU C 117 9.07 47.19 0.12
C LEU C 117 9.64 45.80 0.38
N VAL C 118 9.32 45.21 1.52
CA VAL C 118 9.82 43.88 1.87
C VAL C 118 9.34 42.85 0.85
N LEU C 119 8.04 42.85 0.55
CA LEU C 119 7.46 41.90 -0.39
C LEU C 119 8.09 42.06 -1.77
N ASP C 120 8.46 43.28 -2.13
CA ASP C 120 9.10 43.53 -3.41
CA ASP C 120 9.09 43.53 -3.41
C ASP C 120 10.48 42.88 -3.45
N ARG C 121 11.21 42.98 -2.34
CA ARG C 121 12.55 42.41 -2.27
C ARG C 121 12.50 40.88 -2.21
N ILE C 122 11.48 40.35 -1.53
CA ILE C 122 11.27 38.91 -1.50
C ILE C 122 10.93 38.42 -2.90
N ARG C 123 10.12 39.18 -3.61
CA ARG C 123 9.74 38.85 -4.98
C ARG C 123 10.97 38.76 -5.88
N LYS C 124 11.93 39.66 -5.68
CA LYS C 124 13.16 39.67 -6.47
C LYS C 124 13.94 38.36 -6.30
N LEU C 125 13.88 37.80 -5.10
CA LEU C 125 14.53 36.53 -4.82
C LEU C 125 13.74 35.38 -5.46
N ALA C 126 12.42 35.45 -5.35
CA ALA C 126 11.55 34.42 -5.90
C ALA C 126 11.73 34.29 -7.41
N ASP C 127 11.92 35.43 -8.07
CA ASP C 127 12.08 35.44 -9.53
C ASP C 127 13.37 34.76 -9.96
N GLN C 128 14.33 34.64 -9.05
CA GLN C 128 15.57 33.94 -9.33
C GLN C 128 15.41 32.42 -9.23
N CYS C 129 14.30 31.99 -8.66
CA CYS C 129 14.06 30.57 -8.41
C CYS C 129 13.36 29.87 -9.57
N THR C 130 13.90 28.72 -9.95
CA THR C 130 13.33 27.92 -11.02
C THR C 130 12.25 26.98 -10.49
N GLY C 131 12.30 26.69 -9.18
CA GLY C 131 11.32 25.82 -8.56
C GLY C 131 11.22 26.06 -7.06
N LEU C 132 10.73 27.24 -6.68
CA LEU C 132 10.66 27.64 -5.28
C LEU C 132 9.82 26.68 -4.45
N GLN C 133 10.42 26.15 -3.38
CA GLN C 133 9.73 25.22 -2.50
C GLN C 133 8.94 25.97 -1.44
N GLY C 134 9.57 26.96 -0.81
CA GLY C 134 8.87 27.76 0.19
C GLY C 134 9.76 28.68 1.01
N PHE C 135 9.22 29.11 2.15
CA PHE C 135 9.87 30.10 2.99
C PHE C 135 10.19 29.58 4.39
N LEU C 136 11.30 30.05 4.94
CA LEU C 136 11.64 29.83 6.35
C LEU C 136 11.68 31.18 7.06
N VAL C 137 10.78 31.36 8.01
CA VAL C 137 10.66 32.65 8.69
C VAL C 137 11.20 32.57 10.11
N PHE C 138 12.23 33.37 10.40
CA PHE C 138 12.84 33.44 11.73
C PHE C 138 12.40 34.70 12.46
N HIS C 139 11.88 34.53 13.68
CA HIS C 139 11.35 35.66 14.43
C HIS C 139 11.12 35.31 15.90
N SER C 140 11.02 36.33 16.74
CA SER C 140 10.69 36.15 18.15
C SER C 140 9.18 36.27 18.34
N PHE C 141 8.67 35.63 19.39
CA PHE C 141 7.27 35.78 19.77
C PHE C 141 7.04 37.10 20.53
N GLY C 142 8.06 37.52 21.28
CA GLY C 142 7.90 38.60 22.25
C GLY C 142 8.06 40.01 21.70
N GLY C 143 8.96 40.18 20.74
CA GLY C 143 9.19 41.49 20.15
C GLY C 143 7.99 42.01 19.38
N GLY C 144 7.94 43.32 19.19
CA GLY C 144 6.86 43.94 18.44
C GLY C 144 6.98 43.66 16.96
N THR C 145 8.21 43.64 16.46
CA THR C 145 8.45 43.34 15.06
C THR C 145 8.34 41.83 14.83
N GLY C 146 8.98 41.06 15.71
CA GLY C 146 8.98 39.62 15.61
C GLY C 146 7.57 39.05 15.61
N SER C 147 6.69 39.67 16.38
CA SER C 147 5.31 39.21 16.50
C SER C 147 4.41 39.86 15.45
N GLY C 148 4.39 41.19 15.44
CA GLY C 148 3.47 41.94 14.61
C GLY C 148 3.79 41.93 13.12
N PHE C 149 5.03 42.28 12.78
CA PHE C 149 5.40 42.35 11.38
C PHE C 149 5.39 40.95 10.75
N THR C 150 5.82 39.96 11.51
CA THR C 150 5.85 38.59 11.02
C THR C 150 4.44 38.14 10.64
N SER C 151 3.47 38.40 11.50
CA SER C 151 2.09 38.02 11.22
CA SER C 151 2.08 38.05 11.23
C SER C 151 1.58 38.74 9.99
N LEU C 152 1.92 40.03 9.85
CA LEU C 152 1.53 40.80 8.69
C LEU C 152 2.15 40.20 7.43
N LEU C 153 3.43 39.88 7.50
CA LEU C 153 4.15 39.29 6.39
C LEU C 153 3.58 37.92 6.01
N MET C 154 3.30 37.09 7.02
CA MET C 154 2.79 35.75 6.76
C MET C 154 1.43 35.81 6.07
N GLU C 155 0.56 36.70 6.55
CA GLU C 155 -0.73 36.93 5.91
C GLU C 155 -0.53 37.31 4.45
N ARG C 156 0.39 38.24 4.21
CA ARG C 156 0.62 38.74 2.86
C ARG C 156 1.26 37.69 1.97
N LEU C 157 2.11 36.84 2.53
CA LEU C 157 2.77 35.81 1.74
C LEU C 157 1.78 34.75 1.26
N SER C 158 0.79 34.45 2.09
CA SER C 158 -0.25 33.52 1.72
C SER C 158 -1.05 34.03 0.53
N VAL C 159 -1.13 35.35 0.41
CA VAL C 159 -1.87 35.98 -0.68
C VAL C 159 -1.06 35.97 -1.97
N ASP C 160 0.22 36.30 -1.87
CA ASP C 160 1.09 36.47 -3.03
C ASP C 160 1.70 35.15 -3.50
N TYR C 161 1.69 34.13 -2.65
CA TYR C 161 2.28 32.83 -2.98
C TYR C 161 1.35 31.67 -2.64
N GLY C 162 0.06 31.96 -2.50
CA GLY C 162 -0.94 30.94 -2.27
C GLY C 162 -0.62 30.01 -1.12
N LYS C 163 -0.57 28.71 -1.41
CA LYS C 163 -0.28 27.70 -0.39
C LYS C 163 1.15 27.18 -0.51
N LYS C 164 2.03 28.01 -1.07
CA LYS C 164 3.46 27.73 -1.02
C LYS C 164 3.85 27.53 0.44
N SER C 165 4.71 26.55 0.71
CA SER C 165 5.06 26.17 2.07
CA SER C 165 5.05 26.17 2.08
C SER C 165 5.73 27.30 2.84
N LYS C 166 5.31 27.49 4.08
CA LYS C 166 5.89 28.49 4.96
C LYS C 166 6.18 27.87 6.33
N LEU C 167 7.47 27.76 6.65
CA LEU C 167 7.93 27.20 7.91
C LEU C 167 8.44 28.30 8.84
N GLU C 168 8.20 28.12 10.13
CA GLU C 168 8.63 29.09 11.14
C GLU C 168 9.70 28.54 12.06
N PHE C 169 10.62 29.41 12.46
CA PHE C 169 11.45 29.20 13.63
C PHE C 169 11.14 30.30 14.63
N SER C 170 10.35 29.95 15.64
CA SER C 170 9.79 30.94 16.57
C SER C 170 10.48 30.92 17.92
N ILE C 171 10.97 32.07 18.35
CA ILE C 171 11.63 32.17 19.65
C ILE C 171 10.62 32.46 20.75
N TYR C 172 10.38 31.44 21.56
CA TYR C 172 9.44 31.47 22.67
C TYR C 172 10.11 32.15 23.86
N PRO C 173 9.40 33.10 24.51
CA PRO C 173 10.04 33.96 25.51
C PRO C 173 10.43 33.26 26.82
N ALA C 174 11.47 33.79 27.45
CA ALA C 174 11.94 33.31 28.75
C ALA C 174 12.35 34.53 29.60
N PRO C 175 12.00 34.51 30.90
CA PRO C 175 12.27 35.68 31.76
C PRO C 175 13.75 36.00 31.96
N GLN C 176 14.63 35.03 31.75
CA GLN C 176 16.07 35.24 31.94
C GLN C 176 16.64 36.24 30.94
N VAL C 177 16.03 36.33 29.76
CA VAL C 177 16.52 37.22 28.71
C VAL C 177 15.41 38.05 28.05
N SER C 178 14.22 38.02 28.62
CA SER C 178 13.11 38.81 28.09
C SER C 178 13.36 40.30 28.31
N THR C 179 12.72 41.12 27.48
CA THR C 179 12.93 42.56 27.52
C THR C 179 11.61 43.31 27.54
N ALA C 180 10.51 42.59 27.74
CA ALA C 180 9.20 43.22 27.80
C ALA C 180 8.20 42.40 28.62
N VAL C 181 7.38 43.11 29.39
CA VAL C 181 6.38 42.49 30.24
CA VAL C 181 6.40 42.45 30.24
C VAL C 181 5.20 41.97 29.41
N VAL C 182 5.00 42.59 28.25
CA VAL C 182 3.85 42.26 27.41
C VAL C 182 4.14 41.18 26.36
N GLU C 183 5.26 40.46 26.52
CA GLU C 183 5.60 39.43 25.54
C GLU C 183 4.53 38.32 25.49
N PRO C 184 3.87 38.02 26.63
CA PRO C 184 2.75 37.09 26.54
C PRO C 184 1.63 37.56 25.61
N TYR C 185 1.37 38.87 25.57
CA TYR C 185 0.38 39.42 24.66
C TYR C 185 0.83 39.26 23.22
N ASN C 186 2.03 39.73 22.94
CA ASN C 186 2.57 39.65 21.58
C ASN C 186 2.64 38.21 21.12
N SER C 187 2.88 37.30 22.05
CA SER C 187 2.98 35.87 21.75
C SER C 187 1.65 35.31 21.29
N ILE C 188 0.61 35.50 22.09
CA ILE C 188 -0.72 34.97 21.78
C ILE C 188 -1.28 35.61 20.50
N LEU C 189 -1.03 36.89 20.31
CA LEU C 189 -1.55 37.59 19.15
C LEU C 189 -0.94 37.06 17.85
N THR C 190 0.38 36.90 17.83
CA THR C 190 1.05 36.46 16.61
C THR C 190 0.79 34.98 16.32
N THR C 191 0.66 34.18 17.38
CA THR C 191 0.37 32.76 17.20
C THR C 191 -1.01 32.56 16.59
N HIS C 192 -1.98 33.34 17.06
CA HIS C 192 -3.33 33.29 16.55
C HIS C 192 -3.41 33.71 15.08
N THR C 193 -2.71 34.79 14.75
CA THR C 193 -2.80 35.38 13.43
C THR C 193 -2.04 34.56 12.38
N THR C 194 -0.99 33.88 12.79
CA THR C 194 -0.11 33.15 11.89
CA THR C 194 -0.13 33.14 11.87
C THR C 194 -0.55 31.68 11.73
N LEU C 195 -1.31 31.18 12.69
CA LEU C 195 -1.67 29.76 12.76
C LEU C 195 -2.15 29.15 11.44
N GLU C 196 -3.06 29.83 10.75
CA GLU C 196 -3.62 29.29 9.52
C GLU C 196 -2.75 29.59 8.29
N HIS C 197 -1.68 30.36 8.49
CA HIS C 197 -0.80 30.72 7.39
C HIS C 197 0.55 30.00 7.47
N SER C 198 0.74 29.23 8.54
CA SER C 198 1.98 28.46 8.71
C SER C 198 1.72 26.96 8.59
N ASP C 199 2.61 26.27 7.88
CA ASP C 199 2.47 24.84 7.66
C ASP C 199 3.16 24.03 8.75
N CYS C 200 4.28 24.58 9.24
CA CYS C 200 5.08 23.90 10.25
C CYS C 200 5.90 24.93 11.02
N ALA C 201 5.96 24.78 12.33
CA ALA C 201 6.62 25.76 13.19
C ALA C 201 7.44 25.07 14.27
N PHE C 202 8.73 25.37 14.31
CA PHE C 202 9.63 24.87 15.33
C PHE C 202 9.84 25.93 16.42
N MET C 203 9.26 25.70 17.58
CA MET C 203 9.39 26.63 18.70
C MET C 203 10.70 26.42 19.45
N VAL C 204 11.37 27.53 19.76
CA VAL C 204 12.61 27.52 20.53
C VAL C 204 12.42 28.26 21.84
N ASP C 205 12.26 27.52 22.92
CA ASP C 205 12.15 28.10 24.25
C ASP C 205 13.51 28.60 24.70
N ASN C 206 13.64 29.91 24.85
CA ASN C 206 14.90 30.53 25.28
C ASN C 206 15.37 30.00 26.63
N GLU C 207 14.43 29.64 27.50
CA GLU C 207 14.79 29.12 28.81
C GLU C 207 15.42 27.74 28.67
N ALA C 208 14.91 26.96 27.72
CA ALA C 208 15.46 25.64 27.45
C ALA C 208 16.88 25.76 26.93
N ILE C 209 17.09 26.71 26.02
CA ILE C 209 18.42 26.94 25.46
C ILE C 209 19.32 27.53 26.55
N TYR C 210 18.74 28.38 27.40
CA TYR C 210 19.49 29.00 28.48
C TYR C 210 20.02 27.94 29.44
N ASP C 211 19.14 27.01 29.82
CA ASP C 211 19.51 25.94 30.74
C ASP C 211 20.57 25.03 30.13
N ILE C 212 20.37 24.62 28.88
CA ILE C 212 21.32 23.75 28.19
C ILE C 212 22.70 24.38 28.17
N CYS C 213 22.76 25.69 27.95
CA CYS C 213 24.03 26.39 27.94
C CYS C 213 24.66 26.41 29.34
N ARG C 214 23.82 26.56 30.36
CA ARG C 214 24.31 26.62 31.73
C ARG C 214 24.78 25.25 32.22
N ARG C 215 23.95 24.23 31.99
CA ARG C 215 24.22 22.90 32.52
C ARG C 215 25.24 22.12 31.67
N ASN C 216 25.07 22.13 30.35
CA ASN C 216 25.88 21.28 29.48
C ASN C 216 27.15 21.93 28.94
N LEU C 217 27.24 23.25 29.02
CA LEU C 217 28.40 23.97 28.50
C LEU C 217 29.09 24.81 29.58
N ASP C 218 28.54 24.77 30.78
CA ASP C 218 29.09 25.48 31.94
C ASP C 218 29.30 26.97 31.65
N ILE C 219 28.33 27.56 30.95
CA ILE C 219 28.30 29.00 30.75
C ILE C 219 27.54 29.62 31.91
N GLU C 220 28.22 30.45 32.69
CA GLU C 220 27.65 31.04 33.91
C GLU C 220 26.37 31.82 33.63
N ARG C 221 26.44 32.73 32.66
CA ARG C 221 25.31 33.58 32.29
C ARG C 221 25.28 33.74 30.77
N PRO C 222 24.59 32.82 30.07
CA PRO C 222 24.56 32.82 28.60
C PRO C 222 24.10 34.13 27.99
N THR C 223 24.73 34.50 26.88
CA THR C 223 24.34 35.65 26.09
C THR C 223 23.56 35.20 24.88
N TYR C 224 22.99 36.15 24.13
CA TYR C 224 22.32 35.82 22.89
C TYR C 224 23.28 35.10 21.95
N THR C 225 24.55 35.47 22.02
CA THR C 225 25.58 34.84 21.21
C THR C 225 25.70 33.35 21.57
N ASN C 226 25.69 33.05 22.86
CA ASN C 226 25.72 31.66 23.31
C ASN C 226 24.49 30.90 22.85
N LEU C 227 23.32 31.52 23.05
CA LEU C 227 22.05 30.89 22.68
C LEU C 227 21.97 30.66 21.18
N ASN C 228 22.38 31.67 20.41
CA ASN C 228 22.21 31.62 18.96
C ASN C 228 23.10 30.58 18.30
N ARG C 229 24.29 30.37 18.84
CA ARG C 229 25.21 29.40 18.28
C ARG C 229 24.70 27.98 18.49
N LEU C 230 23.93 27.76 19.56
CA LEU C 230 23.33 26.46 19.80
C LEU C 230 22.08 26.29 18.93
N ILE C 231 21.30 27.36 18.80
CA ILE C 231 20.09 27.31 17.99
C ILE C 231 20.45 27.01 16.54
N SER C 232 21.53 27.61 16.06
CA SER C 232 21.94 27.46 14.67
C SER C 232 22.26 26.00 14.34
N GLN C 233 22.82 25.29 15.31
CA GLN C 233 23.15 23.88 15.12
C GLN C 233 21.88 23.06 14.95
N ILE C 234 20.85 23.42 15.71
CA ILE C 234 19.57 22.74 15.62
C ILE C 234 18.89 23.08 14.30
N VAL C 235 18.96 24.35 13.90
CA VAL C 235 18.43 24.78 12.61
C VAL C 235 19.19 24.10 11.47
N SER C 236 20.50 23.98 11.65
CA SER C 236 21.34 23.34 10.65
C SER C 236 20.96 21.87 10.47
N SER C 237 20.76 21.17 11.57
CA SER C 237 20.37 19.76 11.53
C SER C 237 19.06 19.56 10.77
N ILE C 238 18.14 20.50 10.93
CA ILE C 238 16.82 20.40 10.31
C ILE C 238 16.86 20.73 8.81
N THR C 239 17.71 21.68 8.43
CA THR C 239 17.83 22.09 7.03
C THR C 239 18.87 21.28 6.26
N ALA C 240 19.66 20.48 6.97
CA ALA C 240 20.76 19.73 6.36
C ALA C 240 20.28 18.81 5.24
N SER C 241 19.07 18.30 5.36
CA SER C 241 18.49 17.43 4.34
C SER C 241 18.20 18.19 3.04
N LEU C 242 18.07 19.50 3.15
CA LEU C 242 17.80 20.36 2.01
C LEU C 242 19.09 20.81 1.34
N ARG C 243 20.11 21.04 2.14
CA ARG C 243 21.35 21.66 1.67
C ARG C 243 22.39 20.63 1.21
N PHE C 244 22.31 19.43 1.77
CA PHE C 244 23.17 18.31 1.34
C PHE C 244 22.32 17.22 0.72
N ASP C 245 22.97 16.23 0.12
CA ASP C 245 22.26 15.05 -0.35
C ASP C 245 23.14 13.82 -0.24
N GLY C 246 22.51 12.71 0.12
CA GLY C 246 23.18 11.43 0.20
C GLY C 246 22.16 10.32 0.00
N ALA C 247 22.65 9.08 -0.08
CA ALA C 247 21.78 7.93 -0.28
C ALA C 247 20.76 7.82 0.85
N LEU C 248 21.23 8.04 2.08
CA LEU C 248 20.40 7.86 3.27
C LEU C 248 19.67 9.13 3.69
N ASN C 249 19.88 10.21 2.93
CA ASN C 249 19.26 11.49 3.26
C ASN C 249 17.76 11.49 3.01
N VAL C 250 17.02 12.05 3.96
CA VAL C 250 15.57 12.14 3.87
C VAL C 250 15.16 13.60 3.91
N ASP C 251 14.44 14.03 2.88
CA ASP C 251 14.05 15.43 2.75
C ASP C 251 13.14 15.86 3.89
N LEU C 252 13.26 17.12 4.30
CA LEU C 252 12.47 17.66 5.40
C LEU C 252 10.97 17.54 5.15
N THR C 253 10.56 17.59 3.90
CA THR C 253 9.14 17.53 3.55
C THR C 253 8.55 16.15 3.83
N GLU C 254 9.38 15.11 3.75
CA GLU C 254 8.92 13.76 4.08
C GLU C 254 8.65 13.64 5.57
N PHE C 255 9.54 14.21 6.39
CA PHE C 255 9.34 14.24 7.83
C PHE C 255 8.06 15.01 8.14
N GLN C 256 7.85 16.09 7.40
CA GLN C 256 6.71 16.97 7.62
C GLN C 256 5.39 16.23 7.41
N THR C 257 5.40 15.26 6.49
CA THR C 257 4.23 14.43 6.24
C THR C 257 3.83 13.67 7.50
N ASN C 258 4.82 13.16 8.21
CA ASN C 258 4.59 12.39 9.43
C ASN C 258 4.30 13.30 10.63
N LEU C 259 4.85 14.51 10.62
CA LEU C 259 4.82 15.39 11.79
C LEU C 259 3.50 16.16 11.96
N VAL C 260 2.74 16.30 10.87
CA VAL C 260 1.52 17.10 10.89
C VAL C 260 0.30 16.26 10.52
N PRO C 261 -0.41 15.73 11.54
CA PRO C 261 -1.61 14.92 11.29
C PRO C 261 -2.85 15.77 11.02
N TYR C 262 -2.84 17.00 11.51
CA TYR C 262 -3.89 17.97 11.22
C TYR C 262 -3.22 19.33 11.06
N PRO C 263 -3.81 20.22 10.23
CA PRO C 263 -3.17 21.51 9.92
C PRO C 263 -2.74 22.32 11.14
N ARG C 264 -3.57 22.34 12.18
CA ARG C 264 -3.28 23.12 13.37
C ARG C 264 -2.24 22.45 14.28
N ILE C 265 -2.15 21.12 14.18
CA ILE C 265 -1.18 20.38 14.97
C ILE C 265 0.15 20.32 14.22
N HIS C 266 0.84 21.45 14.12
CA HIS C 266 2.06 21.52 13.33
C HIS C 266 3.25 22.11 14.08
N PHE C 267 3.34 21.81 15.37
CA PHE C 267 4.44 22.31 16.21
C PHE C 267 5.32 21.17 16.73
N PRO C 268 6.35 20.78 15.98
CA PRO C 268 7.19 19.66 16.41
C PRO C 268 8.13 20.03 17.55
N LEU C 269 8.37 19.08 18.44
CA LEU C 269 9.35 19.26 19.51
C LEU C 269 10.71 18.85 19.02
N ALA C 270 11.70 19.73 19.19
CA ALA C 270 13.07 19.45 18.78
C ALA C 270 13.94 19.09 19.98
N THR C 271 14.78 18.09 19.79
CA THR C 271 15.71 17.65 20.83
C THR C 271 17.04 17.35 20.16
N TYR C 272 18.11 17.97 20.65
CA TYR C 272 19.42 17.87 20.01
C TYR C 272 20.47 17.31 20.95
N ALA C 273 21.35 16.48 20.39
CA ALA C 273 22.48 15.93 21.13
C ALA C 273 23.58 15.51 20.16
N PRO C 274 24.84 15.55 20.59
CA PRO C 274 25.31 15.91 21.93
C PRO C 274 25.64 17.39 22.07
N VAL C 275 25.21 18.01 23.17
CA VAL C 275 25.67 19.35 23.53
C VAL C 275 26.69 19.17 24.64
N ILE C 276 27.96 19.35 24.30
CA ILE C 276 29.06 19.01 25.19
C ILE C 276 30.25 19.94 24.94
N SER C 277 30.93 20.32 26.02
CA SER C 277 32.09 21.20 25.91
C SER C 277 33.31 20.46 25.36
N ALA C 278 34.30 21.21 24.89
CA ALA C 278 35.54 20.63 24.40
C ALA C 278 36.27 19.89 25.52
N GLU C 279 36.25 20.46 26.71
CA GLU C 279 36.89 19.85 27.87
C GLU C 279 36.33 18.46 28.15
N LYS C 280 35.00 18.36 28.18
CA LYS C 280 34.33 17.11 28.52
C LYS C 280 34.34 16.11 27.36
N ALA C 281 34.41 16.63 26.14
CA ALA C 281 34.35 15.78 24.96
C ALA C 281 35.69 15.12 24.65
N TYR C 282 36.76 15.64 25.24
CA TYR C 282 38.09 15.11 25.00
C TYR C 282 38.19 13.67 25.52
N HIS C 283 38.73 12.79 24.70
CA HIS C 283 38.82 11.35 25.02
C HIS C 283 37.44 10.80 25.43
N GLU C 284 36.41 11.25 24.72
CA GLU C 284 35.05 10.78 24.97
C GLU C 284 34.27 10.55 23.67
N GLN C 285 34.29 9.32 23.19
CA GLN C 285 33.59 8.94 21.98
C GLN C 285 32.10 8.75 22.26
N LEU C 286 31.28 9.68 21.76
CA LEU C 286 29.83 9.58 21.94
C LEU C 286 29.20 8.75 20.83
N SER C 287 28.73 7.56 21.20
CA SER C 287 28.18 6.61 20.24
C SER C 287 26.81 7.02 19.71
N VAL C 288 26.40 6.38 18.63
CA VAL C 288 25.05 6.55 18.09
C VAL C 288 24.02 6.22 19.17
N ALA C 289 24.32 5.22 19.98
CA ALA C 289 23.40 4.77 21.01
C ALA C 289 23.25 5.82 22.11
N GLU C 290 24.35 6.49 22.44
CA GLU C 290 24.36 7.44 23.54
C GLU C 290 23.63 8.73 23.18
N ILE C 291 23.85 9.22 21.96
CA ILE C 291 23.23 10.47 21.54
C ILE C 291 21.74 10.28 21.28
N THR C 292 21.36 9.07 20.84
CA THR C 292 19.96 8.76 20.60
C THR C 292 19.22 8.66 21.93
N ASN C 293 19.88 8.14 22.95
CA ASN C 293 19.30 8.09 24.28
C ASN C 293 19.05 9.50 24.81
N ALA C 294 19.97 10.40 24.51
CA ALA C 294 19.89 11.77 24.98
C ALA C 294 18.67 12.50 24.43
N CYS C 295 18.18 12.06 23.27
CA CYS C 295 17.01 12.69 22.65
C CYS C 295 15.75 12.51 23.48
N PHE C 296 15.76 11.55 24.40
CA PHE C 296 14.59 11.24 25.21
C PHE C 296 14.78 11.71 26.65
N GLU C 297 15.86 12.44 26.89
CA GLU C 297 16.05 13.14 28.16
C GLU C 297 15.51 14.56 27.98
N PRO C 298 14.46 14.93 28.72
CA PRO C 298 13.82 16.23 28.51
C PRO C 298 14.76 17.43 28.69
N ALA C 299 15.86 17.23 29.38
CA ALA C 299 16.83 18.30 29.61
C ALA C 299 17.45 18.78 28.30
N ASN C 300 17.31 17.99 27.25
CA ASN C 300 17.93 18.31 25.96
C ASN C 300 16.95 18.87 24.93
N GLN C 301 15.71 19.13 25.35
CA GLN C 301 14.66 19.63 24.47
C GLN C 301 14.76 21.12 24.20
N MET C 302 14.28 21.54 23.04
CA MET C 302 14.24 22.95 22.68
C MET C 302 13.10 23.68 23.37
N VAL C 303 12.12 22.91 23.84
CA VAL C 303 10.97 23.46 24.53
C VAL C 303 10.77 22.74 25.85
N LYS C 304 10.66 23.48 26.93
CA LYS C 304 10.48 22.86 28.24
C LYS C 304 9.08 22.28 28.34
N CYS C 305 9.02 20.96 28.42
CA CYS C 305 7.79 20.21 28.57
C CYS C 305 8.14 18.77 28.89
N ASP C 306 7.15 17.97 29.24
CA ASP C 306 7.41 16.59 29.64
C ASP C 306 6.68 15.58 28.72
N PRO C 307 7.39 15.07 27.70
CA PRO C 307 6.78 14.08 26.81
C PRO C 307 6.39 12.78 27.51
N ARG C 308 7.00 12.50 28.65
CA ARG C 308 6.64 11.31 29.43
C ARG C 308 5.20 11.40 29.91
N HIS C 309 4.70 12.62 30.04
CA HIS C 309 3.35 12.87 30.53
C HIS C 309 2.39 13.20 29.38
N GLY C 310 2.81 12.90 28.15
CA GLY C 310 1.99 13.10 26.98
C GLY C 310 2.06 11.90 26.05
N LYS C 311 1.44 12.03 24.88
CA LYS C 311 1.44 10.95 23.89
C LYS C 311 2.10 11.40 22.59
N TYR C 312 2.80 10.47 21.96
CA TYR C 312 3.48 10.75 20.71
C TYR C 312 2.56 10.54 19.51
N MET C 313 2.72 11.40 18.51
CA MET C 313 2.02 11.26 17.24
C MET C 313 3.03 11.03 16.12
N ALA C 314 4.31 11.21 16.44
CA ALA C 314 5.38 11.02 15.47
C ALA C 314 6.74 11.13 16.13
N CYS C 315 7.71 10.42 15.59
N CYS C 315 7.70 10.39 15.59
CA CYS C 315 9.08 10.48 16.09
CA CYS C 315 9.08 10.45 16.07
C CYS C 315 10.07 10.37 14.93
C CYS C 315 10.04 10.38 14.89
N CYS C 316 10.75 11.47 14.64
CA CYS C 316 11.72 11.54 13.56
C CYS C 316 13.12 11.71 14.11
N LEU C 317 14.07 10.99 13.52
CA LEU C 317 15.47 11.12 13.91
C LEU C 317 16.32 11.60 12.74
N LEU C 318 16.90 12.79 12.90
CA LEU C 318 17.76 13.39 11.89
C LEU C 318 19.22 13.31 12.32
N TYR C 319 19.92 12.30 11.83
CA TYR C 319 21.33 12.09 12.16
C TYR C 319 22.22 12.81 11.15
N ARG C 320 23.40 13.23 11.61
CA ARG C 320 24.42 13.70 10.69
C ARG C 320 25.80 13.27 11.18
N GLY C 321 26.67 12.92 10.24
CA GLY C 321 28.02 12.49 10.54
C GLY C 321 28.21 10.99 10.43
N ASP C 322 29.17 10.47 11.19
CA ASP C 322 29.50 9.05 11.15
C ASP C 322 28.40 8.19 11.78
N VAL C 323 27.39 7.87 10.99
CA VAL C 323 26.25 7.09 11.47
C VAL C 323 25.80 6.13 10.38
N VAL C 324 25.65 4.86 10.73
CA VAL C 324 25.17 3.86 9.79
C VAL C 324 23.84 3.27 10.29
N PRO C 325 22.97 2.83 9.37
CA PRO C 325 21.63 2.35 9.74
C PRO C 325 21.63 1.25 10.80
N LYS C 326 22.61 0.35 10.74
CA LYS C 326 22.71 -0.77 11.68
C LYS C 326 22.72 -0.29 13.14
N ASP C 327 23.61 0.65 13.44
CA ASP C 327 23.73 1.17 14.80
C ASP C 327 22.45 1.89 15.23
N VAL C 328 21.88 2.66 14.32
CA VAL C 328 20.64 3.40 14.60
C VAL C 328 19.52 2.44 14.99
N ASN C 329 19.29 1.43 14.16
CA ASN C 329 18.26 0.43 14.42
C ASN C 329 18.45 -0.27 15.77
N ALA C 330 19.71 -0.56 16.11
CA ALA C 330 20.03 -1.17 17.39
C ALA C 330 19.71 -0.22 18.55
N ALA C 331 20.08 1.05 18.39
CA ALA C 331 19.86 2.05 19.42
C ALA C 331 18.38 2.31 19.68
N ILE C 332 17.60 2.36 18.60
CA ILE C 332 16.15 2.55 18.71
C ILE C 332 15.52 1.35 19.40
N ALA C 333 15.95 0.15 19.02
CA ALA C 333 15.43 -1.09 19.60
C ALA C 333 15.67 -1.12 21.11
N THR C 334 16.85 -0.69 21.52
CA THR C 334 17.18 -0.58 22.94
C THR C 334 16.26 0.42 23.63
N ILE C 335 16.03 1.55 22.98
CA ILE C 335 15.21 2.62 23.54
C ILE C 335 13.75 2.19 23.65
N LYS C 336 13.21 1.59 22.59
CA LYS C 336 11.84 1.11 22.60
C LYS C 336 11.63 0.10 23.72
N THR C 337 12.70 -0.57 24.12
CA THR C 337 12.66 -1.55 25.21
C THR C 337 12.79 -0.86 26.57
N LYS C 338 13.76 0.03 26.70
CA LYS C 338 14.08 0.67 27.97
C LYS C 338 13.13 1.82 28.29
N ARG C 339 12.84 2.66 27.31
CA ARG C 339 11.96 3.81 27.49
C ARG C 339 10.51 3.43 27.19
N SER C 340 9.58 4.10 27.85
CA SER C 340 8.16 3.94 27.56
C SER C 340 7.68 5.10 26.71
N ILE C 341 7.85 4.96 25.41
CA ILE C 341 7.44 5.97 24.44
C ILE C 341 6.03 5.64 23.96
N GLN C 342 5.03 6.28 24.57
CA GLN C 342 3.64 5.95 24.27
C GLN C 342 3.06 6.79 23.13
N PHE C 343 2.65 6.12 22.07
CA PHE C 343 1.99 6.76 20.95
C PHE C 343 0.48 6.78 21.15
N VAL C 344 -0.20 7.71 20.48
CA VAL C 344 -1.65 7.66 20.37
C VAL C 344 -2.03 6.43 19.56
N ASP C 345 -3.28 5.99 19.65
CA ASP C 345 -3.65 4.70 19.09
C ASP C 345 -3.91 4.76 17.59
N TRP C 346 -3.90 5.97 17.02
CA TRP C 346 -4.23 6.13 15.62
C TRP C 346 -3.00 6.44 14.74
N CYS C 347 -1.80 6.26 15.29
CA CYS C 347 -0.58 6.43 14.51
CA CYS C 347 -0.54 6.46 14.56
C CYS C 347 0.36 5.24 14.67
N PRO C 348 1.10 4.91 13.60
CA PRO C 348 2.08 3.84 13.76
C PRO C 348 3.24 4.31 14.64
N THR C 349 3.97 3.37 15.23
CA THR C 349 4.98 3.70 16.24
C THR C 349 6.41 3.72 15.71
N GLY C 350 6.58 3.35 14.44
CA GLY C 350 7.90 3.31 13.84
C GLY C 350 8.55 4.67 13.72
N PHE C 351 9.82 4.75 14.08
CA PHE C 351 10.57 6.01 13.95
C PHE C 351 11.08 6.20 12.53
N LYS C 352 10.86 7.39 11.98
CA LYS C 352 11.39 7.74 10.67
C LYS C 352 12.80 8.29 10.84
N VAL C 353 13.73 7.80 10.02
CA VAL C 353 15.15 8.07 10.20
C VAL C 353 15.78 8.69 8.94
N GLY C 354 16.68 9.65 9.16
CA GLY C 354 17.44 10.25 8.09
C GLY C 354 18.89 10.38 8.49
N ILE C 355 19.79 10.27 7.51
CA ILE C 355 21.23 10.35 7.77
C ILE C 355 21.93 11.15 6.68
N ASN C 356 22.62 12.22 7.10
CA ASN C 356 23.55 12.96 6.25
C ASN C 356 24.96 12.62 6.67
N TYR C 357 25.82 12.27 5.71
CA TYR C 357 27.17 11.81 6.07
C TYR C 357 28.07 12.98 6.47
N GLN C 358 27.75 14.19 6.03
CA GLN C 358 28.53 15.36 6.40
C GLN C 358 28.44 15.59 7.90
N PRO C 359 29.60 15.56 8.61
CA PRO C 359 29.55 15.69 10.07
C PRO C 359 29.27 17.12 10.52
N PRO C 360 28.90 17.30 11.80
CA PRO C 360 28.60 18.64 12.29
C PRO C 360 29.83 19.56 12.21
N THR C 361 29.56 20.85 12.09
CA THR C 361 30.60 21.87 12.10
C THR C 361 30.39 22.74 13.32
N VAL C 362 31.47 23.38 13.77
CA VAL C 362 31.38 24.36 14.85
C VAL C 362 32.06 25.64 14.40
N VAL C 363 31.56 26.77 14.91
CA VAL C 363 32.15 28.07 14.63
CA VAL C 363 32.15 28.06 14.62
C VAL C 363 33.32 28.31 15.57
N PRO C 364 34.39 28.96 15.09
CA PRO C 364 35.50 29.26 16.00
C PRO C 364 35.07 30.10 17.20
N GLY C 365 35.72 29.87 18.34
CA GLY C 365 35.42 30.61 19.55
C GLY C 365 34.17 30.13 20.25
N GLY C 366 33.54 29.10 19.69
CA GLY C 366 32.34 28.55 20.27
C GLY C 366 32.65 27.71 21.48
N ASP C 367 31.60 27.28 22.19
CA ASP C 367 31.75 26.44 23.37
C ASP C 367 31.40 24.98 23.06
N LEU C 368 30.76 24.75 21.92
CA LEU C 368 30.40 23.39 21.51
C LEU C 368 31.61 22.63 21.01
N ALA C 369 31.76 21.38 21.47
CA ALA C 369 32.82 20.52 20.98
C ALA C 369 32.48 20.03 19.59
N LYS C 370 33.48 19.94 18.73
CA LYS C 370 33.29 19.37 17.40
C LYS C 370 33.22 17.84 17.52
N VAL C 371 32.04 17.29 17.25
CA VAL C 371 31.81 15.86 17.41
C VAL C 371 31.73 15.15 16.06
N GLN C 372 31.96 13.84 16.08
CA GLN C 372 31.94 13.05 14.85
C GLN C 372 30.51 12.81 14.36
N ARG C 373 29.57 12.79 15.29
CA ARG C 373 28.18 12.48 14.95
C ARG C 373 27.20 13.19 15.88
N ALA C 374 26.14 13.73 15.30
CA ALA C 374 25.09 14.40 16.07
C ALA C 374 23.73 13.94 15.59
N VAL C 375 22.70 14.25 16.38
CA VAL C 375 21.33 13.91 16.01
C VAL C 375 20.36 14.99 16.48
N CYS C 376 19.32 15.20 15.69
CA CYS C 376 18.21 16.04 16.10
C CYS C 376 16.92 15.25 15.99
N MET C 377 16.18 15.12 17.10
CA MET C 377 14.90 14.43 17.07
C MET C 377 13.78 15.42 16.91
N LEU C 378 12.91 15.16 15.93
CA LEU C 378 11.70 15.93 15.73
C LEU C 378 10.50 15.05 16.08
N SER C 379 9.87 15.35 17.21
CA SER C 379 8.73 14.57 17.66
C SER C 379 7.48 15.43 17.72
N ASN C 380 6.35 14.82 17.38
CA ASN C 380 5.05 15.45 17.57
C ASN C 380 4.41 14.86 18.81
N THR C 381 4.45 15.62 19.90
CA THR C 381 3.92 15.17 21.19
C THR C 381 2.91 16.17 21.73
N THR C 382 1.89 15.64 22.40
CA THR C 382 0.87 16.48 23.02
C THR C 382 1.48 17.34 24.12
N ALA C 383 2.68 16.99 24.57
CA ALA C 383 3.35 17.70 25.64
C ALA C 383 3.71 19.13 25.26
N ILE C 384 3.84 19.41 23.96
CA ILE C 384 4.21 20.74 23.50
C ILE C 384 3.16 21.77 23.93
N ALA C 385 1.93 21.30 24.17
CA ALA C 385 0.84 22.18 24.56
C ALA C 385 1.09 22.83 25.92
N GLU C 386 2.01 22.27 26.69
CA GLU C 386 2.42 22.86 27.96
C GLU C 386 2.91 24.29 27.74
N ALA C 387 3.65 24.50 26.65
CA ALA C 387 4.21 25.81 26.35
C ALA C 387 3.11 26.83 26.07
N TRP C 388 2.02 26.38 25.45
CA TRP C 388 0.86 27.24 25.22
C TRP C 388 0.21 27.58 26.56
N ALA C 389 0.07 26.56 27.40
CA ALA C 389 -0.60 26.71 28.70
C ALA C 389 0.10 27.74 29.59
N ARG C 390 1.43 27.70 29.62
CA ARG C 390 2.18 28.65 30.43
C ARG C 390 1.98 30.08 29.91
N LEU C 391 2.11 30.28 28.60
CA LEU C 391 1.92 31.60 28.01
C LEU C 391 0.49 32.10 28.20
N ASP C 392 -0.46 31.21 28.00
CA ASP C 392 -1.87 31.55 28.12
C ASP C 392 -2.23 31.93 29.55
N HIS C 393 -1.57 31.33 30.52
CA HIS C 393 -1.81 31.66 31.92
C HIS C 393 -1.32 33.08 32.21
N LYS C 394 -0.13 33.42 31.72
CA LYS C 394 0.43 34.74 31.92
C LYS C 394 -0.42 35.79 31.21
N PHE C 395 -0.89 35.44 30.03
CA PHE C 395 -1.79 36.31 29.28
C PHE C 395 -3.04 36.63 30.10
N ASP C 396 -3.61 35.61 30.72
CA ASP C 396 -4.87 35.76 31.45
C ASP C 396 -4.72 36.65 32.68
N LEU C 397 -3.62 36.51 33.41
CA LEU C 397 -3.39 37.27 34.62
C LEU C 397 -3.38 38.76 34.35
N MET C 398 -2.75 39.15 33.24
CA MET C 398 -2.66 40.55 32.87
C MET C 398 -3.95 41.04 32.22
N TYR C 399 -4.54 40.23 31.35
CA TYR C 399 -5.68 40.69 30.57
C TYR C 399 -6.93 40.83 31.42
N ALA C 400 -6.99 40.07 32.52
CA ALA C 400 -8.13 40.17 33.43
C ALA C 400 -8.22 41.58 34.01
N LYS C 401 -7.06 42.21 34.17
CA LYS C 401 -6.98 43.58 34.66
C LYS C 401 -6.77 44.58 33.53
N ARG C 402 -6.73 44.07 32.30
CA ARG C 402 -6.47 44.89 31.10
C ARG C 402 -5.15 45.64 31.20
N ALA C 403 -4.20 45.09 31.95
CA ALA C 403 -2.88 45.68 32.09
C ALA C 403 -2.19 45.86 30.74
N PHE C 404 -1.68 47.07 30.49
CA PHE C 404 -0.92 47.40 29.28
C PHE C 404 -1.75 47.38 28.00
N VAL C 405 -3.04 47.07 28.10
CA VAL C 405 -3.88 46.92 26.92
C VAL C 405 -4.05 48.25 26.17
N HIS C 406 -3.92 49.36 26.89
CA HIS C 406 -4.11 50.68 26.28
C HIS C 406 -3.04 50.98 25.24
N TRP C 407 -1.85 50.42 25.42
CA TRP C 407 -0.77 50.60 24.45
C TRP C 407 -1.15 50.02 23.10
N TYR C 408 -1.99 48.98 23.13
CA TYR C 408 -2.43 48.33 21.90
C TYR C 408 -3.64 49.04 21.31
N VAL C 409 -4.58 49.42 22.18
CA VAL C 409 -5.77 50.15 21.75
C VAL C 409 -5.38 51.50 21.15
N GLY C 410 -4.40 52.16 21.76
CA GLY C 410 -3.94 53.45 21.29
C GLY C 410 -3.34 53.40 19.90
N GLU C 411 -2.95 52.21 19.45
CA GLU C 411 -2.37 52.04 18.13
C GLU C 411 -3.39 51.51 17.14
N GLY C 412 -4.63 51.33 17.59
CA GLY C 412 -5.74 51.02 16.70
C GLY C 412 -6.42 49.68 16.92
N MET C 413 -5.85 48.83 17.77
CA MET C 413 -6.42 47.50 18.02
C MET C 413 -7.63 47.56 18.94
N GLU C 414 -8.42 46.49 18.93
CA GLU C 414 -9.61 46.38 19.78
C GLU C 414 -9.46 45.24 20.76
N GLU C 415 -10.19 45.30 21.87
CA GLU C 415 -10.15 44.24 22.86
C GLU C 415 -10.64 42.93 22.26
N GLY C 416 -11.47 43.03 21.23
CA GLY C 416 -12.00 41.86 20.57
C GLY C 416 -10.91 41.01 19.95
N GLU C 417 -9.84 41.66 19.50
CA GLU C 417 -8.72 40.94 18.92
C GLU C 417 -7.97 40.14 19.97
N PHE C 418 -7.95 40.66 21.20
CA PHE C 418 -7.32 39.96 22.31
C PHE C 418 -8.12 38.71 22.68
N SER C 419 -9.42 38.88 22.88
CA SER C 419 -10.27 37.78 23.28
C SER C 419 -10.36 36.73 22.17
N GLU C 420 -10.42 37.21 20.94
CA GLU C 420 -10.46 36.35 19.77
C GLU C 420 -9.20 35.49 19.69
N ALA C 421 -8.05 36.13 19.95
CA ALA C 421 -6.78 35.42 19.89
C ALA C 421 -6.66 34.41 21.03
N ARG C 422 -7.11 34.80 22.22
CA ARG C 422 -7.01 33.92 23.38
C ARG C 422 -7.91 32.70 23.22
N GLU C 423 -9.04 32.86 22.54
CA GLU C 423 -10.00 31.78 22.34
C GLU C 423 -9.46 30.76 21.36
N ASP C 424 -8.76 31.24 20.33
CA ASP C 424 -8.13 30.38 19.36
C ASP C 424 -7.10 29.52 20.09
N MET C 425 -6.38 30.12 21.02
CA MET C 425 -5.37 29.41 21.82
C MET C 425 -6.02 28.37 22.72
N ALA C 426 -7.17 28.74 23.29
CA ALA C 426 -7.91 27.82 24.15
C ALA C 426 -8.37 26.62 23.32
N ALA C 427 -8.80 26.90 22.10
CA ALA C 427 -9.23 25.85 21.18
C ALA C 427 -8.04 24.98 20.78
N LEU C 428 -6.87 25.60 20.70
CA LEU C 428 -5.66 24.87 20.32
C LEU C 428 -5.22 23.93 21.45
N GLU C 429 -5.26 24.40 22.68
CA GLU C 429 -4.94 23.56 23.84
C GLU C 429 -5.90 22.38 23.89
N LYS C 430 -7.17 22.65 23.57
CA LYS C 430 -8.20 21.63 23.54
C LYS C 430 -7.96 20.62 22.41
N ASP C 431 -7.51 21.11 21.25
CA ASP C 431 -7.19 20.24 20.12
C ASP C 431 -6.10 19.25 20.50
N TYR C 432 -5.12 19.70 21.28
CA TYR C 432 -4.01 18.85 21.67
C TYR C 432 -4.44 17.82 22.71
N GLU C 433 -5.47 18.14 23.49
CA GLU C 433 -6.07 17.16 24.38
C GLU C 433 -6.81 16.09 23.58
N GLU C 434 -7.59 16.55 22.60
CA GLU C 434 -8.44 15.68 21.81
C GLU C 434 -7.67 14.63 21.01
N VAL C 435 -6.54 15.04 20.44
CA VAL C 435 -5.75 14.10 19.64
C VAL C 435 -5.13 13.01 20.50
N GLY C 436 -5.01 13.27 21.81
CA GLY C 436 -4.40 12.33 22.72
C GLY C 436 -5.38 11.30 23.26
N VAL C 437 -6.67 11.54 23.10
CA VAL C 437 -7.68 10.61 23.59
C VAL C 437 -7.72 9.35 22.71
N ASP C 438 -7.86 8.19 23.35
CA ASP C 438 -7.97 6.93 22.63
C ASP C 438 -9.24 6.90 21.79
N SER C 439 -9.17 6.18 20.66
CA SER C 439 -10.31 6.06 19.76
C SER C 439 -11.40 5.19 20.38
N VAL C 440 -12.60 5.26 19.79
CA VAL C 440 -13.74 4.49 20.29
C VAL C 440 -13.67 3.04 19.81
N MET D 1 20.30 58.26 16.67
CA MET D 1 19.23 58.26 15.64
C MET D 1 17.89 58.61 16.26
N ARG D 2 17.63 58.07 17.45
CA ARG D 2 16.42 58.40 18.19
C ARG D 2 16.71 59.57 19.13
N GLU D 3 16.39 60.78 18.69
CA GLU D 3 16.74 61.98 19.43
C GLU D 3 15.72 62.31 20.52
N ILE D 4 16.23 62.75 21.66
CA ILE D 4 15.41 63.31 22.73
C ILE D 4 15.67 64.81 22.81
N VAL D 5 14.60 65.58 22.99
CA VAL D 5 14.72 67.03 23.18
C VAL D 5 14.54 67.35 24.66
N HIS D 6 15.57 67.95 25.26
CA HIS D 6 15.51 68.32 26.66
C HIS D 6 14.96 69.74 26.82
N ILE D 7 14.10 69.91 27.81
CA ILE D 7 13.58 71.21 28.18
C ILE D 7 13.74 71.40 29.69
N GLN D 8 14.22 72.58 30.09
CA GLN D 8 14.31 72.93 31.50
C GLN D 8 13.64 74.28 31.74
N ALA D 9 12.67 74.29 32.64
CA ALA D 9 11.86 75.48 32.88
C ALA D 9 11.91 75.88 34.34
N GLY D 10 12.01 77.19 34.58
CA GLY D 10 12.02 77.73 35.93
C GLY D 10 13.38 77.59 36.58
N GLN D 11 13.48 78.08 37.82
CA GLN D 11 14.74 78.05 38.54
C GLN D 11 15.17 76.61 38.82
N CYS D 12 14.31 75.85 39.50
CA CYS D 12 14.64 74.45 39.82
C CYS D 12 14.97 73.64 38.58
N GLY D 13 14.08 73.71 37.58
CA GLY D 13 14.26 72.99 36.35
C GLY D 13 15.60 73.24 35.70
N ASN D 14 16.03 74.50 35.70
CA ASN D 14 17.30 74.87 35.11
C ASN D 14 18.49 74.42 35.97
N GLN D 15 18.32 74.50 37.28
CA GLN D 15 19.38 74.11 38.21
C GLN D 15 19.70 72.61 38.06
N ILE D 16 18.68 71.77 38.20
CA ILE D 16 18.88 70.32 38.08
C ILE D 16 19.17 69.95 36.64
N GLY D 17 18.61 70.72 35.71
CA GLY D 17 18.85 70.53 34.29
C GLY D 17 20.31 70.75 33.96
N ALA D 18 20.88 71.81 34.53
CA ALA D 18 22.29 72.11 34.33
C ALA D 18 23.16 71.00 34.89
N LYS D 19 22.90 70.61 36.13
CA LYS D 19 23.66 69.55 36.79
C LYS D 19 23.56 68.24 36.01
N PHE D 20 22.38 67.95 35.48
CA PHE D 20 22.19 66.77 34.66
C PHE D 20 23.15 66.77 33.46
N TRP D 21 23.25 67.91 32.78
CA TRP D 21 24.11 68.02 31.61
C TRP D 21 25.59 67.98 31.97
N GLU D 22 25.95 68.51 33.13
CA GLU D 22 27.33 68.44 33.59
C GLU D 22 27.75 66.99 33.78
N VAL D 23 26.88 66.20 34.41
CA VAL D 23 27.19 64.84 34.79
C VAL D 23 27.32 63.90 33.59
N ILE D 24 26.36 63.95 32.66
CA ILE D 24 26.38 63.03 31.52
C ILE D 24 27.42 63.46 30.50
N SER D 25 27.70 64.75 30.44
CA SER D 25 28.74 65.27 29.57
C SER D 25 30.08 64.66 29.97
N ASP D 26 30.30 64.58 31.28
CA ASP D 26 31.50 63.95 31.81
C ASP D 26 31.52 62.45 31.48
N GLU D 27 30.38 61.79 31.64
CA GLU D 27 30.27 60.36 31.35
C GLU D 27 30.56 60.06 29.88
N HIS D 28 30.07 60.94 29.00
CA HIS D 28 30.25 60.75 27.56
C HIS D 28 31.56 61.36 27.06
N GLY D 29 32.28 62.04 27.93
CA GLY D 29 33.57 62.60 27.57
C GLY D 29 33.46 63.87 26.74
N ILE D 30 32.53 64.74 27.11
CA ILE D 30 32.38 66.05 26.49
C ILE D 30 32.87 67.13 27.45
N ASP D 31 33.59 68.11 26.92
CA ASP D 31 34.09 69.23 27.71
C ASP D 31 33.17 70.44 27.55
N PRO D 32 33.31 71.46 28.43
CA PRO D 32 32.42 72.62 28.39
C PRO D 32 32.38 73.33 27.04
N THR D 33 33.39 73.12 26.20
CA THR D 33 33.44 73.76 24.90
C THR D 33 32.72 72.91 23.84
N GLY D 34 32.36 71.68 24.21
CA GLY D 34 31.59 70.81 23.33
C GLY D 34 32.43 69.82 22.54
N SER D 35 33.73 69.80 22.82
CA SER D 35 34.63 68.87 22.13
C SER D 35 34.72 67.53 22.86
N TYR D 36 35.00 66.47 22.12
CA TYR D 36 35.10 65.13 22.69
C TYR D 36 36.54 64.74 23.01
N HIS D 37 36.80 64.44 24.27
CA HIS D 37 38.09 63.92 24.71
C HIS D 37 37.85 62.71 25.62
N GLY D 38 37.34 61.63 25.02
CA GLY D 38 37.01 60.42 25.77
C GLY D 38 37.91 59.25 25.43
N ASP D 39 37.68 58.13 26.12
CA ASP D 39 38.56 56.97 26.05
C ASP D 39 37.87 55.70 25.53
N SER D 40 36.54 55.76 25.40
CA SER D 40 35.76 54.59 24.98
C SER D 40 34.73 54.96 23.92
N ASP D 41 34.61 54.13 22.89
CA ASP D 41 33.67 54.37 21.80
C ASP D 41 32.22 54.17 22.23
N LEU D 42 32.01 53.52 23.37
CA LEU D 42 30.68 53.35 23.91
C LEU D 42 30.08 54.72 24.27
N GLN D 43 30.96 55.68 24.55
CA GLN D 43 30.53 57.02 24.90
C GLN D 43 29.83 57.72 23.73
N LEU D 44 30.29 57.42 22.51
CA LEU D 44 29.79 58.10 21.33
C LEU D 44 28.82 57.24 20.51
N GLU D 45 28.57 56.03 20.98
CA GLU D 45 27.67 55.11 20.29
C GLU D 45 26.29 55.72 20.11
N ARG D 46 25.72 56.22 21.21
CA ARG D 46 24.39 56.81 21.21
C ARG D 46 24.43 58.24 21.72
N ILE D 47 25.44 58.98 21.29
CA ILE D 47 25.61 60.36 21.75
C ILE D 47 24.54 61.27 21.14
N ASN D 48 24.03 60.87 19.98
N ASN D 48 24.03 60.87 19.98
CA ASN D 48 23.05 61.69 19.28
CA ASN D 48 23.05 61.69 19.28
C ASN D 48 21.67 61.68 19.93
C ASN D 48 21.67 61.70 19.94
N VAL D 49 21.52 60.91 21.00
CA VAL D 49 20.26 60.88 21.75
C VAL D 49 20.05 62.21 22.47
N TYR D 50 21.13 62.79 22.98
CA TYR D 50 21.05 64.03 23.75
C TYR D 50 21.87 65.18 23.14
N TYR D 51 22.76 64.87 22.21
CA TYR D 51 23.68 65.86 21.64
C TYR D 51 23.57 66.01 20.13
N ASN D 52 23.37 67.24 19.66
CA ASN D 52 23.53 67.56 18.24
C ASN D 52 25.01 67.69 17.92
N GLU D 53 25.41 67.31 16.72
CA GLU D 53 26.79 67.44 16.28
C GLU D 53 26.94 68.62 15.33
N ALA D 54 27.88 69.51 15.65
CA ALA D 54 28.11 70.73 14.88
C ALA D 54 29.43 70.66 14.12
N THR D 55 29.77 71.76 13.46
CA THR D 55 31.02 71.86 12.71
C THR D 55 32.21 71.76 13.66
N GLY D 56 33.26 71.08 13.22
CA GLY D 56 34.45 70.92 14.02
C GLY D 56 34.27 69.86 15.10
N ASN D 57 33.34 68.94 14.85
CA ASN D 57 33.05 67.86 15.80
C ASN D 57 32.71 68.39 17.19
N LYS D 58 31.86 69.42 17.23
CA LYS D 58 31.38 69.96 18.49
C LYS D 58 30.03 69.34 18.83
N TYR D 59 29.85 68.94 20.08
CA TYR D 59 28.60 68.34 20.54
C TYR D 59 27.80 69.33 21.37
N VAL D 60 26.62 69.68 20.87
CA VAL D 60 25.75 70.65 21.54
C VAL D 60 24.53 69.94 22.14
N PRO D 61 24.28 70.13 23.44
CA PRO D 61 23.06 69.56 24.03
C PRO D 61 21.80 69.98 23.28
N ARG D 62 20.94 69.02 22.98
CA ARG D 62 19.63 69.33 22.41
C ARG D 62 18.73 69.81 23.53
N ALA D 63 19.12 70.95 24.11
CA ALA D 63 18.48 71.47 25.32
C ALA D 63 17.85 72.83 25.07
N ILE D 64 16.71 73.06 25.71
CA ILE D 64 16.01 74.34 25.65
C ILE D 64 15.85 74.88 27.07
N LEU D 65 16.33 76.10 27.27
CA LEU D 65 16.31 76.71 28.59
C LEU D 65 15.21 77.77 28.65
N VAL D 66 14.34 77.65 29.64
CA VAL D 66 13.16 78.50 29.75
C VAL D 66 13.00 79.05 31.17
N ASP D 67 12.56 80.30 31.25
CA ASP D 67 12.22 80.92 32.54
C ASP D 67 11.57 82.27 32.31
N LEU D 68 10.57 82.61 33.12
CA LEU D 68 9.95 83.93 33.07
C LEU D 68 10.80 84.97 33.82
N GLU D 69 11.99 84.56 34.23
CA GLU D 69 12.91 85.39 34.99
C GLU D 69 14.31 85.31 34.37
N PRO D 70 14.87 86.46 33.93
CA PRO D 70 16.12 86.44 33.17
C PRO D 70 17.35 86.11 34.01
N GLY D 71 17.21 86.12 35.32
CA GLY D 71 18.32 85.82 36.20
C GLY D 71 18.87 84.42 35.99
N THR D 72 17.96 83.46 35.83
CA THR D 72 18.32 82.06 35.66
C THR D 72 19.27 81.87 34.47
N MET D 73 19.01 82.63 33.41
CA MET D 73 19.74 82.46 32.15
C MET D 73 21.22 82.79 32.35
N ASP D 74 21.50 83.89 33.05
CA ASP D 74 22.88 84.32 33.30
C ASP D 74 23.62 83.33 34.17
N SER D 75 22.97 82.88 35.25
CA SER D 75 23.58 81.93 36.17
C SER D 75 24.02 80.65 35.45
N VAL D 76 23.13 80.11 34.62
CA VAL D 76 23.47 78.94 33.80
C VAL D 76 24.58 79.29 32.82
N ARG D 77 24.38 80.41 32.12
CA ARG D 77 25.29 80.82 31.06
C ARG D 77 26.71 81.04 31.60
N SER D 78 26.82 81.56 32.82
CA SER D 78 28.11 81.78 33.45
C SER D 78 28.47 80.60 34.36
N GLY D 79 27.81 79.47 34.13
CA GLY D 79 28.11 78.25 34.86
C GLY D 79 29.28 77.52 34.23
N PRO D 80 29.64 76.36 34.78
CA PRO D 80 30.77 75.57 34.27
C PRO D 80 30.60 75.16 32.81
N PHE D 81 29.43 74.64 32.46
CA PHE D 81 29.14 74.20 31.10
C PHE D 81 28.20 75.18 30.40
N GLY D 82 28.14 76.41 30.89
CA GLY D 82 27.23 77.40 30.34
C GLY D 82 27.48 77.71 28.88
N GLN D 83 28.74 77.55 28.45
CA GLN D 83 29.12 77.89 27.09
C GLN D 83 28.83 76.75 26.10
N ILE D 84 28.43 75.59 26.62
CA ILE D 84 28.16 74.44 25.76
C ILE D 84 26.81 74.59 25.06
N PHE D 85 25.87 75.23 25.75
CA PHE D 85 24.50 75.34 25.25
C PHE D 85 24.41 76.26 24.04
N ARG D 86 23.33 76.10 23.27
CA ARG D 86 23.07 76.92 22.11
C ARG D 86 22.48 78.25 22.55
N PRO D 87 23.14 79.38 22.20
CA PRO D 87 22.67 80.70 22.67
C PRO D 87 21.22 80.99 22.30
N ASP D 88 20.80 80.58 21.11
CA ASP D 88 19.45 80.86 20.63
C ASP D 88 18.41 80.02 21.35
N ASN D 89 18.86 78.97 22.05
CA ASN D 89 17.94 78.10 22.78
C ASN D 89 17.60 78.66 24.15
N PHE D 90 18.21 79.79 24.49
CA PHE D 90 17.85 80.53 25.70
C PHE D 90 16.60 81.36 25.41
N VAL D 91 15.53 81.09 26.15
CA VAL D 91 14.27 81.81 25.99
C VAL D 91 13.80 82.29 27.36
N PHE D 92 13.59 83.59 27.50
CA PHE D 92 13.22 84.15 28.79
C PHE D 92 12.43 85.45 28.70
N GLY D 93 11.66 85.72 29.76
CA GLY D 93 10.93 86.96 29.90
C GLY D 93 11.65 87.88 30.87
N GLN D 94 10.89 88.68 31.61
CA GLN D 94 11.45 89.65 32.53
C GLN D 94 10.66 89.74 33.83
N SER D 95 9.34 89.61 33.73
CA SER D 95 8.45 89.91 34.84
C SER D 95 8.42 88.84 35.93
N GLY D 96 8.97 87.66 35.66
CA GLY D 96 8.93 86.57 36.60
C GLY D 96 7.52 86.04 36.78
N ALA D 97 7.39 84.94 37.51
CA ALA D 97 6.07 84.34 37.79
C ALA D 97 5.71 84.50 39.25
N GLY D 98 6.72 84.51 40.11
CA GLY D 98 6.53 84.75 41.53
C GLY D 98 5.66 83.71 42.21
N ASN D 99 5.96 82.43 41.98
CA ASN D 99 5.28 81.32 42.63
C ASN D 99 3.77 81.33 42.42
N ASN D 100 3.33 81.85 41.27
CA ASN D 100 1.92 81.87 40.90
C ASN D 100 1.67 81.00 39.67
N TRP D 101 1.08 79.82 39.89
CA TRP D 101 0.84 78.86 38.84
C TRP D 101 -0.01 79.44 37.71
N ALA D 102 -0.98 80.29 38.08
CA ALA D 102 -1.87 80.92 37.11
C ALA D 102 -1.10 81.84 36.17
N LYS D 103 -0.13 82.57 36.72
CA LYS D 103 0.69 83.46 35.91
C LYS D 103 1.48 82.67 34.88
N GLY D 104 2.07 81.57 35.32
CA GLY D 104 2.92 80.76 34.44
C GLY D 104 2.13 79.98 33.41
N HIS D 105 0.89 79.63 33.74
CA HIS D 105 0.10 78.76 32.88
C HIS D 105 -0.81 79.54 31.93
N TYR D 106 -1.42 80.61 32.43
CA TYR D 106 -2.43 81.34 31.66
C TYR D 106 -2.00 82.74 31.22
N THR D 107 -1.28 83.45 32.07
CA THR D 107 -0.97 84.86 31.82
C THR D 107 0.45 85.05 31.28
N GLU D 108 1.41 85.24 32.18
CA GLU D 108 2.77 85.61 31.80
C GLU D 108 3.40 84.56 30.90
N GLY D 109 3.27 83.29 31.29
CA GLY D 109 3.89 82.20 30.54
C GLY D 109 3.25 81.96 29.20
N ALA D 110 1.95 82.23 29.10
CA ALA D 110 1.20 82.04 27.86
C ALA D 110 1.68 83.00 26.78
N GLU D 111 2.20 84.15 27.20
CA GLU D 111 2.75 85.12 26.27
C GLU D 111 4.07 84.62 25.70
N LEU D 112 4.82 83.90 26.53
CA LEU D 112 6.17 83.48 26.19
C LEU D 112 6.22 82.09 25.54
N VAL D 113 5.14 81.33 25.68
CA VAL D 113 5.15 79.92 25.26
C VAL D 113 5.45 79.75 23.77
N ASP D 114 4.96 80.67 22.95
CA ASP D 114 5.11 80.57 21.50
C ASP D 114 6.58 80.66 21.06
N SER D 115 7.33 81.55 21.69
CA SER D 115 8.75 81.73 21.37
C SER D 115 9.54 80.50 21.79
N VAL D 116 9.09 79.83 22.84
CA VAL D 116 9.71 78.58 23.27
C VAL D 116 9.44 77.51 22.23
N LEU D 117 8.17 77.40 21.83
CA LEU D 117 7.75 76.40 20.84
C LEU D 117 8.54 76.53 19.55
N ASP D 118 8.84 77.76 19.14
CA ASP D 118 9.63 77.99 17.94
C ASP D 118 10.98 77.30 18.03
N VAL D 119 11.59 77.37 19.22
CA VAL D 119 12.87 76.72 19.45
C VAL D 119 12.73 75.20 19.45
N VAL D 120 11.63 74.72 20.03
CA VAL D 120 11.34 73.29 20.04
C VAL D 120 11.24 72.77 18.60
N ARG D 121 10.43 73.46 17.79
CA ARG D 121 10.20 73.06 16.41
C ARG D 121 11.51 72.97 15.63
N LYS D 122 12.40 73.95 15.84
CA LYS D 122 13.65 73.99 15.10
C LYS D 122 14.54 72.81 15.46
N GLU D 123 14.52 72.44 16.74
CA GLU D 123 15.28 71.28 17.19
C GLU D 123 14.66 70.00 16.62
N SER D 124 13.35 69.88 16.74
CA SER D 124 12.65 68.68 16.28
C SER D 124 12.73 68.49 14.77
N GLU D 125 12.66 69.58 14.02
CA GLU D 125 12.75 69.53 12.55
C GLU D 125 14.04 68.86 12.10
N SER D 126 15.09 69.02 12.89
CA SER D 126 16.41 68.50 12.55
C SER D 126 16.65 67.10 13.11
N CYS D 127 15.63 66.52 13.74
CA CYS D 127 15.75 65.18 14.30
C CYS D 127 15.52 64.12 13.24
N ASP D 128 16.44 63.16 13.15
CA ASP D 128 16.32 62.05 12.22
C ASP D 128 15.10 61.21 12.59
N CYS D 129 14.90 60.99 13.88
CA CYS D 129 13.73 60.27 14.38
C CYS D 129 13.45 60.62 15.82
N LEU D 130 12.84 61.78 16.03
CA LEU D 130 12.47 62.24 17.37
C LEU D 130 11.64 61.19 18.12
N GLN D 131 12.13 60.75 19.26
CA GLN D 131 11.38 59.79 20.07
C GLN D 131 10.51 60.51 21.09
N GLY D 132 10.97 61.66 21.58
CA GLY D 132 10.17 62.45 22.50
C GLY D 132 10.91 63.56 23.20
N PHE D 133 10.34 63.99 24.33
CA PHE D 133 10.84 65.12 25.09
C PHE D 133 11.00 64.76 26.56
N GLN D 134 11.94 65.39 27.24
CA GLN D 134 12.03 65.29 28.69
C GLN D 134 12.12 66.67 29.31
N LEU D 135 11.27 66.92 30.29
CA LEU D 135 11.20 68.21 30.97
C LEU D 135 11.75 68.10 32.40
N THR D 136 12.52 69.10 32.81
CA THR D 136 12.95 69.24 34.19
C THR D 136 12.33 70.49 34.78
N HIS D 137 11.68 70.34 35.93
CA HIS D 137 10.97 71.45 36.55
C HIS D 137 10.52 71.11 37.96
N SER D 138 10.01 72.11 38.67
CA SER D 138 9.40 71.91 39.98
C SER D 138 7.90 72.14 39.87
N LEU D 139 7.15 71.60 40.82
CA LEU D 139 5.70 71.74 40.83
C LEU D 139 5.24 72.75 41.88
N GLY D 140 6.18 73.24 42.68
CA GLY D 140 5.87 74.17 43.75
C GLY D 140 5.92 75.63 43.33
N GLY D 141 6.70 75.92 42.29
CA GLY D 141 6.86 77.29 41.83
C GLY D 141 5.69 77.77 40.99
N GLY D 142 5.98 78.55 39.97
CA GLY D 142 4.96 79.10 39.09
C GLY D 142 5.32 78.97 37.62
N THR D 143 6.61 79.15 37.32
CA THR D 143 7.10 79.02 35.96
C THR D 143 7.24 77.54 35.58
N GLY D 144 8.07 76.83 36.34
CA GLY D 144 8.29 75.41 36.08
C GLY D 144 7.02 74.61 36.25
N SER D 145 6.21 74.97 37.24
CA SER D 145 4.98 74.26 37.53
C SER D 145 3.87 74.67 36.57
N GLY D 146 3.74 75.97 36.34
CA GLY D 146 2.65 76.50 35.53
C GLY D 146 2.95 76.53 34.04
N MET D 147 4.08 77.11 33.66
CA MET D 147 4.45 77.23 32.26
C MET D 147 4.96 75.90 31.72
N GLY D 148 5.54 75.09 32.60
CA GLY D 148 6.01 73.77 32.23
C GLY D 148 4.86 72.88 31.79
N THR D 149 3.78 72.89 32.55
CA THR D 149 2.60 72.10 32.22
C THR D 149 1.91 72.65 30.98
N LEU D 150 2.01 73.95 30.76
CA LEU D 150 1.48 74.56 29.55
C LEU D 150 2.26 74.05 28.34
N LEU D 151 3.58 74.17 28.42
CA LEU D 151 4.47 73.73 27.35
C LEU D 151 4.20 72.28 26.95
N ILE D 152 3.97 71.43 27.95
CA ILE D 152 3.63 70.03 27.72
C ILE D 152 2.40 69.90 26.83
N SER D 153 1.35 70.64 27.18
CA SER D 153 0.09 70.58 26.47
CA SER D 153 0.09 70.57 26.46
C SER D 153 0.25 71.06 25.02
N LYS D 154 1.02 72.13 24.84
CA LYS D 154 1.23 72.69 23.50
C LYS D 154 2.12 71.76 22.65
N ILE D 155 3.17 71.22 23.26
CA ILE D 155 4.06 70.30 22.57
C ILE D 155 3.31 69.02 22.19
N ARG D 156 2.43 68.57 23.08
CA ARG D 156 1.64 67.37 22.83
C ARG D 156 0.67 67.60 21.67
N GLU D 157 0.25 68.85 21.50
CA GLU D 157 -0.65 69.21 20.40
C GLU D 157 0.01 69.00 19.04
N GLU D 158 1.31 69.27 18.96
CA GLU D 158 2.06 69.22 17.70
C GLU D 158 2.84 67.92 17.53
N TYR D 159 3.03 67.19 18.62
CA TYR D 159 3.71 65.90 18.58
C TYR D 159 2.95 64.89 19.44
N PRO D 160 1.70 64.59 19.05
CA PRO D 160 0.82 63.74 19.88
C PRO D 160 1.24 62.28 19.90
N ASP D 161 2.08 61.88 18.95
CA ASP D 161 2.52 60.50 18.85
C ASP D 161 3.95 60.32 19.38
N ARG D 162 4.41 61.28 20.18
CA ARG D 162 5.73 61.22 20.79
C ARG D 162 5.62 61.08 22.31
N ILE D 163 6.66 60.54 22.94
CA ILE D 163 6.64 60.33 24.38
C ILE D 163 6.95 61.62 25.13
N MET D 164 6.14 61.91 26.14
CA MET D 164 6.36 63.05 27.03
C MET D 164 6.80 62.57 28.41
N ASN D 165 8.05 62.86 28.73
CA ASN D 165 8.64 62.47 30.00
C ASN D 165 8.96 63.69 30.85
N THR D 166 8.82 63.57 32.17
CA THR D 166 9.09 64.70 33.06
C THR D 166 9.81 64.27 34.33
N PHE D 167 10.76 65.11 34.73
CA PHE D 167 11.39 65.01 36.05
C PHE D 167 10.79 66.10 36.94
N SER D 168 9.72 65.75 37.65
CA SER D 168 8.99 66.72 38.46
C SER D 168 9.51 66.76 39.89
N VAL D 169 9.86 67.96 40.36
CA VAL D 169 10.32 68.13 41.74
C VAL D 169 9.15 68.55 42.63
N MET D 170 8.87 67.71 43.63
CA MET D 170 7.73 67.94 44.52
C MET D 170 8.12 68.85 45.67
N PRO D 171 7.19 69.73 46.09
CA PRO D 171 7.50 70.66 47.17
C PRO D 171 7.37 70.06 48.56
N SER D 172 8.15 70.57 49.51
CA SER D 172 8.09 70.12 50.89
C SER D 172 8.32 71.30 51.85
N PRO D 173 7.50 71.41 52.91
CA PRO D 173 7.71 72.49 53.88
C PRO D 173 9.10 72.49 54.53
N LYS D 174 9.84 71.39 54.38
CA LYS D 174 11.15 71.25 55.01
C LYS D 174 12.24 71.97 54.23
N VAL D 175 11.97 72.29 52.97
CA VAL D 175 12.95 72.92 52.09
C VAL D 175 12.51 74.33 51.67
N SER D 176 11.19 74.51 51.54
CA SER D 176 10.64 75.79 51.09
C SER D 176 9.51 76.24 52.00
N ASP D 177 9.48 77.54 52.29
CA ASP D 177 8.51 78.10 53.23
C ASP D 177 7.34 78.76 52.50
N THR D 178 7.40 78.81 51.17
CA THR D 178 6.29 79.30 50.38
C THR D 178 5.08 78.42 50.67
N VAL D 179 3.96 79.04 51.01
CA VAL D 179 2.83 78.32 51.56
C VAL D 179 1.86 77.81 50.49
N VAL D 180 1.90 78.41 49.30
CA VAL D 180 0.98 78.02 48.22
C VAL D 180 1.53 76.91 47.33
N GLU D 181 2.62 76.28 47.76
CA GLU D 181 3.20 75.19 46.99
C GLU D 181 2.25 73.99 46.81
N PRO D 182 1.46 73.65 47.84
CA PRO D 182 0.45 72.62 47.61
C PRO D 182 -0.61 73.01 46.56
N TYR D 183 -0.90 74.30 46.41
CA TYR D 183 -1.81 74.75 45.35
C TYR D 183 -1.18 74.51 43.99
N ASN D 184 0.06 74.97 43.83
CA ASN D 184 0.78 74.87 42.56
C ASN D 184 1.07 73.41 42.18
N ALA D 185 1.38 72.61 43.18
CA ALA D 185 1.68 71.20 42.95
C ALA D 185 0.44 70.46 42.48
N THR D 186 -0.68 70.62 43.19
CA THR D 186 -1.91 69.94 42.86
C THR D 186 -2.42 70.33 41.47
N LEU D 187 -2.30 71.62 41.15
CA LEU D 187 -2.71 72.11 39.85
C LEU D 187 -1.83 71.53 38.74
N SER D 188 -0.56 71.27 39.08
CA SER D 188 0.37 70.70 38.12
C SER D 188 0.10 69.21 37.90
N VAL D 189 -0.11 68.48 38.99
CA VAL D 189 -0.41 67.05 38.93
C VAL D 189 -1.67 66.83 38.09
N HIS D 190 -2.61 67.76 38.19
CA HIS D 190 -3.84 67.70 37.41
C HIS D 190 -3.54 67.68 35.92
N GLN D 191 -2.43 68.30 35.54
CA GLN D 191 -2.02 68.36 34.14
C GLN D 191 -1.15 67.15 33.77
N LEU D 192 -0.26 66.76 34.68
CA LEU D 192 0.69 65.67 34.42
C LEU D 192 0.00 64.33 34.22
N VAL D 193 -1.07 64.08 34.97
CA VAL D 193 -1.75 62.80 34.91
C VAL D 193 -2.45 62.62 33.55
N GLU D 194 -2.72 63.74 32.87
CA GLU D 194 -3.46 63.70 31.61
C GLU D 194 -2.55 63.76 30.38
N ASN D 195 -1.41 64.43 30.49
CA ASN D 195 -0.63 64.81 29.31
C ASN D 195 0.83 64.35 29.29
N THR D 196 1.24 63.57 30.29
CA THR D 196 2.58 62.96 30.29
C THR D 196 2.47 61.45 30.23
N ASP D 197 3.51 60.83 29.64
CA ASP D 197 3.55 59.38 29.50
C ASP D 197 4.29 58.72 30.67
N GLU D 198 5.24 59.45 31.26
CA GLU D 198 6.00 58.93 32.38
C GLU D 198 6.67 60.06 33.16
N THR D 199 6.37 60.10 34.46
CA THR D 199 6.86 61.15 35.35
C THR D 199 7.70 60.59 36.49
N TYR D 200 8.96 61.01 36.56
CA TYR D 200 9.81 60.72 37.69
C TYR D 200 9.50 61.67 38.84
N CYS D 201 9.05 61.12 39.96
CA CYS D 201 8.71 61.93 41.13
C CYS D 201 9.92 62.20 41.99
N ILE D 202 10.49 63.39 41.84
CA ILE D 202 11.60 63.84 42.67
C ILE D 202 11.04 64.60 43.87
N ASP D 203 11.07 63.99 45.05
CA ASP D 203 10.50 64.61 46.24
C ASP D 203 11.57 65.29 47.08
N ASN D 204 11.45 66.62 47.24
CA ASN D 204 12.38 67.37 48.07
C ASN D 204 12.34 66.89 49.52
N GLU D 205 11.19 66.41 49.95
CA GLU D 205 11.05 65.84 51.28
C GLU D 205 12.01 64.67 51.43
N ALA D 206 12.07 63.81 50.41
CA ALA D 206 12.95 62.66 50.44
C ALA D 206 14.41 63.08 50.28
N LEU D 207 14.64 64.11 49.48
CA LEU D 207 16.00 64.62 49.27
C LEU D 207 16.55 65.24 50.54
N TYR D 208 15.71 65.95 51.28
CA TYR D 208 16.11 66.54 52.54
C TYR D 208 16.41 65.46 53.58
N ASP D 209 15.46 64.54 53.76
CA ASP D 209 15.60 63.48 54.75
C ASP D 209 16.84 62.63 54.51
N ILE D 210 17.20 62.42 53.25
CA ILE D 210 18.40 61.67 52.93
C ILE D 210 19.65 62.47 53.33
N CYS D 211 19.69 63.73 52.94
CA CYS D 211 20.84 64.58 53.25
C CYS D 211 21.03 64.78 54.75
N PHE D 212 19.92 64.88 55.48
CA PHE D 212 19.98 65.15 56.91
C PHE D 212 20.21 63.88 57.74
N ARG D 213 19.44 62.84 57.47
CA ARG D 213 19.52 61.60 58.25
C ARG D 213 20.68 60.72 57.80
N THR D 214 20.71 60.39 56.51
CA THR D 214 21.72 59.47 55.98
C THR D 214 23.07 60.15 55.83
N LEU D 215 23.13 61.17 54.97
CA LEU D 215 24.40 61.85 54.68
C LEU D 215 24.86 62.69 55.87
N LYS D 216 23.96 62.91 56.84
CA LYS D 216 24.27 63.65 58.06
C LYS D 216 24.77 65.06 57.74
N LEU D 217 23.97 65.78 56.97
CA LEU D 217 24.20 67.20 56.69
C LEU D 217 23.21 68.03 57.50
N THR D 218 23.73 68.76 58.48
CA THR D 218 22.90 69.52 59.41
C THR D 218 22.01 70.52 58.69
N THR D 219 22.58 71.28 57.76
CA THR D 219 21.85 72.27 56.97
C THR D 219 22.04 72.01 55.48
N PRO D 220 21.19 71.17 54.89
CA PRO D 220 21.30 70.83 53.47
C PRO D 220 20.98 72.02 52.55
N THR D 221 21.85 72.25 51.56
CA THR D 221 21.63 73.29 50.57
C THR D 221 20.94 72.72 49.35
N TYR D 222 20.51 73.60 48.44
CA TYR D 222 19.93 73.15 47.18
C TYR D 222 20.97 72.39 46.36
N GLY D 223 22.24 72.68 46.61
CA GLY D 223 23.32 71.99 45.93
C GLY D 223 23.52 70.58 46.45
N ASP D 224 23.13 70.36 47.70
CA ASP D 224 23.21 69.03 48.31
C ASP D 224 22.09 68.13 47.82
N LEU D 225 20.91 68.72 47.63
CA LEU D 225 19.77 67.98 47.11
C LEU D 225 20.01 67.60 45.65
N ASN D 226 20.49 68.56 44.86
CA ASN D 226 20.70 68.34 43.43
C ASN D 226 21.77 67.29 43.15
N HIS D 227 22.70 67.11 44.08
CA HIS D 227 23.73 66.09 43.92
C HIS D 227 23.07 64.72 43.84
N LEU D 228 22.01 64.55 44.62
CA LEU D 228 21.22 63.32 44.57
C LEU D 228 20.46 63.24 43.26
N VAL D 229 19.80 64.34 42.91
CA VAL D 229 18.97 64.39 41.70
C VAL D 229 19.80 64.06 40.46
N SER D 230 20.99 64.65 40.35
CA SER D 230 21.83 64.43 39.20
C SER D 230 22.28 62.98 39.10
N ALA D 231 22.54 62.36 40.26
CA ALA D 231 22.93 60.96 40.30
C ALA D 231 21.78 60.06 39.88
N THR D 232 20.57 60.45 40.27
CA THR D 232 19.36 59.72 39.88
C THR D 232 19.07 59.88 38.39
N MET D 233 19.08 61.12 37.92
CA MET D 233 18.79 61.41 36.52
C MET D 233 19.78 60.71 35.60
N SER D 234 21.04 60.63 36.05
CA SER D 234 22.06 59.93 35.29
C SER D 234 21.77 58.44 35.20
N GLY D 235 21.19 57.91 36.28
CA GLY D 235 20.91 56.48 36.36
C GLY D 235 19.74 56.05 35.51
N VAL D 236 18.63 56.77 35.63
CA VAL D 236 17.40 56.39 34.93
C VAL D 236 17.49 56.65 33.43
N THR D 237 18.53 57.35 32.99
CA THR D 237 18.75 57.63 31.58
C THR D 237 19.96 56.87 31.04
N THR D 238 20.53 56.00 31.87
CA THR D 238 21.66 55.17 31.46
C THR D 238 21.29 54.30 30.27
N CYS D 239 20.12 53.67 30.35
CA CYS D 239 19.67 52.75 29.31
C CYS D 239 19.40 53.46 27.99
N LEU D 240 19.16 54.76 28.06
CA LEU D 240 18.89 55.56 26.86
C LEU D 240 20.20 56.00 26.20
N ARG D 241 21.22 56.24 27.02
CA ARG D 241 22.44 56.90 26.56
C ARG D 241 23.54 55.93 26.12
N PHE D 242 23.43 54.68 26.55
CA PHE D 242 24.44 53.68 26.21
C PHE D 242 23.82 52.49 25.48
N PRO D 243 24.63 51.78 24.66
CA PRO D 243 24.13 50.61 23.95
C PRO D 243 23.61 49.53 24.91
N GLY D 244 22.38 49.09 24.69
CA GLY D 244 21.76 48.12 25.58
C GLY D 244 20.50 47.51 25.01
N GLN D 245 19.90 46.60 25.79
CA GLN D 245 18.73 45.86 25.36
C GLN D 245 17.47 46.41 26.00
N LEU D 246 17.49 46.49 27.33
CA LEU D 246 16.31 46.80 28.11
C LEU D 246 16.02 48.30 28.16
N ASN D 247 14.77 48.67 27.89
CA ASN D 247 14.31 50.05 27.97
C ASN D 247 15.27 51.03 27.33
N ALA D 248 15.67 50.72 26.10
CA ALA D 248 16.70 51.49 25.41
C ALA D 248 16.15 52.79 24.84
N ASP D 249 14.83 52.95 24.83
CA ASP D 249 14.21 54.19 24.38
C ASP D 249 12.98 54.52 25.23
N LEU D 250 12.48 55.74 25.09
CA LEU D 250 11.42 56.23 25.96
C LEU D 250 10.12 55.44 25.83
N ARG D 251 9.82 54.96 24.64
CA ARG D 251 8.57 54.24 24.41
C ARG D 251 8.61 52.83 25.00
N LYS D 252 9.72 52.14 24.81
CA LYS D 252 9.87 50.80 25.36
C LYS D 252 9.86 50.83 26.89
N LEU D 253 10.41 51.90 27.46
CA LEU D 253 10.36 52.08 28.91
C LEU D 253 8.91 52.21 29.34
N ALA D 254 8.17 53.07 28.64
CA ALA D 254 6.79 53.34 28.98
C ALA D 254 5.93 52.08 28.91
N VAL D 255 6.20 51.25 27.91
CA VAL D 255 5.45 50.01 27.74
C VAL D 255 5.70 49.05 28.89
N ASN D 256 6.94 49.01 29.38
CA ASN D 256 7.29 48.13 30.49
C ASN D 256 6.88 48.67 31.84
N MET D 257 6.71 49.99 31.93
CA MET D 257 6.53 50.63 33.23
C MET D 257 5.09 51.09 33.49
N VAL D 258 4.32 51.31 32.43
CA VAL D 258 2.99 51.90 32.56
C VAL D 258 1.87 50.94 32.15
N PRO D 259 1.31 50.19 33.11
CA PRO D 259 0.21 49.26 32.79
C PRO D 259 -1.12 49.97 32.57
N PHE D 260 -1.28 51.15 33.16
CA PHE D 260 -2.46 51.97 32.93
C PHE D 260 -2.02 53.42 32.74
N PRO D 261 -2.61 54.12 31.76
CA PRO D 261 -2.06 55.40 31.29
C PRO D 261 -1.89 56.47 32.37
N ARG D 262 -2.80 56.54 33.33
CA ARG D 262 -2.73 57.55 34.39
C ARG D 262 -1.65 57.20 35.41
N LEU D 263 -1.50 55.92 35.72
CA LEU D 263 -0.54 55.48 36.71
C LEU D 263 0.87 55.44 36.14
N HIS D 264 1.44 56.61 35.89
CA HIS D 264 2.76 56.75 35.28
C HIS D 264 3.70 57.61 36.13
N PHE D 265 3.48 57.60 37.44
CA PHE D 265 4.29 58.39 38.37
C PHE D 265 5.27 57.50 39.14
N PHE D 266 6.54 57.60 38.78
CA PHE D 266 7.54 56.64 39.24
C PHE D 266 8.26 57.10 40.51
N MET D 267 8.67 56.10 41.29
CA MET D 267 9.45 56.30 42.50
C MET D 267 10.90 55.89 42.23
N PRO D 268 11.77 56.87 41.93
CA PRO D 268 13.15 56.49 41.64
C PRO D 268 13.95 56.17 42.90
N GLY D 269 15.05 55.43 42.73
CA GLY D 269 15.90 55.07 43.84
C GLY D 269 17.33 54.92 43.37
N PHE D 270 18.28 55.12 44.28
CA PHE D 270 19.70 55.07 43.94
C PHE D 270 20.50 54.43 45.05
N ALA D 271 21.63 53.83 44.68
CA ALA D 271 22.55 53.26 45.65
C ALA D 271 23.94 53.10 45.03
N PRO D 272 25.00 53.33 45.82
CA PRO D 272 24.99 53.72 47.23
C PRO D 272 24.76 55.21 47.46
N LEU D 273 24.07 55.55 48.54
CA LEU D 273 23.94 56.94 48.98
C LEU D 273 25.00 57.23 50.03
N THR D 274 25.99 58.04 49.69
CA THR D 274 27.13 58.28 50.56
C THR D 274 27.76 59.66 50.44
N SER D 275 28.11 60.22 51.59
CA SER D 275 28.96 61.40 51.68
C SER D 275 29.80 61.28 52.94
N ARG D 276 31.02 61.82 52.88
CA ARG D 276 32.01 61.72 53.96
C ARG D 276 31.40 61.92 55.34
N LEU D 284 30.97 48.27 47.57
CA LEU D 284 29.78 47.49 47.87
C LEU D 284 29.75 46.18 47.09
N THR D 285 29.05 45.19 47.65
CA THR D 285 28.81 43.92 46.97
C THR D 285 27.48 43.97 46.24
N VAL D 286 27.27 43.04 45.30
CA VAL D 286 26.03 43.02 44.52
C VAL D 286 24.81 42.75 45.42
N PRO D 287 24.93 41.84 46.39
CA PRO D 287 23.83 41.68 47.34
C PRO D 287 23.51 42.96 48.10
N GLU D 288 24.54 43.70 48.49
CA GLU D 288 24.37 44.96 49.24
C GLU D 288 23.71 46.01 48.37
N LEU D 289 24.20 46.18 47.14
CA LEU D 289 23.61 47.11 46.19
C LEU D 289 22.13 46.84 46.00
N THR D 290 21.79 45.56 45.89
CA THR D 290 20.41 45.15 45.65
C THR D 290 19.52 45.42 46.86
N GLN D 291 20.05 45.15 48.05
CA GLN D 291 19.32 45.41 49.28
C GLN D 291 18.97 46.88 49.41
N GLN D 292 19.97 47.73 49.22
CA GLN D 292 19.82 49.16 49.43
C GLN D 292 18.88 49.82 48.41
N MET D 293 18.98 49.40 47.14
CA MET D 293 18.20 50.04 46.09
C MET D 293 16.71 49.79 46.28
N PHE D 294 16.37 48.75 47.05
CA PHE D 294 14.98 48.45 47.38
C PHE D 294 14.63 48.95 48.78
N ASP D 295 15.58 49.59 49.44
CA ASP D 295 15.37 50.14 50.78
C ASP D 295 14.59 51.44 50.69
N SER D 296 13.72 51.67 51.66
CA SER D 296 12.94 52.90 51.71
C SER D 296 13.84 54.12 51.90
N LYS D 297 14.98 53.92 52.56
CA LYS D 297 15.93 55.00 52.83
C LYS D 297 16.65 55.48 51.57
N ASN D 298 16.48 54.76 50.47
CA ASN D 298 17.15 55.08 49.21
C ASN D 298 16.22 55.60 48.14
N MET D 299 14.94 55.78 48.49
CA MET D 299 13.96 56.26 47.53
C MET D 299 13.99 57.80 47.43
N MET D 300 13.84 58.31 46.21
CA MET D 300 13.81 59.75 45.97
C MET D 300 12.39 60.29 46.07
N ALA D 301 11.47 59.45 46.53
CA ALA D 301 10.12 59.88 46.89
C ALA D 301 9.83 59.45 48.33
N ALA D 302 9.23 60.35 49.10
CA ALA D 302 8.95 60.08 50.51
C ALA D 302 7.82 59.08 50.66
N CYS D 303 8.08 57.85 50.22
CA CYS D 303 7.10 56.77 50.33
C CYS D 303 7.77 55.49 50.76
N ASP D 304 7.04 54.67 51.51
CA ASP D 304 7.53 53.36 51.94
C ASP D 304 6.96 52.31 50.98
N PRO D 305 7.83 51.64 50.20
CA PRO D 305 7.30 50.65 49.25
C PRO D 305 6.61 49.48 49.94
N ARG D 306 6.91 49.25 51.21
CA ARG D 306 6.26 48.18 51.97
C ARG D 306 4.87 48.61 52.45
N HIS D 307 4.46 49.82 52.08
CA HIS D 307 3.11 50.28 52.36
C HIS D 307 2.24 50.21 51.11
N GLY D 308 2.76 49.56 50.07
CA GLY D 308 2.02 49.35 48.84
C GLY D 308 2.58 48.17 48.07
N ARG D 309 2.24 48.08 46.79
CA ARG D 309 2.72 46.99 45.94
C ARG D 309 3.32 47.55 44.64
N TYR D 310 4.37 46.90 44.16
CA TYR D 310 4.98 47.26 42.88
C TYR D 310 4.16 46.73 41.70
N LEU D 311 3.75 47.63 40.83
CA LEU D 311 3.14 47.25 39.56
C LEU D 311 4.25 46.81 38.61
N THR D 312 5.26 47.66 38.48
CA THR D 312 6.41 47.40 37.63
C THR D 312 7.67 48.00 38.24
N VAL D 313 8.83 47.43 37.89
CA VAL D 313 10.11 47.94 38.37
C VAL D 313 11.19 47.78 37.31
N ALA D 314 11.98 48.83 37.15
CA ALA D 314 13.16 48.80 36.29
C ALA D 314 14.39 49.01 37.17
N ALA D 315 15.26 48.01 37.21
CA ALA D 315 16.52 48.10 37.95
C ALA D 315 17.68 48.24 36.99
N ILE D 316 18.61 49.14 37.30
CA ILE D 316 19.77 49.39 36.46
C ILE D 316 21.06 49.32 37.27
N PHE D 317 21.85 48.29 37.02
CA PHE D 317 23.16 48.14 37.67
C PHE D 317 24.26 48.69 36.77
N ARG D 318 25.17 49.46 37.35
CA ARG D 318 26.28 50.05 36.62
C ARG D 318 27.60 49.63 37.24
N GLY D 319 28.60 49.41 36.40
CA GLY D 319 29.92 49.03 36.85
C GLY D 319 30.30 47.62 36.44
N ARG D 320 31.55 47.26 36.68
CA ARG D 320 32.04 45.91 36.40
C ARG D 320 31.66 44.97 37.54
N MET D 321 30.80 43.99 37.23
CA MET D 321 30.33 43.04 38.23
C MET D 321 29.92 41.73 37.58
N SER D 322 29.48 40.77 38.40
CA SER D 322 29.04 39.47 37.91
C SER D 322 27.54 39.48 37.61
N MET D 323 27.18 39.34 36.34
CA MET D 323 25.78 39.36 35.95
C MET D 323 25.05 38.14 36.50
N LYS D 324 25.79 37.06 36.70
CA LYS D 324 25.25 35.87 37.34
C LYS D 324 24.80 36.22 38.76
N GLU D 325 25.62 37.00 39.45
CA GLU D 325 25.32 37.39 40.82
C GLU D 325 24.11 38.33 40.86
N VAL D 326 24.06 39.27 39.91
CA VAL D 326 22.95 40.21 39.82
C VAL D 326 21.65 39.46 39.56
N ASP D 327 21.67 38.48 38.66
CA ASP D 327 20.48 37.73 38.32
C ASP D 327 19.96 36.94 39.53
N GLU D 328 20.90 36.36 40.28
CA GLU D 328 20.54 35.58 41.48
C GLU D 328 19.90 36.47 42.53
N GLN D 329 20.51 37.63 42.78
CA GLN D 329 20.03 38.53 43.83
C GLN D 329 18.68 39.15 43.47
N MET D 330 18.48 39.49 42.21
CA MET D 330 17.21 40.08 41.79
C MET D 330 16.08 39.08 41.93
N LEU D 331 16.41 37.80 41.72
CA LEU D 331 15.45 36.73 41.95
C LEU D 331 15.21 36.55 43.44
N ASN D 332 16.27 36.72 44.24
CA ASN D 332 16.19 36.57 45.68
C ASN D 332 15.22 37.60 46.27
N VAL D 333 15.33 38.85 45.83
CA VAL D 333 14.49 39.93 46.32
C VAL D 333 13.01 39.68 46.01
N GLN D 334 12.73 39.29 44.78
CA GLN D 334 11.35 39.07 44.34
C GLN D 334 10.71 37.92 45.09
N ASN D 335 11.48 36.86 45.33
CA ASN D 335 10.96 35.70 46.05
C ASN D 335 10.75 35.99 47.53
N LYS D 336 11.72 36.69 48.13
CA LYS D 336 11.65 37.03 49.55
C LYS D 336 10.67 38.16 49.84
N ASN D 337 10.32 38.95 48.82
CA ASN D 337 9.39 40.06 48.98
C ASN D 337 8.25 39.97 47.97
N SER D 338 7.80 38.74 47.70
CA SER D 338 6.77 38.48 46.70
C SER D 338 5.45 39.19 47.00
N SER D 339 5.20 39.43 48.29
CA SER D 339 3.96 40.09 48.71
C SER D 339 3.89 41.53 48.21
N TYR D 340 5.04 42.11 47.90
CA TYR D 340 5.12 43.52 47.50
C TYR D 340 5.24 43.70 45.98
N PHE D 341 4.96 42.62 45.26
CA PHE D 341 4.86 42.67 43.79
C PHE D 341 3.52 42.06 43.38
N VAL D 342 2.72 42.82 42.64
CA VAL D 342 1.41 42.33 42.22
C VAL D 342 1.56 41.05 41.40
N GLU D 343 0.71 40.07 41.69
CA GLU D 343 0.85 38.75 41.08
C GLU D 343 0.25 38.71 39.67
N TRP D 344 -0.65 39.64 39.37
CA TRP D 344 -1.36 39.64 38.10
C TRP D 344 -0.57 40.35 37.00
N ILE D 345 0.68 40.68 37.27
CA ILE D 345 1.62 41.10 36.23
C ILE D 345 2.90 40.26 36.36
N PRO D 346 2.95 39.13 35.65
CA PRO D 346 4.11 38.24 35.75
C PRO D 346 5.38 38.91 35.23
N ASN D 347 6.52 38.63 35.88
CA ASN D 347 7.81 39.08 35.41
C ASN D 347 7.87 40.60 35.22
N ASN D 348 7.39 41.34 36.22
CA ASN D 348 7.25 42.79 36.11
C ASN D 348 8.53 43.55 36.48
N VAL D 349 9.55 42.82 36.93
CA VAL D 349 10.83 43.43 37.27
C VAL D 349 11.88 43.13 36.21
N LYS D 350 12.34 44.18 35.53
CA LYS D 350 13.36 44.03 34.49
C LYS D 350 14.68 44.62 34.95
N THR D 351 15.78 43.98 34.56
CA THR D 351 17.11 44.36 35.02
C THR D 351 18.08 44.57 33.86
N ALA D 352 18.82 45.67 33.92
CA ALA D 352 19.85 45.98 32.93
C ALA D 352 21.20 46.13 33.63
N VAL D 353 22.28 45.84 32.89
CA VAL D 353 23.64 45.98 33.41
C VAL D 353 24.53 46.72 32.40
N CYS D 354 25.00 47.90 32.80
CA CYS D 354 25.91 48.69 31.99
C CYS D 354 27.32 48.63 32.58
N ASP D 355 28.31 48.39 31.72
CA ASP D 355 29.69 48.25 32.16
C ASP D 355 30.31 49.57 32.62
N ILE D 356 29.71 50.68 32.20
CA ILE D 356 30.23 52.01 32.52
C ILE D 356 29.68 52.51 33.85
N PRO D 357 30.55 52.60 34.89
CA PRO D 357 30.06 53.14 36.16
C PRO D 357 30.03 54.67 36.15
N PRO D 358 29.18 55.28 36.99
CA PRO D 358 29.18 56.74 37.06
C PRO D 358 30.47 57.28 37.66
N ARG D 359 30.68 58.59 37.57
CA ARG D 359 31.90 59.22 38.07
C ARG D 359 32.08 58.94 39.57
N GLY D 360 33.28 58.50 39.95
CA GLY D 360 33.63 58.36 41.35
C GLY D 360 33.28 57.02 41.98
N LEU D 361 32.42 56.25 41.33
CA LEU D 361 31.97 54.97 41.88
C LEU D 361 32.50 53.79 41.07
N LYS D 362 32.69 52.66 41.76
CA LYS D 362 33.12 51.42 41.14
C LYS D 362 31.90 50.69 40.58
N MET D 363 30.79 50.79 41.30
CA MET D 363 29.52 50.22 40.85
C MET D 363 28.34 50.82 41.63
N SER D 364 27.24 51.07 40.92
CA SER D 364 26.05 51.66 41.51
C SER D 364 24.80 50.90 41.06
N ALA D 365 23.66 51.31 41.60
CA ALA D 365 22.38 50.70 41.24
C ALA D 365 21.28 51.76 41.24
N THR D 366 20.60 51.88 40.11
CA THR D 366 19.49 52.81 39.98
C THR D 366 18.17 52.04 39.88
N PHE D 367 17.18 52.49 40.65
CA PHE D 367 15.89 51.83 40.76
C PHE D 367 14.78 52.73 40.26
N ILE D 368 13.89 52.18 39.44
CA ILE D 368 12.71 52.89 38.98
C ILE D 368 11.49 52.02 39.25
N GLY D 369 10.61 52.47 40.15
CA GLY D 369 9.46 51.69 40.55
C GLY D 369 8.14 52.38 40.32
N ASN D 370 7.16 51.63 39.83
CA ASN D 370 5.79 52.10 39.78
C ASN D 370 5.01 51.43 40.91
N SER D 371 5.11 52.03 42.10
CA SER D 371 4.48 51.47 43.29
C SER D 371 3.18 52.19 43.62
N THR D 372 2.22 51.44 44.13
CA THR D 372 0.96 52.03 44.59
C THR D 372 1.18 52.84 45.86
N ALA D 373 2.37 52.69 46.46
CA ALA D 373 2.74 53.44 47.65
C ALA D 373 3.05 54.90 47.32
N ILE D 374 3.07 55.23 46.03
CA ILE D 374 3.29 56.61 45.60
C ILE D 374 2.14 57.48 46.08
N GLN D 375 0.99 56.86 46.36
CA GLN D 375 -0.16 57.59 46.84
C GLN D 375 0.12 58.34 48.14
N GLU D 376 1.09 57.84 48.92
CA GLU D 376 1.50 58.51 50.14
C GLU D 376 2.01 59.91 49.85
N LEU D 377 2.67 60.06 48.70
CA LEU D 377 3.18 61.36 48.26
C LEU D 377 2.05 62.30 47.90
N PHE D 378 1.10 61.80 47.10
CA PHE D 378 -0.04 62.62 46.66
C PHE D 378 -0.98 62.93 47.82
N LYS D 379 -1.04 62.02 48.79
CA LYS D 379 -1.88 62.23 49.97
C LYS D 379 -1.35 63.37 50.82
N ARG D 380 -0.03 63.47 50.91
CA ARG D 380 0.62 64.53 51.67
C ARG D 380 0.29 65.89 51.06
N ILE D 381 0.41 66.00 49.75
CA ILE D 381 0.09 67.24 49.05
C ILE D 381 -1.39 67.57 49.21
N SER D 382 -2.23 66.55 49.10
CA SER D 382 -3.68 66.75 49.20
C SER D 382 -4.06 67.27 50.58
N GLU D 383 -3.32 66.85 51.60
CA GLU D 383 -3.59 67.24 52.97
C GLU D 383 -3.22 68.70 53.20
N GLN D 384 -2.09 69.10 52.61
CA GLN D 384 -1.62 70.48 52.70
C GLN D 384 -2.48 71.40 51.83
N PHE D 385 -2.91 70.88 50.69
CA PHE D 385 -3.76 71.62 49.76
C PHE D 385 -5.10 71.96 50.41
N THR D 386 -5.78 70.93 50.91
CA THR D 386 -7.14 71.10 51.42
C THR D 386 -7.18 71.98 52.66
N ALA D 387 -6.07 71.99 53.41
CA ALA D 387 -6.00 72.77 54.64
C ALA D 387 -6.14 74.27 54.36
N MET D 388 -5.73 74.68 53.17
CA MET D 388 -5.81 76.07 52.75
C MET D 388 -7.06 76.34 51.92
N PHE D 389 -7.48 75.34 51.14
CA PHE D 389 -8.59 75.53 50.22
C PHE D 389 -9.94 75.52 50.95
N ARG D 390 -10.02 74.80 52.06
CA ARG D 390 -11.25 74.73 52.85
C ARG D 390 -11.63 76.11 53.38
N ARG D 391 -10.61 76.96 53.54
CA ARG D 391 -10.80 78.34 54.00
C ARG D 391 -10.53 79.34 52.89
N LYS D 392 -10.26 78.84 51.68
CA LYS D 392 -10.08 79.68 50.49
C LYS D 392 -8.93 80.66 50.63
N ALA D 393 -7.87 80.24 51.31
CA ALA D 393 -6.74 81.11 51.61
C ALA D 393 -5.90 81.45 50.38
N PHE D 394 -5.45 82.70 50.32
CA PHE D 394 -4.57 83.19 49.25
C PHE D 394 -5.11 82.93 47.84
N LEU D 395 -6.41 82.69 47.76
CA LEU D 395 -7.04 82.34 46.48
C LEU D 395 -7.13 83.53 45.55
N HIS D 396 -7.15 84.73 46.11
CA HIS D 396 -7.38 85.95 45.33
C HIS D 396 -6.25 86.20 44.33
N TRP D 397 -5.06 85.69 44.63
CA TRP D 397 -3.92 85.86 43.73
C TRP D 397 -4.11 85.04 42.45
N TYR D 398 -4.83 83.92 42.56
CA TYR D 398 -5.09 83.07 41.41
C TYR D 398 -6.32 83.52 40.62
N THR D 399 -7.41 83.77 41.34
CA THR D 399 -8.65 84.27 40.72
C THR D 399 -8.42 85.63 40.09
N GLY D 400 -7.41 86.35 40.58
CA GLY D 400 -7.06 87.64 40.03
C GLY D 400 -6.51 87.53 38.62
N GLU D 401 -6.03 86.34 38.27
CA GLU D 401 -5.51 86.08 36.93
C GLU D 401 -6.61 85.53 36.02
N GLY D 402 -7.80 85.33 36.57
CA GLY D 402 -8.95 84.92 35.79
C GLY D 402 -9.41 83.49 36.03
N MET D 403 -8.74 82.78 36.92
CA MET D 403 -9.13 81.41 37.24
C MET D 403 -10.47 81.35 37.96
N ASP D 404 -11.06 80.16 38.01
CA ASP D 404 -12.30 79.92 38.74
C ASP D 404 -12.03 78.97 39.90
N GLU D 405 -12.88 79.00 40.92
CA GLU D 405 -12.73 78.11 42.06
C GLU D 405 -12.91 76.66 41.63
N MET D 406 -13.76 76.44 40.64
CA MET D 406 -14.10 75.08 40.21
C MET D 406 -12.89 74.35 39.64
N GLU D 407 -11.91 75.11 39.14
CA GLU D 407 -10.70 74.51 38.58
C GLU D 407 -9.81 73.96 39.68
N PHE D 408 -9.85 74.58 40.85
CA PHE D 408 -9.15 74.05 42.02
C PHE D 408 -9.84 72.80 42.52
N THR D 409 -11.17 72.79 42.47
CA THR D 409 -11.96 71.64 42.87
C THR D 409 -11.65 70.43 42.01
N GLU D 410 -11.62 70.65 40.70
CA GLU D 410 -11.37 69.58 39.74
C GLU D 410 -9.98 68.99 39.89
N ALA D 411 -8.98 69.85 40.10
CA ALA D 411 -7.61 69.39 40.29
C ALA D 411 -7.51 68.54 41.56
N GLU D 412 -8.14 69.01 42.63
CA GLU D 412 -8.18 68.26 43.89
C GLU D 412 -8.84 66.90 43.67
N SER D 413 -9.96 66.91 42.95
CA SER D 413 -10.73 65.69 42.72
C SER D 413 -9.95 64.68 41.89
N ASN D 414 -9.33 65.14 40.82
CA ASN D 414 -8.57 64.26 39.93
C ASN D 414 -7.39 63.63 40.65
N MET D 415 -6.78 64.39 41.54
CA MET D 415 -5.66 63.88 42.31
C MET D 415 -6.13 62.84 43.31
N ASN D 416 -7.29 63.06 43.89
CA ASN D 416 -7.89 62.09 44.80
C ASN D 416 -8.26 60.82 44.06
N ASP D 417 -8.68 60.96 42.80
CA ASP D 417 -9.01 59.82 41.96
C ASP D 417 -7.78 58.98 41.66
N LEU D 418 -6.68 59.65 41.34
CA LEU D 418 -5.41 58.97 41.08
C LEU D 418 -5.00 58.11 42.26
N VAL D 419 -5.17 58.64 43.46
CA VAL D 419 -4.85 57.90 44.68
C VAL D 419 -5.73 56.65 44.79
N SER D 420 -7.02 56.83 44.54
CA SER D 420 -7.98 55.73 44.63
C SER D 420 -7.61 54.62 43.65
N GLU D 421 -7.15 55.02 42.47
CA GLU D 421 -6.82 54.08 41.41
C GLU D 421 -5.58 53.27 41.77
N TYR D 422 -4.64 53.91 42.47
CA TYR D 422 -3.46 53.20 42.96
C TYR D 422 -3.86 52.22 44.06
N GLN D 423 -4.84 52.61 44.87
CA GLN D 423 -5.33 51.75 45.94
C GLN D 423 -6.09 50.56 45.35
N GLN D 424 -6.80 50.81 44.26
CA GLN D 424 -7.59 49.78 43.60
C GLN D 424 -6.71 48.61 43.15
N TYR D 425 -5.64 48.92 42.41
CA TYR D 425 -4.76 47.89 41.89
C TYR D 425 -3.83 47.34 42.96
N GLN D 426 -3.72 48.05 44.07
CA GLN D 426 -3.00 47.55 45.23
C GLN D 426 -3.82 46.43 45.89
N ASP D 427 -5.13 46.65 45.96
CA ASP D 427 -6.04 45.70 46.61
C ASP D 427 -6.45 44.56 45.68
N ALA D 428 -6.13 44.69 44.39
CA ALA D 428 -6.52 43.70 43.40
C ALA D 428 -5.75 42.39 43.59
N THR D 429 -6.42 41.27 43.29
CA THR D 429 -5.82 39.95 43.35
C THR D 429 -6.01 39.22 42.03
N ALA D 430 -5.26 38.14 41.83
CA ALA D 430 -5.39 37.33 40.62
C ALA D 430 -6.70 36.53 40.64
N ASP D 431 -6.90 35.78 41.72
CA ASP D 431 -8.09 34.96 41.87
C ASP D 431 -9.26 35.79 42.38
N MET E 1 -19.99 -69.35 -38.05
CA MET E 1 -18.82 -68.59 -38.49
C MET E 1 -18.84 -68.44 -40.02
N GLU E 2 -19.73 -67.59 -40.51
CA GLU E 2 -19.95 -67.43 -41.95
C GLU E 2 -19.15 -66.27 -42.54
N VAL E 3 -18.29 -66.56 -43.50
CA VAL E 3 -17.57 -65.54 -44.26
C VAL E 3 -18.39 -65.15 -45.48
N ILE E 4 -18.38 -63.86 -45.83
CA ILE E 4 -19.16 -63.36 -46.96
C ILE E 4 -18.43 -62.24 -47.70
N GLU E 5 -18.89 -61.99 -48.94
CA GLU E 5 -18.43 -60.86 -49.75
C GLU E 5 -16.91 -60.71 -49.78
N LEU E 6 -16.22 -61.83 -50.02
CA LEU E 6 -14.77 -61.84 -50.14
C LEU E 6 -14.33 -61.14 -51.43
N ASN E 7 -13.56 -60.07 -51.30
CA ASN E 7 -13.02 -59.33 -52.44
C ASN E 7 -11.50 -59.30 -52.41
N LYS E 8 -10.88 -59.67 -53.52
CA LYS E 8 -9.42 -59.78 -53.59
C LYS E 8 -8.83 -58.89 -54.68
N CYS E 9 -7.63 -58.38 -54.41
CA CYS E 9 -6.86 -57.63 -55.38
C CYS E 9 -5.37 -57.81 -55.07
N THR E 10 -4.52 -57.22 -55.89
CA THR E 10 -3.08 -57.37 -55.69
C THR E 10 -2.58 -56.66 -54.44
N SER E 11 -3.33 -55.65 -53.99
CA SER E 11 -2.95 -54.85 -52.83
CA SER E 11 -2.94 -54.86 -52.83
C SER E 11 -3.34 -55.54 -51.52
N GLY E 12 -4.41 -56.30 -51.56
CA GLY E 12 -4.90 -56.99 -50.38
C GLY E 12 -6.27 -57.61 -50.62
N GLN E 13 -7.01 -57.83 -49.55
CA GLN E 13 -8.35 -58.37 -49.64
C GLN E 13 -9.18 -57.96 -48.43
N SER E 14 -10.51 -57.98 -48.60
CA SER E 14 -11.44 -57.64 -47.53
C SER E 14 -12.63 -58.59 -47.53
N PHE E 15 -13.26 -58.73 -46.38
CA PHE E 15 -14.40 -59.62 -46.22
C PHE E 15 -15.15 -59.29 -44.93
N GLU E 16 -16.25 -60.02 -44.69
CA GLU E 16 -17.04 -59.85 -43.48
C GLU E 16 -17.37 -61.21 -42.89
N VAL E 17 -17.14 -61.37 -41.59
CA VAL E 17 -17.48 -62.59 -40.89
C VAL E 17 -18.57 -62.33 -39.86
N ILE E 18 -19.59 -63.18 -39.86
CA ILE E 18 -20.71 -63.08 -38.94
C ILE E 18 -20.73 -64.27 -38.01
N LEU E 19 -20.76 -64.00 -36.71
CA LEU E 19 -20.81 -65.06 -35.71
C LEU E 19 -22.26 -65.41 -35.36
N LYS E 20 -23.10 -64.38 -35.27
CA LYS E 20 -24.51 -64.56 -34.97
C LYS E 20 -25.35 -63.46 -35.64
N PRO E 21 -26.60 -63.79 -36.02
CA PRO E 21 -27.50 -62.75 -36.54
C PRO E 21 -28.12 -61.91 -35.41
N PRO E 22 -28.82 -60.82 -35.75
CA PRO E 22 -29.51 -60.00 -34.75
C PRO E 22 -30.63 -60.77 -34.04
N SER E 23 -31.11 -60.22 -32.92
CA SER E 23 -32.20 -60.83 -32.16
C SER E 23 -33.05 -59.77 -31.49
N ASP E 39 -27.67 -27.97 -40.65
CA ASP E 39 -29.07 -27.56 -40.75
C ASP E 39 -29.23 -26.04 -40.79
N PRO E 40 -28.57 -25.32 -39.86
CA PRO E 40 -28.75 -23.86 -39.81
C PRO E 40 -28.29 -23.15 -41.08
N SER E 41 -29.09 -22.20 -41.55
CA SER E 41 -28.80 -21.47 -42.79
C SER E 41 -27.61 -20.55 -42.63
N LEU E 42 -27.02 -20.15 -43.76
CA LEU E 42 -25.93 -19.19 -43.77
C LEU E 42 -26.39 -17.90 -43.10
N GLU E 43 -27.64 -17.53 -43.33
CA GLU E 43 -28.22 -16.33 -42.74
C GLU E 43 -28.18 -16.41 -41.21
N GLU E 44 -28.69 -17.51 -40.68
CA GLU E 44 -28.73 -17.72 -39.23
C GLU E 44 -27.35 -17.65 -38.60
N ILE E 45 -26.34 -18.16 -39.30
CA ILE E 45 -24.97 -18.16 -38.80
C ILE E 45 -24.44 -16.72 -38.73
N GLN E 46 -24.66 -15.95 -39.78
CA GLN E 46 -24.20 -14.57 -39.83
C GLN E 46 -24.84 -13.74 -38.73
N LYS E 47 -26.08 -14.08 -38.37
CA LYS E 47 -26.77 -13.38 -37.30
C LYS E 47 -26.12 -13.66 -35.95
N LYS E 48 -25.80 -14.92 -35.69
CA LYS E 48 -25.22 -15.31 -34.42
C LYS E 48 -23.86 -14.67 -34.19
N LEU E 49 -23.05 -14.60 -35.26
CA LEU E 49 -21.74 -14.00 -35.17
C LEU E 49 -21.84 -12.49 -34.99
N GLU E 50 -22.89 -11.90 -35.57
CA GLU E 50 -23.11 -10.46 -35.46
C GLU E 50 -23.76 -10.10 -34.12
N ALA E 51 -24.61 -10.97 -33.61
CA ALA E 51 -25.26 -10.74 -32.32
C ALA E 51 -24.21 -10.73 -31.22
N ALA E 52 -23.24 -11.64 -31.31
CA ALA E 52 -22.17 -11.73 -30.34
C ALA E 52 -21.25 -10.51 -30.44
N GLU E 53 -21.07 -10.01 -31.67
CA GLU E 53 -20.23 -8.85 -31.91
C GLU E 53 -20.83 -7.60 -31.25
N GLU E 54 -22.14 -7.48 -31.30
CA GLU E 54 -22.83 -6.33 -30.71
C GLU E 54 -22.73 -6.37 -29.19
N ARG E 55 -22.78 -7.57 -28.62
CA ARG E 55 -22.65 -7.72 -27.18
C ARG E 55 -21.27 -7.29 -26.71
N ARG E 56 -20.25 -7.61 -27.50
CA ARG E 56 -18.89 -7.14 -27.21
C ARG E 56 -18.83 -5.62 -27.28
N LYS E 57 -19.38 -5.07 -28.36
CA LYS E 57 -19.39 -3.62 -28.57
C LYS E 57 -20.16 -2.87 -27.48
N TYR E 58 -21.23 -3.48 -26.99
CA TYR E 58 -22.00 -2.90 -25.90
C TYR E 58 -21.17 -2.88 -24.63
N GLN E 59 -20.56 -4.02 -24.30
CA GLN E 59 -19.75 -4.15 -23.09
C GLN E 59 -18.58 -3.17 -23.12
N GLU E 60 -17.97 -2.99 -24.29
CA GLU E 60 -16.86 -2.06 -24.44
C GLU E 60 -17.34 -0.62 -24.31
N ALA E 61 -18.58 -0.36 -24.73
CA ALA E 61 -19.14 0.98 -24.66
C ALA E 61 -19.44 1.36 -23.22
N GLU E 62 -19.88 0.39 -22.43
CA GLU E 62 -20.16 0.62 -21.02
C GLU E 62 -18.87 0.89 -20.26
N LEU E 63 -17.79 0.22 -20.67
CA LEU E 63 -16.48 0.47 -20.09
C LEU E 63 -16.03 1.89 -20.38
N LEU E 64 -16.02 2.26 -21.65
CA LEU E 64 -15.56 3.59 -22.07
C LEU E 64 -16.48 4.68 -21.53
N LYS E 65 -17.70 4.29 -21.16
CA LYS E 65 -18.64 5.19 -20.51
C LYS E 65 -18.24 5.37 -19.05
N HIS E 66 -17.93 4.25 -18.39
CA HIS E 66 -17.48 4.26 -17.01
C HIS E 66 -16.17 5.04 -16.86
N LEU E 67 -15.26 4.83 -17.81
CA LEU E 67 -13.97 5.52 -17.79
C LEU E 67 -14.15 7.01 -18.07
N ALA E 68 -15.19 7.35 -18.84
CA ALA E 68 -15.47 8.74 -19.16
C ALA E 68 -15.95 9.48 -17.91
N GLU E 69 -16.71 8.79 -17.07
CA GLU E 69 -17.15 9.35 -15.80
C GLU E 69 -15.95 9.56 -14.87
N LYS E 70 -14.94 8.71 -15.02
CA LYS E 70 -13.73 8.85 -14.24
C LYS E 70 -13.02 10.14 -14.64
N ARG E 71 -12.93 10.40 -15.94
CA ARG E 71 -12.25 11.58 -16.45
C ARG E 71 -12.91 12.86 -15.94
N GLU E 72 -14.24 12.84 -15.85
CA GLU E 72 -14.97 14.01 -15.36
C GLU E 72 -14.70 14.24 -13.88
N HIS E 73 -14.63 13.15 -13.11
CA HIS E 73 -14.32 13.25 -11.69
C HIS E 73 -12.90 13.79 -11.47
N GLU E 74 -11.97 13.34 -12.31
CA GLU E 74 -10.59 13.83 -12.26
C GLU E 74 -10.52 15.33 -12.48
N ARG E 75 -11.33 15.82 -13.41
CA ARG E 75 -11.41 17.26 -13.67
C ARG E 75 -12.05 17.98 -12.49
N GLU E 76 -13.04 17.35 -11.87
CA GLU E 76 -13.77 17.96 -10.75
C GLU E 76 -12.91 18.10 -9.50
N VAL E 77 -11.97 17.18 -9.34
CA VAL E 77 -11.08 17.21 -8.18
C VAL E 77 -10.07 18.35 -8.30
N ILE E 78 -9.43 18.45 -9.46
CA ILE E 78 -8.36 19.43 -9.61
C ILE E 78 -8.92 20.85 -9.62
N GLN E 79 -10.12 21.03 -10.16
CA GLN E 79 -10.72 22.35 -10.20
C GLN E 79 -11.30 22.71 -8.83
N LYS E 80 -11.50 21.70 -7.99
CA LYS E 80 -11.93 21.94 -6.61
C LYS E 80 -10.72 22.40 -5.80
N ALA E 81 -9.57 21.81 -6.08
CA ALA E 81 -8.33 22.20 -5.43
C ALA E 81 -8.00 23.65 -5.76
N ILE E 82 -8.15 24.01 -7.03
CA ILE E 82 -7.93 25.37 -7.50
C ILE E 82 -8.89 26.32 -6.78
N GLU E 83 -10.16 25.93 -6.72
CA GLU E 83 -11.20 26.77 -6.14
C GLU E 83 -10.95 27.03 -4.66
N GLU E 84 -10.45 26.03 -3.94
CA GLU E 84 -10.21 26.17 -2.52
C GLU E 84 -8.95 27.00 -2.25
N ASN E 85 -7.92 26.82 -3.06
CA ASN E 85 -6.71 27.62 -2.94
C ASN E 85 -7.02 29.10 -3.18
N ASN E 86 -7.85 29.36 -4.18
CA ASN E 86 -8.21 30.73 -4.53
C ASN E 86 -9.11 31.36 -3.47
N ASN E 87 -10.03 30.58 -2.92
CA ASN E 87 -10.93 31.08 -1.90
C ASN E 87 -10.16 31.40 -0.61
N PHE E 88 -9.08 30.67 -0.38
CA PHE E 88 -8.20 30.93 0.76
C PHE E 88 -7.47 32.24 0.56
N ILE E 89 -6.86 32.40 -0.61
CA ILE E 89 -6.17 33.63 -0.97
C ILE E 89 -7.13 34.82 -0.86
N LYS E 90 -8.34 34.64 -1.40
CA LYS E 90 -9.35 35.69 -1.39
C LYS E 90 -9.67 36.14 0.03
N MET E 91 -10.18 35.21 0.84
CA MET E 91 -10.60 35.50 2.20
C MET E 91 -9.46 36.07 3.05
N ALA E 92 -8.24 35.64 2.76
CA ALA E 92 -7.08 36.17 3.47
C ALA E 92 -6.88 37.63 3.09
N LYS E 93 -7.00 37.92 1.79
CA LYS E 93 -6.85 39.28 1.29
C LYS E 93 -7.92 40.20 1.87
N GLU E 94 -9.15 39.70 1.97
CA GLU E 94 -10.26 40.48 2.48
C GLU E 94 -10.16 40.69 3.99
N LYS E 95 -9.82 39.61 4.70
CA LYS E 95 -9.65 39.68 6.15
C LYS E 95 -8.62 40.74 6.53
N LEU E 96 -7.55 40.81 5.75
CA LEU E 96 -6.46 41.72 6.05
C LEU E 96 -6.87 43.16 5.77
N ALA E 97 -7.41 43.41 4.58
CA ALA E 97 -7.83 44.76 4.20
C ALA E 97 -8.86 45.31 5.18
N GLN E 98 -9.71 44.43 5.70
CA GLN E 98 -10.71 44.82 6.69
C GLN E 98 -10.06 45.19 8.01
N LYS E 99 -9.04 44.43 8.39
CA LYS E 99 -8.32 44.66 9.63
C LYS E 99 -7.52 45.95 9.58
N MET E 100 -6.84 46.20 8.47
CA MET E 100 -6.02 47.39 8.32
C MET E 100 -6.87 48.65 8.23
N GLU E 101 -8.10 48.51 7.75
CA GLU E 101 -9.01 49.65 7.66
C GLU E 101 -9.61 49.96 9.03
N SER E 102 -10.00 48.93 9.76
CA SER E 102 -10.55 49.10 11.09
C SER E 102 -9.51 49.73 12.03
N ASN E 103 -8.25 49.32 11.88
CA ASN E 103 -7.17 49.82 12.70
C ASN E 103 -6.89 51.29 12.40
N LYS E 104 -6.98 51.64 11.12
CA LYS E 104 -6.75 53.00 10.67
C LYS E 104 -7.79 53.95 11.24
N GLU E 105 -9.04 53.55 11.20
CA GLU E 105 -10.13 54.36 11.71
C GLU E 105 -10.06 54.51 13.23
N ASN E 106 -9.64 53.44 13.90
CA ASN E 106 -9.57 53.44 15.36
C ASN E 106 -8.43 54.32 15.87
N ARG E 107 -7.28 54.26 15.21
CA ARG E 107 -6.13 55.02 15.65
C ARG E 107 -6.34 56.51 15.40
N GLU E 108 -6.94 56.84 14.26
CA GLU E 108 -7.23 58.22 13.92
C GLU E 108 -8.24 58.81 14.90
N ALA E 109 -9.20 58.00 15.32
CA ALA E 109 -10.22 58.44 16.27
C ALA E 109 -9.63 58.67 17.65
N HIS E 110 -8.62 57.89 18.01
N HIS E 110 -8.62 57.87 17.99
CA HIS E 110 -7.97 58.05 19.30
CA HIS E 110 -7.93 58.00 19.27
C HIS E 110 -7.10 59.30 19.31
C HIS E 110 -7.12 59.30 19.30
N LEU E 111 -6.50 59.61 18.16
CA LEU E 111 -5.71 60.84 18.04
C LEU E 111 -6.63 62.05 17.96
N ALA E 112 -7.73 61.92 17.24
CA ALA E 112 -8.69 63.01 17.08
C ALA E 112 -9.26 63.41 18.44
N ALA E 113 -9.56 62.42 19.27
CA ALA E 113 -10.12 62.68 20.58
C ALA E 113 -9.09 63.37 21.48
N MET E 114 -7.83 63.00 21.32
CA MET E 114 -6.75 63.57 22.12
C MET E 114 -6.60 65.06 21.82
N LEU E 115 -6.63 65.41 20.54
CA LEU E 115 -6.52 66.80 20.13
C LEU E 115 -7.77 67.58 20.54
N GLU E 116 -8.92 66.93 20.44
CA GLU E 116 -10.18 67.56 20.80
C GLU E 116 -10.15 68.02 22.26
N ARG E 117 -9.52 67.22 23.11
CA ARG E 117 -9.39 67.57 24.52
C ARG E 117 -8.38 68.69 24.70
N LEU E 118 -7.31 68.66 23.91
CA LEU E 118 -6.27 69.69 23.99
C LEU E 118 -6.77 71.04 23.49
N GLN E 119 -7.69 71.00 22.53
CA GLN E 119 -8.21 72.22 21.95
C GLN E 119 -9.27 72.86 22.86
N GLU E 120 -9.85 72.07 23.74
CA GLU E 120 -10.77 72.59 24.74
C GLU E 120 -9.99 73.22 25.90
N LYS E 121 -8.74 72.82 26.07
CA LYS E 121 -7.86 73.45 27.04
C LYS E 121 -7.49 74.84 26.55
N ASP E 122 -7.30 74.98 25.24
CA ASP E 122 -7.01 76.27 24.64
C ASP E 122 -8.20 77.21 24.77
N LYS E 123 -9.40 76.68 24.53
CA LYS E 123 -10.62 77.47 24.68
C LYS E 123 -10.80 77.91 26.12
N HIS E 124 -10.55 77.01 27.06
CA HIS E 124 -10.65 77.32 28.48
C HIS E 124 -9.66 78.41 28.86
N ALA E 125 -8.46 78.34 28.29
CA ALA E 125 -7.43 79.32 28.58
C ALA E 125 -7.82 80.70 28.10
N GLU E 126 -8.56 80.76 26.99
CA GLU E 126 -9.04 82.03 26.45
C GLU E 126 -10.08 82.65 27.39
N GLU E 127 -10.91 81.80 27.99
CA GLU E 127 -11.94 82.27 28.91
C GLU E 127 -11.32 82.80 30.19
N VAL E 128 -10.22 82.18 30.62
CA VAL E 128 -9.50 82.64 31.80
C VAL E 128 -8.95 84.05 31.57
N ARG E 129 -8.29 84.25 30.43
CA ARG E 129 -7.74 85.56 30.09
C ARG E 129 -8.85 86.58 29.83
N LYS E 130 -9.98 86.10 29.31
CA LYS E 130 -11.15 86.96 29.12
C LYS E 130 -11.73 87.38 30.46
N ASN E 131 -11.77 86.44 31.40
CA ASN E 131 -12.33 86.70 32.72
C ASN E 131 -11.47 87.69 33.51
N LYS E 132 -10.16 87.63 33.32
CA LYS E 132 -9.24 88.54 33.97
C LYS E 132 -9.46 89.97 33.48
N GLU E 133 -9.59 90.11 32.17
CA GLU E 133 -9.79 91.41 31.54
C GLU E 133 -11.11 92.03 31.98
N LEU E 134 -12.09 91.18 32.31
CA LEU E 134 -13.40 91.64 32.75
C LEU E 134 -13.39 92.05 34.23
N LYS E 135 -12.47 91.47 35.00
CA LYS E 135 -12.33 91.79 36.41
C LYS E 135 -11.49 93.04 36.65
N GLU E 136 -10.66 93.38 35.66
CA GLU E 136 -9.63 94.40 35.84
C GLU E 136 -10.19 95.79 36.14
N GLU E 137 -10.92 96.37 35.18
CA GLU E 137 -11.37 97.75 35.29
C GLU E 137 -12.35 97.96 36.45
N ALA E 138 -13.04 96.90 36.85
CA ALA E 138 -14.01 96.99 37.95
C ALA E 138 -13.31 97.02 39.30
N MET F 1 2.32 -41.01 2.66
CA MET F 1 0.90 -41.12 3.11
C MET F 1 0.01 -41.58 1.96
N TYR F 2 -0.87 -42.53 2.24
CA TYR F 2 -1.90 -42.93 1.30
C TYR F 2 -3.19 -42.16 1.60
N THR F 3 -4.07 -42.07 0.61
CA THR F 3 -5.32 -41.34 0.76
C THR F 3 -6.52 -42.18 0.32
N PHE F 4 -7.65 -41.99 1.00
CA PHE F 4 -8.87 -42.70 0.63
C PHE F 4 -10.10 -41.86 0.89
N VAL F 5 -11.20 -42.24 0.24
CA VAL F 5 -12.48 -41.56 0.41
C VAL F 5 -13.54 -42.56 0.80
N VAL F 6 -14.60 -42.06 1.44
CA VAL F 6 -15.74 -42.89 1.83
C VAL F 6 -17.02 -42.33 1.21
N ARG F 7 -17.71 -43.16 0.45
CA ARG F 7 -18.92 -42.73 -0.26
C ARG F 7 -20.11 -43.65 0.03
N ASP F 8 -19.95 -44.54 1.00
CA ASP F 8 -21.05 -45.36 1.50
C ASP F 8 -21.03 -45.35 3.03
N GLU F 9 -21.78 -44.40 3.60
CA GLU F 9 -21.81 -44.22 5.05
C GLU F 9 -22.51 -45.39 5.74
N ASN F 10 -23.47 -46.00 5.06
CA ASN F 10 -24.27 -47.07 5.64
C ASN F 10 -23.59 -48.44 5.60
N SER F 11 -22.26 -48.44 5.41
CA SER F 11 -21.49 -49.67 5.37
C SER F 11 -20.80 -49.95 6.70
N SER F 12 -21.31 -50.94 7.42
CA SER F 12 -20.73 -51.31 8.71
C SER F 12 -19.34 -51.90 8.54
N VAL F 13 -19.15 -52.70 7.49
CA VAL F 13 -17.89 -53.36 7.24
C VAL F 13 -16.77 -52.36 6.97
N TYR F 14 -17.03 -51.41 6.08
CA TYR F 14 -15.99 -50.49 5.63
C TYR F 14 -15.89 -49.25 6.51
N ALA F 15 -16.89 -49.05 7.37
CA ALA F 15 -16.77 -48.04 8.42
C ALA F 15 -15.65 -48.47 9.37
N GLU F 16 -15.56 -49.77 9.59
CA GLU F 16 -14.52 -50.35 10.44
C GLU F 16 -13.17 -50.34 9.74
N VAL F 17 -13.17 -50.65 8.45
CA VAL F 17 -11.95 -50.62 7.65
C VAL F 17 -11.41 -49.20 7.61
N SER F 18 -12.31 -48.23 7.44
CA SER F 18 -11.93 -46.82 7.42
C SER F 18 -11.29 -46.42 8.74
N ARG F 19 -11.90 -46.85 9.84
CA ARG F 19 -11.35 -46.58 11.17
C ARG F 19 -9.99 -47.23 11.33
N LEU F 20 -9.88 -48.48 10.88
CA LEU F 20 -8.63 -49.22 10.97
C LEU F 20 -7.52 -48.55 10.17
N LEU F 21 -7.86 -48.08 8.98
CA LEU F 21 -6.89 -47.44 8.09
C LEU F 21 -6.31 -46.19 8.74
N LEU F 22 -7.18 -45.34 9.27
CA LEU F 22 -6.75 -44.11 9.93
C LEU F 22 -5.86 -44.42 11.12
N ALA F 23 -6.17 -45.50 11.83
CA ALA F 23 -5.45 -45.86 13.04
C ALA F 23 -4.01 -46.31 12.76
N THR F 24 -3.69 -46.55 11.50
CA THR F 24 -2.32 -46.91 11.13
C THR F 24 -1.42 -45.68 11.09
N GLY F 25 -2.05 -44.51 10.96
CA GLY F 25 -1.32 -43.26 10.88
C GLY F 25 -0.66 -43.04 9.53
N GLN F 26 -0.93 -43.94 8.60
CA GLN F 26 -0.37 -43.88 7.26
C GLN F 26 -1.44 -43.70 6.18
N TRP F 27 -2.67 -43.43 6.63
CA TRP F 27 -3.79 -43.19 5.73
C TRP F 27 -4.56 -41.95 6.17
N LYS F 28 -4.78 -41.03 5.22
CA LYS F 28 -5.56 -39.83 5.48
C LYS F 28 -6.85 -39.84 4.67
N ARG F 29 -7.98 -39.66 5.35
CA ARG F 29 -9.27 -39.60 4.68
C ARG F 29 -9.49 -38.22 4.08
N LEU F 30 -9.98 -38.18 2.85
CA LEU F 30 -10.28 -36.93 2.15
C LEU F 30 -11.78 -36.68 2.11
N ARG F 31 -12.17 -35.55 1.53
CA ARG F 31 -13.58 -35.28 1.26
C ARG F 31 -14.03 -36.21 0.14
N LYS F 32 -15.29 -36.64 0.18
CA LYS F 32 -15.78 -37.69 -0.70
C LYS F 32 -15.55 -37.39 -2.18
N ASP F 33 -15.60 -36.11 -2.55
CA ASP F 33 -15.51 -35.69 -3.94
C ASP F 33 -14.11 -35.19 -4.32
N ASN F 34 -13.14 -35.44 -3.45
CA ASN F 34 -11.75 -35.18 -3.79
C ASN F 34 -11.22 -36.32 -4.68
N PRO F 35 -10.87 -36.01 -5.94
CA PRO F 35 -10.52 -37.07 -6.89
C PRO F 35 -9.10 -37.64 -6.74
N ARG F 36 -8.27 -36.99 -5.93
CA ARG F 36 -6.87 -37.40 -5.79
C ARG F 36 -6.69 -38.43 -4.67
N PHE F 37 -7.42 -39.53 -4.78
CA PHE F 37 -7.38 -40.60 -3.78
C PHE F 37 -6.62 -41.82 -4.30
N ASN F 38 -6.09 -42.62 -3.37
CA ASN F 38 -5.51 -43.92 -3.70
C ASN F 38 -6.56 -45.01 -3.63
N LEU F 39 -7.48 -44.89 -2.67
CA LEU F 39 -8.48 -45.92 -2.41
C LEU F 39 -9.88 -45.32 -2.39
N MET F 40 -10.86 -46.05 -2.91
CA MET F 40 -12.24 -45.63 -2.87
C MET F 40 -13.11 -46.70 -2.24
N LEU F 41 -13.77 -46.34 -1.15
CA LEU F 41 -14.80 -47.17 -0.55
C LEU F 41 -16.14 -46.67 -1.06
N GLY F 42 -16.47 -47.08 -2.29
CA GLY F 42 -17.54 -46.45 -3.04
C GLY F 42 -18.96 -46.77 -2.62
N GLU F 43 -19.90 -46.02 -3.21
CA GLU F 43 -21.32 -46.21 -2.98
C GLU F 43 -21.79 -47.55 -3.52
N ARG F 44 -23.00 -47.95 -3.14
CA ARG F 44 -23.55 -49.23 -3.57
C ARG F 44 -24.10 -49.17 -5.00
N ASN F 45 -24.69 -48.04 -5.36
CA ASN F 45 -25.36 -47.90 -6.65
C ASN F 45 -24.81 -46.75 -7.49
N ARG F 46 -24.71 -47.00 -8.79
CA ARG F 46 -24.21 -46.02 -9.75
C ARG F 46 -22.81 -45.54 -9.39
N LEU F 47 -21.96 -46.48 -8.97
CA LEU F 47 -20.57 -46.16 -8.67
C LEU F 47 -19.89 -45.72 -9.96
N PRO F 48 -19.19 -44.57 -9.94
CA PRO F 48 -18.55 -44.06 -11.16
C PRO F 48 -17.22 -44.74 -11.48
N PHE F 49 -17.28 -45.98 -11.96
CA PHE F 49 -16.07 -46.70 -12.35
C PHE F 49 -15.36 -45.98 -13.50
N GLY F 50 -16.13 -45.26 -14.32
CA GLY F 50 -15.58 -44.60 -15.49
C GLY F 50 -14.66 -43.43 -15.19
N ARG F 51 -14.67 -42.96 -13.94
CA ARG F 51 -13.82 -41.84 -13.54
C ARG F 51 -12.59 -42.33 -12.77
N LEU F 52 -12.48 -43.64 -12.59
CA LEU F 52 -11.35 -44.23 -11.86
C LEU F 52 -10.18 -44.50 -12.81
N GLY F 53 -8.97 -44.34 -12.28
CA GLY F 53 -7.75 -44.69 -13.00
C GLY F 53 -7.32 -43.66 -14.03
N HIS F 54 -7.80 -42.43 -13.90
CA HIS F 54 -7.43 -41.36 -14.82
C HIS F 54 -6.71 -40.23 -14.08
N GLU F 55 -6.11 -40.55 -12.94
CA GLU F 55 -5.38 -39.57 -12.14
C GLU F 55 -3.89 -39.84 -12.15
N PRO F 56 -3.12 -39.08 -12.97
CA PRO F 56 -1.67 -39.26 -13.05
C PRO F 56 -0.98 -39.24 -11.69
N GLY F 57 -0.09 -40.20 -11.48
CA GLY F 57 0.68 -40.26 -10.26
C GLY F 57 -0.07 -40.87 -9.09
N LEU F 58 -1.21 -41.49 -9.38
CA LEU F 58 -2.01 -42.16 -8.36
C LEU F 58 -2.45 -43.54 -8.79
N VAL F 59 -1.97 -44.55 -8.06
CA VAL F 59 -2.51 -45.89 -8.18
C VAL F 59 -3.86 -45.90 -7.46
N GLN F 60 -4.92 -46.20 -8.20
CA GLN F 60 -6.27 -46.15 -7.64
C GLN F 60 -6.88 -47.54 -7.52
N LEU F 61 -7.51 -47.77 -6.37
CA LEU F 61 -8.12 -49.05 -6.03
C LEU F 61 -9.53 -48.80 -5.49
N VAL F 62 -10.46 -49.71 -5.79
CA VAL F 62 -11.85 -49.57 -5.32
C VAL F 62 -12.33 -50.89 -4.74
N ASN F 63 -13.25 -50.80 -3.78
CA ASN F 63 -13.73 -51.96 -3.05
C ASN F 63 -14.93 -52.65 -3.71
N TYR F 64 -15.06 -52.50 -5.03
CA TYR F 64 -16.12 -53.18 -5.78
C TYR F 64 -15.65 -53.58 -7.18
N TYR F 65 -16.20 -54.69 -7.66
CA TYR F 65 -15.90 -55.20 -9.01
C TYR F 65 -17.02 -54.83 -9.97
N ARG F 66 -16.67 -54.05 -10.99
CA ARG F 66 -17.62 -53.68 -12.03
C ARG F 66 -18.07 -54.94 -12.76
N GLY F 67 -19.37 -55.20 -12.72
CA GLY F 67 -19.95 -56.37 -13.37
C GLY F 67 -20.28 -57.48 -12.41
N ALA F 68 -19.94 -57.31 -11.13
CA ALA F 68 -20.18 -58.32 -10.12
C ALA F 68 -21.68 -58.43 -9.80
N ASP F 69 -22.46 -57.46 -10.26
CA ASP F 69 -23.90 -57.47 -10.00
C ASP F 69 -24.58 -58.64 -10.71
N LYS F 70 -23.94 -59.15 -11.76
CA LYS F 70 -24.45 -60.31 -12.48
C LYS F 70 -24.51 -61.55 -11.58
N LEU F 71 -23.80 -61.48 -10.46
CA LEU F 71 -23.73 -62.57 -9.51
C LEU F 71 -24.58 -62.27 -8.28
N CYS F 72 -24.76 -60.98 -7.99
CA CYS F 72 -25.35 -60.54 -6.73
C CYS F 72 -26.83 -60.17 -6.84
N ARG F 73 -27.38 -60.25 -8.05
CA ARG F 73 -28.81 -60.02 -8.27
C ARG F 73 -29.50 -61.36 -8.56
N LYS F 74 -30.70 -61.52 -8.01
CA LYS F 74 -31.46 -62.75 -8.14
C LYS F 74 -31.62 -63.18 -9.59
N ALA F 75 -32.32 -62.37 -10.37
CA ALA F 75 -32.65 -62.71 -11.75
C ALA F 75 -31.41 -62.88 -12.63
N SER F 76 -30.36 -62.12 -12.33
CA SER F 76 -29.13 -62.17 -13.11
CA SER F 76 -29.13 -62.17 -13.11
C SER F 76 -28.35 -63.45 -12.81
N LEU F 77 -28.38 -63.88 -11.55
CA LEU F 77 -27.69 -65.10 -11.15
C LEU F 77 -28.29 -66.31 -11.86
N VAL F 78 -29.62 -66.36 -11.88
CA VAL F 78 -30.33 -67.43 -12.58
C VAL F 78 -29.91 -67.48 -14.04
N LYS F 79 -30.04 -66.34 -14.72
CA LYS F 79 -29.68 -66.24 -16.13
C LYS F 79 -28.22 -66.59 -16.37
N LEU F 80 -27.37 -66.27 -15.41
CA LEU F 80 -25.94 -66.55 -15.53
C LEU F 80 -25.68 -68.05 -15.50
N ILE F 81 -26.38 -68.76 -14.61
CA ILE F 81 -26.16 -70.19 -14.42
C ILE F 81 -26.70 -71.00 -15.59
N LYS F 82 -27.85 -70.58 -16.13
CA LYS F 82 -28.47 -71.32 -17.23
C LYS F 82 -27.71 -71.15 -18.54
N THR F 83 -27.22 -69.94 -18.78
CA THR F 83 -26.65 -69.58 -20.08
C THR F 83 -25.13 -69.73 -20.16
N SER F 84 -24.48 -69.86 -19.01
CA SER F 84 -23.02 -70.03 -18.98
C SER F 84 -22.65 -71.50 -19.05
N PRO F 85 -21.86 -71.90 -20.07
CA PRO F 85 -21.50 -73.32 -20.19
C PRO F 85 -20.65 -73.83 -19.03
N GLU F 86 -19.91 -72.94 -18.37
CA GLU F 86 -19.07 -73.32 -17.24
C GLU F 86 -19.92 -73.81 -16.08
N LEU F 87 -21.19 -73.39 -16.05
CA LEU F 87 -22.12 -73.78 -15.00
C LEU F 87 -23.18 -74.70 -15.60
N SER F 88 -23.69 -74.33 -16.76
CA SER F 88 -24.59 -75.17 -17.56
C SER F 88 -25.97 -75.34 -16.94
N GLU F 89 -26.94 -75.72 -17.77
CA GLU F 89 -28.28 -76.07 -17.30
C GLU F 89 -28.19 -77.22 -16.30
N SER F 90 -27.27 -78.14 -16.54
CA SER F 90 -26.99 -79.24 -15.63
C SER F 90 -26.07 -78.76 -14.51
N CYS F 91 -26.66 -78.03 -13.57
CA CYS F 91 -25.95 -77.51 -12.41
C CYS F 91 -26.59 -78.08 -11.15
N THR F 92 -25.84 -78.91 -10.44
CA THR F 92 -26.41 -79.75 -9.39
C THR F 92 -26.40 -79.12 -8.00
N TRP F 93 -25.85 -77.91 -7.88
CA TRP F 93 -25.78 -77.24 -6.57
C TRP F 93 -26.62 -75.96 -6.53
N PHE F 94 -27.34 -75.68 -7.60
CA PHE F 94 -28.22 -74.52 -7.65
C PHE F 94 -29.66 -74.99 -7.86
N PRO F 95 -30.60 -74.52 -7.01
CA PRO F 95 -31.99 -74.98 -7.16
C PRO F 95 -32.61 -74.63 -8.51
N GLU F 96 -33.58 -75.44 -8.94
CA GLU F 96 -34.33 -75.18 -10.16
C GLU F 96 -35.00 -73.81 -10.07
N SER F 97 -34.65 -72.91 -10.97
CA SER F 97 -35.14 -71.53 -10.90
C SER F 97 -35.65 -71.04 -12.25
N TYR F 98 -36.55 -70.05 -12.20
CA TYR F 98 -37.11 -69.43 -13.39
C TYR F 98 -37.36 -67.94 -13.15
N VAL F 99 -37.16 -67.13 -14.19
CA VAL F 99 -37.37 -65.69 -14.10
C VAL F 99 -38.76 -65.32 -14.62
N ILE F 100 -39.53 -64.64 -13.79
CA ILE F 100 -40.91 -64.27 -14.12
C ILE F 100 -41.11 -62.76 -14.01
N TYR F 101 -41.82 -62.20 -14.99
CA TYR F 101 -42.15 -60.77 -14.98
C TYR F 101 -43.63 -60.55 -14.68
N PRO F 102 -43.94 -59.56 -13.82
CA PRO F 102 -45.37 -59.27 -13.54
C PRO F 102 -46.08 -58.60 -14.72
N THR F 103 -47.39 -58.80 -14.81
CA THR F 103 -48.20 -58.20 -15.86
C THR F 103 -47.75 -58.69 -17.24
N ASP F 126 -38.68 -63.59 -20.17
CA ASP F 126 -39.55 -64.24 -19.20
C ASP F 126 -39.58 -65.76 -19.44
N GLU F 127 -39.85 -66.51 -18.37
CA GLU F 127 -39.85 -67.97 -18.44
C GLU F 127 -41.11 -68.56 -17.79
N ARG F 128 -42.21 -67.83 -17.85
CA ARG F 128 -43.48 -68.28 -17.29
C ARG F 128 -43.92 -69.59 -17.94
N GLU F 129 -43.83 -69.63 -19.26
CA GLU F 129 -44.27 -70.81 -20.02
C GLU F 129 -43.41 -72.02 -19.66
N VAL F 130 -42.13 -71.77 -19.43
CA VAL F 130 -41.17 -72.85 -19.18
C VAL F 130 -41.31 -73.38 -17.76
N PHE F 131 -41.65 -72.48 -16.85
CA PHE F 131 -41.87 -72.86 -15.44
C PHE F 131 -43.09 -73.76 -15.30
N LEU F 132 -44.16 -73.41 -15.99
CA LEU F 132 -45.38 -74.20 -15.95
C LEU F 132 -45.18 -75.56 -16.62
N ALA F 133 -44.38 -75.57 -17.69
CA ALA F 133 -44.10 -76.81 -18.42
C ALA F 133 -43.46 -77.85 -17.51
N ALA F 134 -42.58 -77.39 -16.63
CA ALA F 134 -41.91 -78.27 -15.68
C ALA F 134 -42.78 -78.49 -14.45
N TYR F 135 -43.58 -77.49 -14.08
CA TYR F 135 -44.45 -77.58 -12.91
C TYR F 135 -45.51 -78.67 -13.09
N ASN F 136 -46.11 -78.75 -14.27
CA ASN F 136 -47.08 -79.79 -14.57
C ASN F 136 -46.44 -81.17 -14.47
N ARG F 137 -45.15 -81.23 -14.80
CA ARG F 137 -44.38 -82.46 -14.67
C ARG F 137 -44.28 -82.90 -13.22
N ARG F 138 -44.15 -81.93 -12.31
CA ARG F 138 -43.97 -82.20 -10.90
C ARG F 138 -45.20 -82.87 -10.28
N ARG F 139 -46.36 -82.26 -10.48
CA ARG F 139 -47.60 -82.75 -9.87
C ARG F 139 -47.90 -84.18 -10.27
N GLU F 140 -47.60 -84.52 -11.52
CA GLU F 140 -47.86 -85.87 -12.04
C GLU F 140 -46.56 -86.64 -12.24
N GLY F 144 -43.28 -84.07 -4.46
CA GLY F 144 -43.12 -82.74 -3.89
C GLY F 144 -43.09 -81.67 -4.97
N ASN F 145 -43.96 -80.67 -4.82
CA ASN F 145 -44.07 -79.58 -5.80
C ASN F 145 -44.23 -78.23 -5.12
N VAL F 146 -43.41 -77.98 -4.11
CA VAL F 146 -43.40 -76.70 -3.40
C VAL F 146 -42.33 -75.78 -3.99
N TRP F 147 -42.66 -74.50 -4.11
CA TRP F 147 -41.75 -73.51 -4.69
C TRP F 147 -41.71 -72.24 -3.84
N ILE F 148 -40.91 -71.28 -4.27
CA ILE F 148 -40.76 -70.02 -3.55
C ILE F 148 -40.54 -68.87 -4.54
N ALA F 149 -41.26 -67.77 -4.32
CA ALA F 149 -41.15 -66.59 -5.18
C ALA F 149 -40.39 -65.49 -4.46
N LYS F 150 -39.27 -65.07 -5.04
CA LYS F 150 -38.41 -64.04 -4.46
C LYS F 150 -38.23 -62.86 -5.42
N SER F 151 -38.30 -61.65 -4.87
CA SER F 151 -38.21 -60.43 -5.67
C SER F 151 -36.77 -60.13 -6.08
N GLY F 159 -40.40 -59.20 0.47
CA GLY F 159 -41.61 -59.98 0.62
C GLY F 159 -41.55 -61.26 -0.16
N ILE F 160 -41.78 -62.38 0.54
CA ILE F 160 -41.67 -63.72 -0.05
C ILE F 160 -42.98 -64.48 0.11
N LEU F 161 -43.25 -65.40 -0.82
CA LEU F 161 -44.43 -66.25 -0.73
C LEU F 161 -44.09 -67.70 -1.09
N ILE F 162 -44.25 -68.58 -0.11
CA ILE F 162 -44.04 -70.01 -0.31
C ILE F 162 -45.39 -70.71 -0.51
N SER F 163 -45.51 -71.47 -1.59
CA SER F 163 -46.77 -72.13 -1.90
C SER F 163 -46.62 -73.25 -2.94
N SER F 164 -47.50 -74.24 -2.85
CA SER F 164 -47.53 -75.33 -3.82
C SER F 164 -48.42 -74.97 -5.01
N GLU F 165 -49.30 -73.99 -4.80
CA GLU F 165 -50.17 -73.48 -5.85
C GLU F 165 -49.43 -72.52 -6.77
N ALA F 166 -49.15 -72.97 -7.99
CA ALA F 166 -48.48 -72.13 -8.98
C ALA F 166 -49.32 -70.90 -9.28
N SER F 167 -50.63 -71.09 -9.38
CA SER F 167 -51.55 -70.01 -9.69
C SER F 167 -51.49 -68.90 -8.65
N GLU F 168 -51.22 -69.27 -7.41
CA GLU F 168 -51.12 -68.30 -6.31
C GLU F 168 -49.81 -67.53 -6.39
N LEU F 169 -48.73 -68.24 -6.70
CA LEU F 169 -47.41 -67.61 -6.83
C LEU F 169 -47.42 -66.56 -7.93
N LEU F 170 -47.96 -66.94 -9.09
CA LEU F 170 -48.04 -66.04 -10.24
C LEU F 170 -48.86 -64.79 -9.92
N ASP F 171 -49.91 -64.95 -9.12
CA ASP F 171 -50.73 -63.82 -8.71
C ASP F 171 -49.95 -62.88 -7.80
N PHE F 172 -49.19 -63.46 -6.87
CA PHE F 172 -48.38 -62.69 -5.93
C PHE F 172 -47.36 -61.82 -6.64
N ILE F 173 -46.77 -62.35 -7.71
CA ILE F 173 -45.77 -61.63 -8.49
C ILE F 173 -46.38 -60.40 -9.15
N ASP F 174 -47.51 -60.59 -9.81
CA ASP F 174 -48.17 -59.52 -10.56
C ASP F 174 -48.55 -58.34 -9.66
N GLU F 175 -49.08 -58.66 -8.48
CA GLU F 175 -49.52 -57.64 -7.53
C GLU F 175 -48.52 -57.48 -6.40
N VAL F 179 -40.32 -57.72 -10.89
CA VAL F 179 -39.62 -58.88 -11.42
C VAL F 179 -39.16 -59.79 -10.29
N HIS F 180 -39.61 -61.05 -10.33
CA HIS F 180 -39.29 -62.04 -9.31
C HIS F 180 -38.58 -63.25 -9.90
N VAL F 181 -38.16 -64.16 -9.03
CA VAL F 181 -37.66 -65.47 -9.44
C VAL F 181 -38.46 -66.55 -8.73
N ILE F 182 -38.90 -67.56 -9.48
CA ILE F 182 -39.56 -68.73 -8.91
C ILE F 182 -38.53 -69.84 -8.80
N GLN F 183 -38.34 -70.32 -7.57
CA GLN F 183 -37.31 -71.29 -7.27
C GLN F 183 -37.89 -72.50 -6.53
N LYS F 184 -37.28 -73.66 -6.71
CA LYS F 184 -37.70 -74.86 -6.00
C LYS F 184 -37.38 -74.73 -4.51
N TYR F 185 -38.40 -74.90 -3.67
CA TYR F 185 -38.21 -74.83 -2.23
C TYR F 185 -37.65 -76.16 -1.73
N LEU F 186 -36.67 -76.07 -0.84
CA LEU F 186 -36.01 -77.23 -0.28
C LEU F 186 -36.89 -77.84 0.80
N GLU F 187 -37.71 -78.81 0.40
CA GLU F 187 -38.71 -79.41 1.28
C GLU F 187 -38.06 -80.19 2.43
N LYS F 188 -36.89 -80.74 2.18
CA LYS F 188 -36.21 -81.60 3.16
C LYS F 188 -34.86 -81.03 3.60
N PRO F 189 -34.89 -79.93 4.36
CA PRO F 189 -33.66 -79.31 4.86
C PRO F 189 -33.01 -80.08 5.99
N LEU F 190 -31.72 -79.89 6.19
CA LEU F 190 -31.04 -80.44 7.36
C LEU F 190 -31.57 -79.70 8.58
N LEU F 191 -32.02 -80.45 9.57
CA LEU F 191 -32.60 -79.86 10.78
C LEU F 191 -31.67 -80.06 11.96
N LEU F 192 -31.45 -78.97 12.69
CA LEU F 192 -30.54 -78.95 13.83
C LEU F 192 -31.28 -79.33 15.11
N GLU F 193 -30.68 -80.22 15.90
CA GLU F 193 -31.29 -80.68 17.14
C GLU F 193 -30.40 -80.31 18.33
N PRO F 194 -31.00 -79.97 19.48
CA PRO F 194 -32.44 -79.95 19.75
C PRO F 194 -33.14 -78.72 19.16
N GLY F 195 -34.38 -78.90 18.71
CA GLY F 195 -35.16 -77.81 18.16
C GLY F 195 -35.92 -78.20 16.90
N HIS F 196 -35.35 -79.13 16.14
CA HIS F 196 -35.93 -79.53 14.86
C HIS F 196 -36.08 -78.30 13.97
N ARG F 197 -35.00 -77.54 13.86
CA ARG F 197 -35.03 -76.22 13.21
C ARG F 197 -34.06 -76.11 12.04
N LYS F 198 -34.40 -75.28 11.08
CA LYS F 198 -33.59 -75.11 9.88
C LYS F 198 -32.58 -73.98 10.04
N PHE F 199 -31.79 -73.74 8.99
CA PHE F 199 -30.72 -72.75 9.03
C PHE F 199 -30.12 -72.55 7.64
N ASP F 200 -29.37 -71.46 7.47
CA ASP F 200 -28.57 -71.26 6.28
C ASP F 200 -27.16 -70.83 6.70
N ILE F 201 -26.18 -71.04 5.81
CA ILE F 201 -24.78 -70.72 6.08
C ILE F 201 -24.30 -69.52 5.25
N ARG F 202 -23.69 -68.56 5.92
CA ARG F 202 -23.12 -67.39 5.26
C ARG F 202 -21.59 -67.48 5.25
N SER F 203 -21.02 -67.50 4.05
CA SER F 203 -19.58 -67.51 3.88
C SER F 203 -19.10 -66.19 3.29
N TRP F 204 -18.05 -65.62 3.88
CA TRP F 204 -17.49 -64.36 3.43
C TRP F 204 -16.26 -64.59 2.55
N VAL F 205 -16.34 -64.11 1.31
CA VAL F 205 -15.29 -64.31 0.32
C VAL F 205 -14.70 -62.97 -0.13
N LEU F 206 -13.38 -62.86 -0.06
CA LEU F 206 -12.67 -61.66 -0.49
C LEU F 206 -11.85 -61.92 -1.76
N VAL F 207 -12.15 -61.16 -2.81
CA VAL F 207 -11.40 -61.26 -4.06
C VAL F 207 -10.53 -60.02 -4.22
N ASP F 208 -9.21 -60.21 -4.32
CA ASP F 208 -8.29 -59.07 -4.43
C ASP F 208 -8.08 -58.66 -5.89
N HIS F 209 -7.12 -57.75 -6.11
CA HIS F 209 -6.88 -57.18 -7.43
C HIS F 209 -6.25 -58.17 -8.39
N LEU F 210 -5.68 -59.24 -7.85
CA LEU F 210 -5.09 -60.30 -8.67
C LEU F 210 -6.08 -61.44 -8.92
N TYR F 211 -7.30 -61.26 -8.44
CA TYR F 211 -8.35 -62.27 -8.52
C TYR F 211 -7.99 -63.55 -7.76
N ASN F 212 -7.20 -63.40 -6.70
CA ASN F 212 -7.07 -64.45 -5.71
C ASN F 212 -8.39 -64.56 -4.95
N ILE F 213 -8.89 -65.79 -4.81
CA ILE F 213 -10.14 -66.03 -4.08
C ILE F 213 -9.82 -66.41 -2.64
N TYR F 214 -10.24 -65.58 -1.69
CA TYR F 214 -9.98 -65.82 -0.27
C TYR F 214 -11.27 -66.09 0.50
N LEU F 215 -11.39 -67.31 1.01
CA LEU F 215 -12.52 -67.68 1.87
C LEU F 215 -12.17 -67.43 3.34
N TYR F 216 -13.02 -66.67 4.02
CA TYR F 216 -12.82 -66.36 5.43
C TYR F 216 -12.95 -67.64 6.26
N ARG F 217 -12.05 -67.82 7.22
CA ARG F 217 -12.09 -68.95 8.15
C ARG F 217 -13.46 -69.14 8.78
N GLU F 218 -14.03 -68.03 9.26
CA GLU F 218 -15.29 -68.07 9.99
C GLU F 218 -16.50 -67.88 9.09
N GLY F 219 -17.53 -68.70 9.31
CA GLY F 219 -18.83 -68.50 8.72
C GLY F 219 -19.85 -68.44 9.85
N VAL F 220 -21.13 -68.34 9.52
CA VAL F 220 -22.18 -68.29 10.53
CA VAL F 220 -22.17 -68.31 10.53
C VAL F 220 -23.42 -69.03 10.05
N LEU F 221 -24.14 -69.64 10.99
CA LEU F 221 -25.42 -70.27 10.69
C LEU F 221 -26.54 -69.41 11.21
N ARG F 222 -27.28 -68.77 10.30
CA ARG F 222 -28.49 -68.06 10.68
C ARG F 222 -29.58 -69.09 10.93
N THR F 223 -29.87 -69.35 12.20
CA THR F 223 -30.79 -70.41 12.59
C THR F 223 -32.21 -69.90 12.78
N SER F 224 -33.18 -70.78 12.56
CA SER F 224 -34.55 -70.54 12.96
C SER F 224 -34.71 -71.05 14.39
N SER F 225 -35.37 -70.29 15.25
CA SER F 225 -35.58 -70.69 16.64
C SER F 225 -36.85 -71.51 16.79
N GLU F 226 -37.60 -71.65 15.70
CA GLU F 226 -38.87 -72.37 15.71
C GLU F 226 -38.71 -73.76 15.12
N PRO F 227 -39.44 -74.76 15.68
CA PRO F 227 -39.45 -76.08 15.04
C PRO F 227 -39.94 -76.01 13.60
N TYR F 228 -39.16 -76.55 12.67
CA TYR F 228 -39.52 -76.54 11.26
C TYR F 228 -40.84 -77.28 11.04
N ASN F 229 -41.84 -76.56 10.53
CA ASN F 229 -43.18 -77.10 10.34
C ASN F 229 -43.43 -77.38 8.86
N SER F 230 -43.59 -78.65 8.53
CA SER F 230 -43.79 -79.08 7.14
C SER F 230 -45.06 -78.48 6.53
N ALA F 231 -46.12 -78.41 7.34
CA ALA F 231 -47.40 -77.88 6.89
C ALA F 231 -47.79 -76.64 7.70
N THR F 237 -42.23 -67.61 9.70
CA THR F 237 -41.19 -67.34 10.67
C THR F 237 -40.26 -68.54 10.86
N CYS F 238 -40.81 -69.73 10.67
CA CYS F 238 -40.05 -70.97 10.87
C CYS F 238 -39.44 -71.49 9.56
N HIS F 239 -39.86 -70.89 8.45
CA HIS F 239 -39.34 -71.25 7.13
C HIS F 239 -38.25 -70.26 6.69
N LEU F 240 -38.39 -69.01 7.11
CA LEU F 240 -37.43 -67.96 6.77
C LEU F 240 -36.44 -67.74 7.92
N THR F 241 -35.17 -68.02 7.64
CA THR F 241 -34.11 -67.93 8.64
C THR F 241 -33.55 -66.52 8.76
N ASN F 242 -34.24 -65.55 8.18
CA ASN F 242 -33.81 -64.16 8.22
C ASN F 242 -33.75 -63.64 9.66
N HIS F 243 -32.64 -62.98 10.00
CA HIS F 243 -32.42 -62.48 11.35
C HIS F 243 -33.45 -61.42 11.75
N CYS F 244 -33.96 -60.68 10.77
CA CYS F 244 -34.96 -59.64 11.01
C CYS F 244 -36.34 -60.26 11.25
N ILE F 245 -36.67 -61.28 10.46
CA ILE F 245 -37.95 -61.97 10.59
C ILE F 245 -37.99 -62.80 11.87
N GLN F 246 -36.83 -63.31 12.28
CA GLN F 246 -36.73 -64.08 13.51
C GLN F 246 -36.93 -63.19 14.74
N LYS F 247 -36.23 -62.07 14.79
CA LYS F 247 -36.32 -61.17 15.94
C LYS F 247 -37.73 -60.59 16.13
N GLU F 248 -38.48 -60.48 15.04
CA GLU F 248 -39.78 -59.82 15.06
C GLU F 248 -40.95 -60.77 15.32
N TYR F 249 -40.88 -61.98 14.76
CA TYR F 249 -42.02 -62.90 14.78
C TYR F 249 -41.80 -64.17 15.60
N SER F 250 -40.62 -64.34 16.19
CA SER F 250 -40.31 -65.56 16.95
C SER F 250 -40.30 -65.32 18.46
N LYS F 251 -41.04 -66.16 19.17
CA LYS F 251 -41.07 -66.14 20.63
C LYS F 251 -39.79 -66.73 21.22
N ASN F 252 -39.18 -67.64 20.46
CA ASN F 252 -38.05 -68.43 20.95
C ASN F 252 -36.69 -67.88 20.54
N TYR F 253 -36.64 -66.61 20.18
CA TYR F 253 -35.42 -65.98 19.68
C TYR F 253 -34.30 -65.90 20.73
N GLY F 254 -33.26 -66.70 20.53
CA GLY F 254 -32.04 -66.59 21.32
C GLY F 254 -31.90 -67.56 22.48
N ARG F 255 -32.65 -68.65 22.45
CA ARG F 255 -32.60 -69.65 23.53
C ARG F 255 -31.48 -70.67 23.31
N TYR F 256 -31.33 -71.10 22.05
CA TYR F 256 -30.33 -72.12 21.71
C TYR F 256 -28.95 -71.49 21.54
N GLU F 257 -28.89 -70.33 20.90
CA GLU F 257 -27.63 -69.62 20.69
C GLU F 257 -27.84 -68.11 20.58
N GLU F 258 -26.76 -67.36 20.77
CA GLU F 258 -26.80 -65.89 20.73
C GLU F 258 -27.38 -65.34 19.44
N GLY F 259 -28.56 -64.72 19.54
CA GLY F 259 -29.18 -64.07 18.41
C GLY F 259 -29.46 -64.99 17.24
N ASN F 260 -29.77 -66.24 17.52
CA ASN F 260 -30.01 -67.25 16.49
C ASN F 260 -28.82 -67.40 15.53
N GLU F 261 -27.61 -67.36 16.10
CA GLU F 261 -26.39 -67.48 15.31
C GLU F 261 -25.45 -68.54 15.89
N MET F 262 -25.28 -69.63 15.15
CA MET F 262 -24.31 -70.67 15.49
C MET F 262 -23.08 -70.53 14.60
N PHE F 263 -21.91 -70.54 15.22
CA PHE F 263 -20.65 -70.40 14.50
C PHE F 263 -20.07 -71.79 14.19
N PHE F 264 -18.94 -71.82 13.49
CA PHE F 264 -18.43 -73.05 12.91
C PHE F 264 -17.90 -74.06 13.93
N GLU F 265 -17.30 -73.58 15.02
CA GLU F 265 -16.73 -74.49 16.01
C GLU F 265 -17.84 -75.36 16.62
N GLU F 266 -18.95 -74.72 16.98
CA GLU F 266 -20.09 -75.42 17.54
C GLU F 266 -20.75 -76.31 16.50
N PHE F 267 -20.95 -75.77 15.30
CA PHE F 267 -21.59 -76.53 14.23
C PHE F 267 -20.73 -77.72 13.82
N ASN F 268 -19.42 -77.52 13.81
CA ASN F 268 -18.51 -78.61 13.51
C ASN F 268 -18.62 -79.71 14.55
N GLN F 269 -18.66 -79.33 15.82
CA GLN F 269 -18.77 -80.27 16.91
C GLN F 269 -20.05 -81.09 16.82
N TYR F 270 -21.17 -80.41 16.58
CA TYR F 270 -22.46 -81.08 16.44
C TYR F 270 -22.43 -82.13 15.35
N LEU F 271 -21.79 -81.80 14.24
CA LEU F 271 -21.72 -82.68 13.08
CA LEU F 271 -21.72 -82.69 13.10
C LEU F 271 -20.90 -83.94 13.42
N MET F 272 -19.90 -83.79 14.27
CA MET F 272 -19.09 -84.93 14.69
C MET F 272 -19.89 -85.80 15.65
N ASP F 273 -20.57 -85.15 16.59
CA ASP F 273 -21.34 -85.85 17.61
C ASP F 273 -22.56 -86.53 17.00
N ALA F 274 -23.35 -85.78 16.25
CA ALA F 274 -24.64 -86.28 15.76
C ALA F 274 -24.52 -87.15 14.52
N LEU F 275 -23.62 -86.79 13.60
CA LEU F 275 -23.56 -87.42 12.29
C LEU F 275 -22.21 -88.09 11.98
N ASN F 276 -21.27 -87.99 12.91
CA ASN F 276 -19.96 -88.64 12.75
C ASN F 276 -19.23 -88.16 11.49
N THR F 277 -19.17 -86.85 11.31
CA THR F 277 -18.44 -86.26 10.21
C THR F 277 -17.97 -84.86 10.61
N THR F 278 -17.29 -84.18 9.69
CA THR F 278 -16.78 -82.84 9.95
C THR F 278 -17.42 -81.82 9.01
N LEU F 279 -17.32 -80.56 9.39
CA LEU F 279 -17.80 -79.46 8.56
C LEU F 279 -17.00 -79.41 7.26
N GLU F 280 -15.70 -79.65 7.38
CA GLU F 280 -14.80 -79.63 6.24
C GLU F 280 -15.24 -80.59 5.14
N ASN F 281 -15.48 -81.83 5.51
CA ASN F 281 -15.80 -82.87 4.52
C ASN F 281 -17.23 -82.81 4.02
N SER F 282 -18.19 -82.73 4.93
CA SER F 282 -19.60 -82.83 4.56
C SER F 282 -20.13 -81.62 3.80
N ILE F 283 -19.55 -80.44 4.07
CA ILE F 283 -20.12 -79.18 3.57
C ILE F 283 -19.10 -78.26 2.88
N LEU F 284 -18.00 -77.94 3.55
CA LEU F 284 -17.09 -76.91 3.05
C LEU F 284 -16.46 -77.23 1.68
N LEU F 285 -16.22 -78.50 1.41
CA LEU F 285 -15.70 -78.89 0.10
C LEU F 285 -16.64 -78.43 -1.00
N GLN F 286 -17.94 -78.59 -0.78
CA GLN F 286 -18.94 -78.15 -1.73
C GLN F 286 -19.03 -76.63 -1.78
N ILE F 287 -18.86 -75.99 -0.62
CA ILE F 287 -18.94 -74.54 -0.56
C ILE F 287 -17.77 -73.93 -1.34
N LYS F 288 -16.57 -74.47 -1.12
CA LYS F 288 -15.39 -73.98 -1.81
C LYS F 288 -15.49 -74.23 -3.31
N HIS F 289 -16.13 -75.33 -3.68
CA HIS F 289 -16.34 -75.64 -5.08
C HIS F 289 -17.29 -74.65 -5.74
N ILE F 290 -18.38 -74.33 -5.05
CA ILE F 290 -19.39 -73.41 -5.57
C ILE F 290 -18.83 -72.00 -5.71
N ILE F 291 -18.10 -71.55 -4.70
CA ILE F 291 -17.50 -70.21 -4.71
C ILE F 291 -16.55 -70.05 -5.88
N ARG F 292 -15.68 -71.05 -6.07
CA ARG F 292 -14.74 -71.03 -7.17
C ARG F 292 -15.45 -71.02 -8.52
N SER F 293 -16.43 -71.90 -8.68
CA SER F 293 -17.16 -72.03 -9.94
C SER F 293 -17.81 -70.72 -10.36
N CYS F 294 -18.43 -70.04 -9.41
CA CYS F 294 -19.15 -68.79 -9.69
C CYS F 294 -18.19 -67.66 -10.08
N LEU F 295 -17.12 -67.50 -9.31
CA LEU F 295 -16.21 -66.38 -9.50
C LEU F 295 -15.25 -66.60 -10.66
N MET F 296 -14.90 -67.86 -10.94
CA MET F 296 -14.03 -68.15 -12.08
C MET F 296 -14.83 -68.06 -13.37
N CYS F 297 -16.14 -68.26 -13.28
CA CYS F 297 -17.03 -68.12 -14.44
C CYS F 297 -17.09 -66.68 -14.91
N ILE F 298 -17.06 -65.75 -13.96
CA ILE F 298 -17.30 -64.35 -14.25
C ILE F 298 -15.98 -63.57 -14.41
N GLU F 299 -14.85 -64.23 -14.14
CA GLU F 299 -13.56 -63.56 -14.10
C GLU F 299 -13.18 -62.80 -15.37
N PRO F 300 -13.42 -63.39 -16.55
CA PRO F 300 -13.02 -62.70 -17.78
C PRO F 300 -13.75 -61.37 -17.98
N ALA F 301 -14.92 -61.24 -17.37
CA ALA F 301 -15.77 -60.08 -17.61
C ALA F 301 -15.50 -58.93 -16.64
N ILE F 302 -14.98 -59.24 -15.46
CA ILE F 302 -14.86 -58.24 -14.41
C ILE F 302 -13.43 -58.02 -13.94
N SER F 303 -12.52 -58.90 -14.36
CA SER F 303 -11.12 -58.80 -13.93
C SER F 303 -10.50 -57.45 -14.30
N THR F 304 -9.69 -56.92 -13.38
CA THR F 304 -9.02 -55.64 -13.57
C THR F 304 -7.52 -55.83 -13.66
N LYS F 305 -7.10 -56.97 -14.22
CA LYS F 305 -5.69 -57.32 -14.27
C LYS F 305 -4.89 -56.38 -15.16
N HIS F 306 -5.45 -56.01 -16.31
CA HIS F 306 -4.77 -55.13 -17.25
C HIS F 306 -5.47 -53.78 -17.36
N LEU F 307 -6.32 -53.47 -16.39
CA LEU F 307 -7.08 -52.22 -16.40
C LEU F 307 -6.27 -51.07 -15.84
N HIS F 308 -6.77 -49.85 -16.04
CA HIS F 308 -6.10 -48.63 -15.59
C HIS F 308 -6.44 -48.32 -14.12
N TYR F 309 -7.44 -49.03 -13.59
CA TYR F 309 -7.70 -49.03 -12.15
C TYR F 309 -7.85 -50.48 -11.69
N GLN F 310 -7.88 -50.68 -10.38
CA GLN F 310 -7.94 -52.02 -9.82
C GLN F 310 -9.12 -52.17 -8.87
N SER F 311 -9.61 -53.40 -8.73
CA SER F 311 -10.76 -53.67 -7.90
C SER F 311 -10.51 -54.84 -6.95
N PHE F 312 -11.12 -54.73 -5.77
CA PHE F 312 -11.30 -55.89 -4.90
C PHE F 312 -12.75 -55.83 -4.44
N GLN F 313 -13.24 -56.88 -3.80
CA GLN F 313 -14.61 -56.87 -3.30
C GLN F 313 -14.86 -57.99 -2.30
N LEU F 314 -15.67 -57.68 -1.29
CA LEU F 314 -16.12 -58.66 -0.31
C LEU F 314 -17.49 -59.18 -0.71
N PHE F 315 -17.61 -60.50 -0.82
CA PHE F 315 -18.88 -61.15 -1.14
C PHE F 315 -19.41 -61.93 0.05
N GLY F 316 -20.72 -62.14 0.07
CA GLY F 316 -21.36 -62.99 1.05
C GLY F 316 -22.15 -64.07 0.33
N PHE F 317 -21.68 -65.30 0.44
CA PHE F 317 -22.36 -66.45 -0.16
C PHE F 317 -23.26 -67.12 0.85
N ASP F 318 -24.53 -67.31 0.49
CA ASP F 318 -25.52 -67.92 1.38
C ASP F 318 -25.91 -69.32 0.91
N PHE F 319 -25.77 -70.30 1.81
CA PHE F 319 -26.02 -71.70 1.47
C PHE F 319 -27.07 -72.37 2.36
N MET F 320 -27.87 -73.25 1.76
CA MET F 320 -28.70 -74.20 2.49
C MET F 320 -28.05 -75.58 2.39
N VAL F 321 -28.40 -76.49 3.29
CA VAL F 321 -27.95 -77.87 3.18
C VAL F 321 -29.12 -78.79 3.54
N ASP F 322 -29.27 -79.87 2.77
CA ASP F 322 -30.39 -80.78 2.96
C ASP F 322 -30.03 -81.95 3.88
N GLU F 323 -30.97 -82.88 4.05
CA GLU F 323 -30.77 -84.06 4.89
C GLU F 323 -29.54 -84.86 4.48
N GLU F 324 -29.28 -84.91 3.18
CA GLU F 324 -28.21 -85.73 2.63
C GLU F 324 -26.85 -85.04 2.74
N LEU F 325 -26.79 -83.95 3.50
CA LEU F 325 -25.58 -83.14 3.60
C LEU F 325 -25.10 -82.73 2.22
N LYS F 326 -26.03 -82.24 1.41
CA LYS F 326 -25.75 -81.70 0.09
C LYS F 326 -25.93 -80.19 0.11
N VAL F 327 -24.88 -79.46 -0.26
CA VAL F 327 -24.89 -78.00 -0.20
C VAL F 327 -25.55 -77.39 -1.43
N TRP F 328 -26.37 -76.36 -1.19
CA TRP F 328 -27.03 -75.63 -2.28
C TRP F 328 -26.73 -74.14 -2.15
N LEU F 329 -26.70 -73.45 -3.28
CA LEU F 329 -26.52 -72.00 -3.30
C LEU F 329 -27.86 -71.29 -3.37
N ILE F 330 -28.09 -70.36 -2.44
CA ILE F 330 -29.29 -69.54 -2.47
C ILE F 330 -29.04 -68.29 -3.30
N GLU F 331 -28.07 -67.49 -2.86
CA GLU F 331 -27.77 -66.22 -3.50
C GLU F 331 -26.38 -65.72 -3.12
N VAL F 332 -26.00 -64.58 -3.70
CA VAL F 332 -24.72 -63.94 -3.40
C VAL F 332 -24.96 -62.47 -3.07
N ASN F 333 -24.35 -62.00 -1.99
CA ASN F 333 -24.47 -60.60 -1.59
C ASN F 333 -23.22 -59.82 -1.95
N GLY F 334 -23.41 -58.72 -2.68
CA GLY F 334 -22.30 -57.90 -3.13
C GLY F 334 -21.85 -56.87 -2.09
N ALA F 335 -22.74 -56.57 -1.14
CA ALA F 335 -22.45 -55.63 -0.07
C ALA F 335 -22.91 -56.22 1.27
N PRO F 336 -22.24 -57.30 1.71
CA PRO F 336 -22.66 -58.02 2.91
C PRO F 336 -22.20 -57.37 4.20
N ALA F 337 -23.03 -57.46 5.24
CA ALA F 337 -22.61 -57.09 6.58
C ALA F 337 -21.85 -58.28 7.18
N CYS F 338 -21.44 -58.15 8.43
CA CYS F 338 -20.70 -59.22 9.10
C CYS F 338 -21.33 -59.53 10.45
N ALA F 339 -21.02 -60.68 11.00
CA ALA F 339 -21.45 -61.02 12.35
C ALA F 339 -20.67 -60.16 13.33
N GLN F 340 -21.32 -59.74 14.41
CA GLN F 340 -20.77 -58.73 15.30
C GLN F 340 -19.38 -59.09 15.83
N LYS F 341 -19.21 -60.32 16.28
CA LYS F 341 -17.94 -60.72 16.90
C LYS F 341 -16.84 -61.00 15.87
N LEU F 342 -17.19 -60.93 14.59
CA LEU F 342 -16.25 -61.26 13.52
C LEU F 342 -15.77 -60.02 12.76
N TYR F 343 -16.43 -58.89 12.98
CA TYR F 343 -16.08 -57.64 12.30
C TYR F 343 -14.60 -57.30 12.43
N ALA F 344 -14.08 -57.42 13.64
CA ALA F 344 -12.70 -57.05 13.93
C ALA F 344 -11.71 -57.85 13.08
N GLU F 345 -11.81 -59.17 13.13
CA GLU F 345 -10.86 -60.03 12.45
C GLU F 345 -11.00 -59.93 10.93
N LEU F 346 -12.23 -59.95 10.43
CA LEU F 346 -12.48 -59.89 9.00
C LEU F 346 -11.98 -58.57 8.39
N CYS F 347 -12.39 -57.46 9.00
CA CYS F 347 -12.03 -56.14 8.50
C CYS F 347 -10.52 -55.94 8.48
N GLN F 348 -9.84 -56.43 9.50
CA GLN F 348 -8.39 -56.38 9.54
C GLN F 348 -7.81 -57.21 8.40
N GLY F 349 -8.51 -58.29 8.05
CA GLY F 349 -8.09 -59.16 6.97
C GLY F 349 -8.21 -58.48 5.61
N ILE F 350 -9.28 -57.71 5.44
CA ILE F 350 -9.49 -56.95 4.21
C ILE F 350 -8.32 -55.99 4.00
N VAL F 351 -7.93 -55.31 5.07
CA VAL F 351 -6.85 -54.33 5.00
C VAL F 351 -5.53 -55.01 4.65
N ASP F 352 -5.25 -56.14 5.29
CA ASP F 352 -4.00 -56.86 5.07
C ASP F 352 -3.90 -57.41 3.65
N VAL F 353 -4.98 -58.03 3.18
CA VAL F 353 -4.94 -58.79 1.93
C VAL F 353 -5.28 -57.95 0.69
N ALA F 354 -6.29 -57.09 0.80
CA ALA F 354 -6.79 -56.35 -0.36
C ALA F 354 -6.17 -54.96 -0.51
N ILE F 355 -5.92 -54.30 0.61
CA ILE F 355 -5.49 -52.90 0.59
C ILE F 355 -3.98 -52.75 0.76
N SER F 356 -3.42 -53.33 1.82
CA SER F 356 -2.00 -53.21 2.09
C SER F 356 -1.16 -53.93 1.04
N SER F 357 -1.78 -54.88 0.33
CA SER F 357 -1.10 -55.59 -0.75
C SER F 357 -0.77 -54.64 -1.90
N VAL F 358 -1.64 -53.66 -2.10
CA VAL F 358 -1.47 -52.67 -3.16
C VAL F 358 -0.70 -51.46 -2.64
N PHE F 359 -0.97 -51.10 -1.39
CA PHE F 359 -0.36 -49.93 -0.75
C PHE F 359 0.33 -50.35 0.53
N PRO F 360 1.60 -50.80 0.43
CA PRO F 360 2.31 -51.36 1.60
C PRO F 360 2.56 -50.34 2.70
N LEU F 361 2.30 -50.75 3.95
CA LEU F 361 2.56 -49.90 5.11
C LEU F 361 4.04 -49.95 5.48
N ALA F 362 4.48 -48.95 6.25
CA ALA F 362 5.89 -48.86 6.65
C ALA F 362 6.09 -49.49 8.03
N SER F 373 -2.83 -66.81 8.62
CA SER F 373 -3.83 -66.05 7.87
C SER F 373 -5.25 -66.52 8.18
N ILE F 374 -6.19 -65.58 8.20
CA ILE F 374 -7.58 -65.88 8.49
C ILE F 374 -8.31 -66.39 7.25
N PHE F 375 -7.61 -66.40 6.12
CA PHE F 375 -8.22 -66.72 4.83
C PHE F 375 -7.73 -68.04 4.26
N ILE F 376 -8.64 -68.75 3.60
CA ILE F 376 -8.32 -69.96 2.87
C ILE F 376 -8.29 -69.63 1.38
N LYS F 377 -7.10 -69.71 0.78
CA LYS F 377 -6.94 -69.38 -0.63
C LYS F 377 -7.50 -70.49 -1.52
N LEU F 378 -8.61 -70.20 -2.19
CA LEU F 378 -9.21 -71.16 -3.11
C LEU F 378 -8.46 -71.16 -4.43
N HIS F 379 -7.44 -72.01 -4.52
CA HIS F 379 -6.56 -72.06 -5.67
C HIS F 379 -7.30 -72.48 -6.93
N HIS F 380 -6.89 -71.91 -8.07
CA HIS F 380 -7.54 -72.17 -9.34
C HIS F 380 -7.00 -73.43 -10.00
#